data_6DQW
#
_entry.id   6DQW
#
_cell.length_a   161.031
_cell.length_b   161.031
_cell.length_c   187.733
_cell.angle_alpha   90.000
_cell.angle_beta   90.000
_cell.angle_gamma   120.000
#
_symmetry.space_group_name_H-M   'P 61'
#
loop_
_entity.id
_entity.type
_entity.pdbx_description
1 polymer 'Ribonucleoside-diphosphate reductase, alpha chain'
2 water water
#
_entity_poly.entity_id   1
_entity_poly.type   'polypeptide(L)'
_entity_poly.pdbx_seq_one_letter_code
;MGSSHHHHHHSSGLVPRGSHMNTIDPNEVNSLPHNEAGTKMWWKNSESEQILNRGYLLKGETVEGAIDRICTAAARRLYK
PELKESFVEMIERGWMSISSPVWANMGTERGLPISCFNVHVPDKIEGITHKLGEVIMQTKIGGGTSGYFGELRERGSAVT
DNGKSSGAVSFMKLFDTAMDTISQGGVRRGAFAAYLDIDHPDIEEFLKIKSIGNPIQNLFTGICVPDYWMQEMIDGDADK
RQIWAKVLESRQQKGLPYIFFSDNVNKNKPQVYKDQNLRINASNLCSEIMLPSTHDESFICCLSSMNLELYEEWKDTEAV
KLAIFFLDAVLQEFIEKTEGNYYLSAANKFAKRHRALGLGVLGWHSYLQKNMIPFEGMEAKMKTTEIFKHISDKADKASQ
ELARIYGEPELLKGYGRRNTTTMAIAPTTSSSAILGQTSPGIEPFSSNYYKAGLSKGNFMRKNKYLKKLLEEKGLDNEEV
WRGIMLNGGSVQHMSQLTQQEKDVFKTFKEISQLEIVQQAGIRQKFVDQGQSLNLNIPAELAIKDVNRLMIEAWQQGVKS
LYYQRSQSVSKELVTSLVSCSSCES
;
_entity_poly.pdbx_strand_id   A,B,C,D
#
# COMPACT_ATOMS: atom_id res chain seq x y z
N THR A 39 -20.46 39.39 -28.01
CA THR A 39 -21.79 38.73 -28.16
C THR A 39 -21.68 37.25 -27.74
N LYS A 40 -22.64 36.80 -26.92
CA LYS A 40 -22.60 35.47 -26.33
C LYS A 40 -23.14 34.43 -27.31
N MET A 41 -22.35 33.37 -27.52
CA MET A 41 -22.67 32.20 -28.33
C MET A 41 -22.74 32.56 -29.83
N TRP A 42 -21.97 33.57 -30.24
CA TRP A 42 -21.91 34.01 -31.64
C TRP A 42 -21.47 32.83 -32.53
N TRP A 43 -20.65 31.94 -31.97
CA TRP A 43 -19.91 30.91 -32.72
C TRP A 43 -20.73 29.61 -32.87
N LYS A 44 -21.85 29.51 -32.15
CA LYS A 44 -22.71 28.32 -32.20
C LYS A 44 -23.67 28.43 -33.40
N ASN A 45 -23.58 27.45 -34.30
CA ASN A 45 -24.32 27.39 -35.55
C ASN A 45 -24.40 25.90 -35.95
N SER A 46 -24.77 25.64 -37.21
CA SER A 46 -24.97 24.28 -37.71
C SER A 46 -23.63 23.51 -37.75
N GLU A 47 -22.57 24.17 -38.23
CA GLU A 47 -21.27 23.51 -38.42
C GLU A 47 -20.65 23.18 -37.05
N SER A 48 -20.71 24.13 -36.11
CA SER A 48 -20.08 23.95 -34.81
C SER A 48 -20.93 23.01 -33.94
N GLU A 49 -22.23 22.89 -34.21
CA GLU A 49 -23.09 21.93 -33.49
C GLU A 49 -22.87 20.50 -33.99
N GLN A 50 -22.50 20.35 -35.27
CA GLN A 50 -22.22 19.02 -35.85
C GLN A 50 -20.97 18.44 -35.17
N ILE A 51 -19.96 19.29 -34.98
CA ILE A 51 -18.70 18.92 -34.34
C ILE A 51 -18.97 18.54 -32.87
N LEU A 52 -19.74 19.38 -32.18
CA LEU A 52 -20.01 19.17 -30.76
C LEU A 52 -20.87 17.91 -30.53
N ASN A 53 -21.62 17.49 -31.55
CA ASN A 53 -22.47 16.31 -31.44
C ASN A 53 -21.68 15.02 -31.64
N ARG A 54 -20.35 15.07 -31.80
CA ARG A 54 -19.55 13.82 -31.81
C ARG A 54 -18.73 13.71 -30.52
N GLY A 55 -19.44 13.72 -29.39
CA GLY A 55 -18.90 13.25 -28.12
C GLY A 55 -18.64 14.36 -27.11
N TYR A 56 -18.79 15.63 -27.51
CA TYR A 56 -18.52 16.76 -26.64
C TYR A 56 -19.66 16.93 -25.61
N LEU A 57 -20.89 16.71 -26.07
CA LEU A 57 -22.07 16.88 -25.25
C LEU A 57 -22.54 15.51 -24.76
N LEU A 58 -23.02 15.47 -23.51
CA LEU A 58 -23.67 14.25 -22.99
C LEU A 58 -25.03 14.11 -23.68
N LYS A 59 -25.69 12.97 -23.49
CA LYS A 59 -26.95 12.70 -24.14
C LYS A 59 -27.99 13.70 -23.62
N GLY A 60 -28.69 14.35 -24.57
CA GLY A 60 -29.81 15.24 -24.29
C GLY A 60 -29.35 16.59 -23.76
N GLU A 61 -28.07 16.92 -23.95
CA GLU A 61 -27.48 18.13 -23.43
C GLU A 61 -27.44 19.20 -24.53
N THR A 62 -27.66 20.47 -24.15
CA THR A 62 -27.46 21.63 -25.00
C THR A 62 -26.04 22.16 -24.78
N VAL A 63 -25.55 22.97 -25.72
CA VAL A 63 -24.22 23.54 -25.64
C VAL A 63 -24.14 24.43 -24.40
N GLU A 64 -25.19 25.24 -24.17
CA GLU A 64 -25.24 26.13 -23.03
C GLU A 64 -25.14 25.32 -21.73
N GLY A 65 -25.87 24.20 -21.66
CA GLY A 65 -25.90 23.34 -20.48
C GLY A 65 -24.55 22.69 -20.19
N ALA A 66 -23.84 22.30 -21.24
CA ALA A 66 -22.53 21.70 -21.13
C ALA A 66 -21.51 22.72 -20.57
N ILE A 67 -21.56 23.96 -21.08
CA ILE A 67 -20.63 24.99 -20.63
C ILE A 67 -20.84 25.19 -19.12
N ASP A 68 -22.11 25.14 -18.69
CA ASP A 68 -22.52 25.36 -17.33
C ASP A 68 -21.99 24.22 -16.45
N ARG A 69 -22.15 22.97 -16.90
CA ARG A 69 -21.64 21.81 -16.17
C ARG A 69 -20.12 21.97 -16.01
N ILE A 70 -19.44 22.37 -17.09
CA ILE A 70 -17.99 22.47 -17.11
C ILE A 70 -17.54 23.54 -16.09
N CYS A 71 -18.13 24.72 -16.20
CA CYS A 71 -17.67 25.88 -15.45
C CYS A 71 -18.04 25.74 -13.98
N THR A 72 -19.19 25.11 -13.71
CA THR A 72 -19.60 24.82 -12.35
C THR A 72 -18.54 23.92 -11.70
N ALA A 73 -18.14 22.89 -12.44
CA ALA A 73 -17.19 21.94 -11.96
C ALA A 73 -15.86 22.65 -11.65
N ALA A 74 -15.39 23.51 -12.57
CA ALA A 74 -14.09 24.15 -12.47
C ALA A 74 -14.06 25.07 -11.26
N ALA A 75 -15.17 25.79 -11.03
CA ALA A 75 -15.29 26.70 -9.90
C ALA A 75 -15.34 25.90 -8.60
N ARG A 76 -16.05 24.76 -8.59
CA ARG A 76 -16.14 23.89 -7.41
C ARG A 76 -14.74 23.42 -6.98
N ARG A 77 -13.93 22.99 -7.95
CA ARG A 77 -12.61 22.43 -7.67
C ARG A 77 -11.66 23.48 -7.09
N LEU A 78 -11.93 24.76 -7.34
CA LEU A 78 -11.15 25.87 -6.83
C LEU A 78 -11.65 26.35 -5.47
N TYR A 79 -12.85 25.91 -5.05
CA TYR A 79 -13.52 26.41 -3.84
C TYR A 79 -13.84 27.91 -4.03
N LYS A 80 -14.26 28.26 -5.24
CA LYS A 80 -14.60 29.60 -5.59
C LYS A 80 -15.81 29.58 -6.53
N PRO A 81 -17.02 29.19 -6.05
CA PRO A 81 -18.21 29.16 -6.89
C PRO A 81 -18.56 30.50 -7.58
N GLU A 82 -18.04 31.61 -7.05
CA GLU A 82 -18.29 32.94 -7.61
C GLU A 82 -17.59 33.11 -8.97
N LEU A 83 -16.57 32.30 -9.25
CA LEU A 83 -15.81 32.36 -10.52
C LEU A 83 -16.59 31.71 -11.67
N LYS A 84 -17.65 30.95 -11.37
CA LYS A 84 -18.36 30.16 -12.37
C LYS A 84 -18.76 31.03 -13.55
N GLU A 85 -19.43 32.16 -13.29
CA GLU A 85 -20.05 32.95 -14.35
C GLU A 85 -18.97 33.62 -15.21
N SER A 86 -17.81 33.92 -14.61
CA SER A 86 -16.63 34.42 -15.34
C SER A 86 -16.17 33.39 -16.38
N PHE A 87 -16.07 32.12 -15.96
CA PHE A 87 -15.68 31.03 -16.84
C PHE A 87 -16.72 30.89 -17.95
N VAL A 88 -18.01 30.93 -17.61
CA VAL A 88 -19.08 30.82 -18.61
C VAL A 88 -18.95 31.97 -19.62
N GLU A 89 -18.73 33.18 -19.14
CA GLU A 89 -18.63 34.33 -20.01
C GLU A 89 -17.47 34.13 -21.01
N MET A 90 -16.31 33.69 -20.52
CA MET A 90 -15.11 33.50 -21.34
C MET A 90 -15.37 32.51 -22.49
N ILE A 91 -16.08 31.43 -22.19
CA ILE A 91 -16.30 30.36 -23.14
C ILE A 91 -17.42 30.79 -24.11
N GLU A 92 -18.54 31.29 -23.57
CA GLU A 92 -19.68 31.71 -24.39
C GLU A 92 -19.23 32.77 -25.41
N ARG A 93 -18.40 33.72 -24.95
CA ARG A 93 -17.90 34.81 -25.80
C ARG A 93 -16.80 34.30 -26.74
N GLY A 94 -16.32 33.07 -26.52
CA GLY A 94 -15.33 32.45 -27.40
C GLY A 94 -13.95 33.08 -27.24
N TRP A 95 -13.67 33.65 -26.07
CA TRP A 95 -12.35 34.19 -25.73
C TRP A 95 -11.38 33.05 -25.42
N MET A 96 -11.91 31.97 -24.84
CA MET A 96 -11.16 30.78 -24.48
C MET A 96 -11.89 29.56 -25.04
N SER A 97 -11.14 28.71 -25.74
CA SER A 97 -11.61 27.42 -26.13
C SER A 97 -11.03 26.36 -25.18
N ILE A 98 -11.76 25.25 -25.03
CA ILE A 98 -11.40 24.19 -24.11
C ILE A 98 -11.19 22.90 -24.92
N SER A 99 -10.16 22.12 -24.55
CA SER A 99 -9.91 20.78 -25.11
C SER A 99 -11.22 19.98 -25.15
N SER A 100 -11.34 19.08 -26.12
CA SER A 100 -12.50 18.17 -26.24
C SER A 100 -12.65 17.29 -25.00
N PRO A 101 -11.56 16.77 -24.40
CA PRO A 101 -11.68 15.99 -23.16
C PRO A 101 -12.38 16.75 -22.02
N VAL A 102 -12.19 18.06 -21.95
CA VAL A 102 -12.82 18.87 -20.93
C VAL A 102 -14.34 18.90 -21.17
N TRP A 103 -14.74 19.00 -22.43
CA TRP A 103 -16.16 19.12 -22.82
C TRP A 103 -16.95 17.93 -22.28
N ALA A 104 -16.43 16.74 -22.54
CA ALA A 104 -17.17 15.51 -22.38
C ALA A 104 -17.13 15.03 -20.93
N ASN A 105 -16.14 15.47 -20.16
CA ASN A 105 -15.79 14.81 -18.88
C ASN A 105 -15.87 15.75 -17.68
N MET A 106 -15.55 17.04 -17.85
CA MET A 106 -15.46 17.93 -16.71
C MET A 106 -16.85 18.05 -16.08
N GLY A 107 -16.97 17.68 -14.80
CA GLY A 107 -18.22 17.85 -14.06
C GLY A 107 -19.06 16.58 -14.01
N THR A 108 -18.69 15.58 -14.83
CA THR A 108 -19.20 14.22 -14.71
C THR A 108 -18.53 13.56 -13.49
N GLU A 109 -19.06 12.40 -13.09
CA GLU A 109 -18.62 11.73 -11.86
C GLU A 109 -17.24 11.08 -12.07
N ARG A 110 -17.05 10.39 -13.21
CA ARG A 110 -15.91 9.50 -13.43
C ARG A 110 -15.05 9.96 -14.61
N GLY A 111 -15.60 10.79 -15.50
CA GLY A 111 -14.89 11.21 -16.71
C GLY A 111 -13.60 11.97 -16.41
N LEU A 112 -12.53 11.64 -17.14
CA LEU A 112 -11.22 12.27 -16.97
C LEU A 112 -11.06 13.36 -18.01
N PRO A 113 -10.94 14.64 -17.58
CA PRO A 113 -10.82 15.75 -18.54
C PRO A 113 -9.40 16.03 -19.06
N ILE A 114 -8.55 15.00 -19.12
CA ILE A 114 -7.23 15.07 -19.72
C ILE A 114 -7.15 14.02 -20.84
N SER A 115 -6.45 14.35 -21.91
CA SER A 115 -6.31 13.47 -23.07
C SER A 115 -4.89 13.55 -23.67
N CYS A 116 -3.88 13.89 -22.85
CA CYS A 116 -2.51 14.02 -23.28
C CYS A 116 -1.56 13.38 -22.25
N PHE A 117 -0.90 12.28 -22.64
CA PHE A 117 -0.07 11.44 -21.76
C PHE A 117 1.27 11.10 -22.44
N ASN A 118 2.27 10.82 -21.60
CA ASN A 118 3.56 10.38 -22.06
C ASN A 118 4.20 9.46 -21.01
N VAL A 119 4.84 8.37 -21.48
CA VAL A 119 5.48 7.42 -20.57
C VAL A 119 6.97 7.34 -20.89
N HIS A 120 7.81 7.29 -19.84
CA HIS A 120 9.20 6.88 -19.98
C HIS A 120 9.25 5.35 -19.95
N VAL A 121 9.78 4.74 -21.02
CA VAL A 121 9.92 3.28 -21.08
C VAL A 121 11.28 2.85 -20.55
N PRO A 122 11.37 2.15 -19.39
CA PRO A 122 12.65 1.66 -18.87
C PRO A 122 13.22 0.49 -19.68
N ASP A 123 14.50 0.19 -19.45
CA ASP A 123 15.26 -0.82 -20.19
C ASP A 123 15.10 -2.23 -19.56
N LYS A 124 14.23 -2.37 -18.54
CA LYS A 124 13.90 -3.66 -17.99
C LYS A 124 12.50 -4.04 -18.46
N ILE A 125 12.30 -5.34 -18.72
CA ILE A 125 11.07 -5.84 -19.35
C ILE A 125 9.87 -5.69 -18.41
N GLU A 126 10.09 -5.84 -17.10
CA GLU A 126 9.01 -5.64 -16.11
C GLU A 126 8.47 -4.20 -16.25
N GLY A 127 9.38 -3.25 -16.46
CA GLY A 127 9.03 -1.85 -16.62
C GLY A 127 8.33 -1.57 -17.95
N ILE A 128 8.82 -2.19 -19.03
CA ILE A 128 8.19 -2.05 -20.35
C ILE A 128 6.75 -2.53 -20.23
N THR A 129 6.53 -3.64 -19.52
CA THR A 129 5.21 -4.24 -19.29
C THR A 129 4.31 -3.26 -18.52
N HIS A 130 4.86 -2.59 -17.50
CA HIS A 130 4.08 -1.64 -16.70
C HIS A 130 3.63 -0.46 -17.57
N LYS A 131 4.53 0.06 -18.42
CA LYS A 131 4.24 1.23 -19.25
C LYS A 131 3.28 0.85 -20.37
N LEU A 132 3.44 -0.34 -20.94
CA LEU A 132 2.46 -0.87 -21.88
C LEU A 132 1.08 -0.78 -21.21
N GLY A 133 1.00 -1.22 -19.95
CA GLY A 133 -0.18 -1.13 -19.13
C GLY A 133 -0.70 0.30 -19.04
N GLU A 134 0.20 1.23 -18.70
CA GLU A 134 -0.17 2.63 -18.61
C GLU A 134 -0.79 3.08 -19.93
N VAL A 135 -0.14 2.74 -21.04
CA VAL A 135 -0.57 3.21 -22.35
C VAL A 135 -1.95 2.62 -22.67
N ILE A 136 -2.17 1.36 -22.32
CA ILE A 136 -3.43 0.70 -22.63
C ILE A 136 -4.57 1.39 -21.89
N MET A 137 -4.37 1.71 -20.62
CA MET A 137 -5.43 2.28 -19.79
C MET A 137 -5.66 3.76 -20.14
N GLN A 138 -4.57 4.49 -20.41
CA GLN A 138 -4.61 5.88 -20.83
C GLN A 138 -5.43 6.00 -22.12
N THR A 139 -5.21 5.05 -23.03
CA THR A 139 -5.93 4.96 -24.29
C THR A 139 -7.41 4.67 -24.01
N LYS A 140 -7.70 3.73 -23.12
CA LYS A 140 -9.07 3.33 -22.81
C LYS A 140 -9.93 4.54 -22.42
N ILE A 141 -9.36 5.46 -21.61
CA ILE A 141 -10.10 6.61 -21.07
C ILE A 141 -10.07 7.80 -22.04
N GLY A 142 -9.58 7.62 -23.27
CA GLY A 142 -9.73 8.60 -24.34
C GLY A 142 -8.48 9.43 -24.60
N GLY A 143 -7.33 9.05 -24.04
CA GLY A 143 -6.10 9.83 -24.14
C GLY A 143 -5.31 9.52 -25.41
N GLY A 144 -4.69 10.56 -25.97
CA GLY A 144 -3.55 10.40 -26.85
C GLY A 144 -2.30 10.16 -26.03
N THR A 145 -1.40 9.34 -26.56
CA THR A 145 -0.31 8.82 -25.79
C THR A 145 1.01 8.96 -26.57
N SER A 146 2.10 8.80 -25.83
CA SER A 146 3.44 8.89 -26.38
C SER A 146 4.42 8.18 -25.45
N GLY A 147 5.60 7.86 -25.98
CA GLY A 147 6.64 7.24 -25.18
C GLY A 147 8.02 7.58 -25.70
N TYR A 148 8.96 7.77 -24.78
CA TYR A 148 10.39 7.79 -25.05
C TYR A 148 10.98 6.38 -24.88
N PHE A 149 11.69 5.91 -25.91
CA PHE A 149 12.23 4.56 -25.99
C PHE A 149 13.77 4.54 -26.01
N GLY A 150 14.41 5.70 -25.86
CA GLY A 150 15.84 5.88 -26.05
C GLY A 150 16.72 5.11 -25.07
N GLU A 151 16.18 4.79 -23.90
CA GLU A 151 16.87 4.07 -22.84
C GLU A 151 16.96 2.57 -23.17
N LEU A 152 16.06 2.05 -24.03
CA LEU A 152 16.05 0.62 -24.39
C LEU A 152 17.33 0.26 -25.17
N ARG A 153 17.88 -0.91 -24.85
CA ARG A 153 19.10 -1.47 -25.46
C ARG A 153 18.89 -1.68 -26.97
N GLU A 154 19.98 -1.71 -27.72
CA GLU A 154 19.95 -1.98 -29.16
C GLU A 154 19.76 -3.49 -29.38
N ARG A 155 19.32 -3.85 -30.59
CA ARG A 155 18.85 -5.21 -30.95
C ARG A 155 19.90 -6.28 -30.59
N SER A 166 15.66 -7.97 -28.02
CA SER A 166 15.45 -7.88 -29.46
C SER A 166 15.43 -6.41 -29.92
N GLY A 167 15.54 -5.46 -28.98
CA GLY A 167 15.79 -4.06 -29.32
C GLY A 167 14.57 -3.16 -29.17
N ALA A 168 14.84 -1.85 -29.18
CA ALA A 168 13.87 -0.78 -28.98
C ALA A 168 12.65 -0.95 -29.91
N VAL A 169 12.89 -1.09 -31.22
CA VAL A 169 11.83 -1.12 -32.22
C VAL A 169 11.01 -2.41 -32.11
N SER A 170 11.66 -3.49 -31.66
CA SER A 170 10.98 -4.75 -31.45
C SER A 170 9.86 -4.57 -30.42
N PHE A 171 10.13 -3.78 -29.36
CA PHE A 171 9.22 -3.57 -28.25
C PHE A 171 8.13 -2.56 -28.60
N MET A 172 8.42 -1.67 -29.57
CA MET A 172 7.42 -0.69 -30.02
C MET A 172 6.20 -1.44 -30.59
N LYS A 173 6.46 -2.61 -31.17
CA LYS A 173 5.49 -3.46 -31.82
C LYS A 173 4.35 -3.81 -30.85
N LEU A 174 4.67 -3.94 -29.55
CA LEU A 174 3.66 -4.20 -28.51
C LEU A 174 2.68 -3.03 -28.41
N PHE A 175 3.23 -1.81 -28.46
CA PHE A 175 2.45 -0.59 -28.33
C PHE A 175 1.60 -0.39 -29.60
N ASP A 176 2.19 -0.74 -30.76
CA ASP A 176 1.48 -0.77 -32.05
C ASP A 176 0.24 -1.65 -31.93
N THR A 177 0.42 -2.87 -31.42
CA THR A 177 -0.68 -3.85 -31.37
C THR A 177 -1.75 -3.39 -30.38
N ALA A 178 -1.34 -2.72 -29.29
CA ALA A 178 -2.27 -2.16 -28.33
C ALA A 178 -3.16 -1.11 -29.01
N MET A 179 -2.56 -0.25 -29.85
CA MET A 179 -3.33 0.81 -30.52
C MET A 179 -4.42 0.18 -31.40
N ASP A 180 -4.07 -0.94 -32.06
CA ASP A 180 -4.96 -1.60 -33.01
C ASP A 180 -5.99 -2.48 -32.28
N THR A 181 -5.95 -2.52 -30.94
CA THR A 181 -6.79 -3.43 -30.12
C THR A 181 -7.71 -2.64 -29.18
N ILE A 182 -7.18 -1.59 -28.56
CA ILE A 182 -7.90 -0.81 -27.54
C ILE A 182 -8.66 0.33 -28.24
N SER A 183 -9.89 0.59 -27.80
CA SER A 183 -10.72 1.69 -28.36
C SER A 183 -10.12 3.05 -28.00
N GLY A 190 -7.26 5.08 -31.21
CA GLY A 190 -6.20 5.58 -30.32
C GLY A 190 -4.95 5.97 -31.10
N ALA A 191 -4.14 6.89 -30.54
CA ALA A 191 -2.97 7.40 -31.21
C ALA A 191 -1.79 7.53 -30.23
N PHE A 192 -0.65 6.94 -30.61
CA PHE A 192 0.58 6.89 -29.82
C PHE A 192 1.75 7.46 -30.64
N ALA A 193 2.56 8.32 -30.03
CA ALA A 193 3.82 8.76 -30.65
C ALA A 193 5.01 8.15 -29.90
N ALA A 194 5.78 7.31 -30.59
CA ALA A 194 7.04 6.74 -30.08
C ALA A 194 8.20 7.66 -30.47
N TYR A 195 9.06 7.98 -29.50
CA TYR A 195 10.22 8.84 -29.69
C TYR A 195 11.50 8.03 -29.49
N LEU A 196 12.46 8.21 -30.39
CA LEU A 196 13.78 7.64 -30.24
C LEU A 196 14.84 8.71 -30.54
N ASP A 197 15.96 8.66 -29.82
CA ASP A 197 17.11 9.55 -30.10
C ASP A 197 17.70 9.13 -31.45
N ILE A 198 18.21 10.11 -32.21
CA ILE A 198 18.75 9.89 -33.57
C ILE A 198 20.07 9.13 -33.51
N ASP A 199 20.76 9.18 -32.36
CA ASP A 199 22.04 8.50 -32.20
C ASP A 199 21.83 7.14 -31.51
N HIS A 200 20.59 6.66 -31.47
CA HIS A 200 20.27 5.30 -31.07
C HIS A 200 20.65 4.34 -32.19
N PRO A 201 21.30 3.18 -31.91
CA PRO A 201 21.76 2.28 -32.97
C PRO A 201 20.65 1.74 -33.87
N ASP A 202 19.42 1.63 -33.34
CA ASP A 202 18.31 1.05 -34.07
C ASP A 202 17.59 2.14 -34.90
N ILE A 203 18.20 3.33 -35.02
CA ILE A 203 17.55 4.50 -35.64
C ILE A 203 17.06 4.17 -37.06
N GLU A 204 17.77 3.30 -37.79
CA GLU A 204 17.45 2.99 -39.20
C GLU A 204 16.16 2.15 -39.28
N GLU A 205 16.01 1.17 -38.38
CA GLU A 205 14.76 0.40 -38.22
C GLU A 205 13.59 1.35 -37.92
N PHE A 206 13.84 2.32 -37.04
CA PHE A 206 12.84 3.26 -36.54
C PHE A 206 12.28 4.13 -37.67
N LEU A 207 13.15 4.55 -38.59
CA LEU A 207 12.76 5.42 -39.71
C LEU A 207 11.92 4.66 -40.75
N LYS A 208 11.85 3.33 -40.67
CA LYS A 208 11.10 2.50 -41.61
C LYS A 208 9.65 2.31 -41.13
N ILE A 209 9.34 2.77 -39.91
CA ILE A 209 8.00 2.65 -39.37
C ILE A 209 7.04 3.39 -40.30
N LYS A 210 5.91 2.75 -40.59
CA LYS A 210 4.84 3.27 -41.47
C LYS A 210 5.27 3.28 -42.95
N SER A 211 6.28 2.47 -43.31
CA SER A 211 6.61 2.21 -44.72
C SER A 211 5.89 0.96 -45.19
N ILE A 212 5.62 0.91 -46.51
CA ILE A 212 5.02 -0.25 -47.18
C ILE A 212 5.76 -1.51 -46.70
N GLY A 213 5.05 -2.39 -45.99
CA GLY A 213 5.54 -3.68 -45.58
C GLY A 213 5.94 -3.75 -44.11
N ASN A 214 6.32 -2.60 -43.52
CA ASN A 214 6.82 -2.56 -42.13
C ASN A 214 5.75 -3.14 -41.19
N PRO A 215 6.13 -4.02 -40.23
CA PRO A 215 5.17 -4.53 -39.26
C PRO A 215 4.50 -3.49 -38.34
N ILE A 216 5.02 -2.25 -38.28
CA ILE A 216 4.46 -1.16 -37.45
C ILE A 216 3.81 -0.11 -38.37
N GLN A 217 2.48 0.00 -38.29
CA GLN A 217 1.66 0.86 -39.16
C GLN A 217 0.81 1.88 -38.37
N ASN A 218 0.63 1.68 -37.05
CA ASN A 218 -0.27 2.51 -36.24
C ASN A 218 0.48 3.57 -35.43
N LEU A 219 1.81 3.44 -35.24
CA LEU A 219 2.57 4.37 -34.38
C LEU A 219 3.02 5.59 -35.18
N PHE A 220 2.77 6.78 -34.65
CA PHE A 220 3.44 7.98 -35.11
C PHE A 220 4.83 7.97 -34.48
N THR A 221 5.77 8.74 -35.05
CA THR A 221 7.15 8.72 -34.59
C THR A 221 7.73 10.13 -34.53
N GLY A 222 8.76 10.28 -33.69
CA GLY A 222 9.56 11.48 -33.60
C GLY A 222 10.96 11.13 -33.15
N ILE A 223 11.95 11.82 -33.73
CA ILE A 223 13.35 11.59 -33.43
C ILE A 223 13.84 12.74 -32.57
N CYS A 224 14.68 12.42 -31.58
CA CYS A 224 15.27 13.39 -30.70
C CYS A 224 16.70 13.65 -31.17
N VAL A 225 16.98 14.91 -31.51
CA VAL A 225 18.19 15.32 -32.18
C VAL A 225 18.97 16.27 -31.28
N PRO A 226 20.10 15.83 -30.68
CA PRO A 226 20.96 16.72 -29.91
C PRO A 226 21.75 17.70 -30.77
N ASP A 227 22.24 18.78 -30.13
CA ASP A 227 23.08 19.82 -30.75
C ASP A 227 24.38 19.23 -31.32
N TYR A 228 25.05 18.35 -30.57
CA TYR A 228 26.38 17.85 -30.98
C TYR A 228 26.25 17.13 -32.32
N TRP A 229 25.14 16.40 -32.47
CA TRP A 229 24.85 15.56 -33.62
C TRP A 229 24.61 16.43 -34.86
N MET A 230 23.79 17.47 -34.71
CA MET A 230 23.54 18.45 -35.79
C MET A 230 24.85 19.12 -36.20
N GLN A 231 25.68 19.52 -35.22
CA GLN A 231 26.92 20.23 -35.53
C GLN A 231 27.91 19.34 -36.29
N GLU A 232 28.09 18.10 -35.82
CA GLU A 232 29.01 17.14 -36.45
C GLU A 232 28.50 16.78 -37.86
N MET A 233 27.18 16.67 -37.99
CA MET A 233 26.53 16.37 -39.27
C MET A 233 26.80 17.50 -40.28
N ILE A 234 26.61 18.75 -39.85
CA ILE A 234 26.91 19.93 -40.68
C ILE A 234 28.39 19.95 -41.08
N ASP A 235 29.28 19.67 -40.12
CA ASP A 235 30.74 19.80 -40.28
C ASP A 235 31.33 18.65 -41.11
N GLY A 236 30.52 17.65 -41.49
CA GLY A 236 30.85 16.70 -42.56
C GLY A 236 30.99 15.26 -42.12
N ASP A 237 30.36 14.88 -41.01
CA ASP A 237 30.30 13.47 -40.63
C ASP A 237 29.39 12.74 -41.64
N ALA A 238 29.97 11.80 -42.40
CA ALA A 238 29.30 11.16 -43.52
C ALA A 238 28.13 10.29 -43.02
N ASP A 239 28.34 9.53 -41.93
CA ASP A 239 27.32 8.63 -41.35
C ASP A 239 26.08 9.43 -40.94
N LYS A 240 26.32 10.52 -40.18
CA LYS A 240 25.30 11.49 -39.76
C LYS A 240 24.46 11.95 -40.96
N ARG A 241 25.14 12.35 -42.04
CA ARG A 241 24.50 12.89 -43.24
C ARG A 241 23.64 11.81 -43.92
N GLN A 242 24.14 10.58 -43.96
CA GLN A 242 23.39 9.46 -44.49
C GLN A 242 22.07 9.32 -43.69
N ILE A 243 22.16 9.37 -42.36
CA ILE A 243 20.99 9.29 -41.49
C ILE A 243 20.07 10.50 -41.74
N TRP A 244 20.66 11.71 -41.79
CA TRP A 244 19.88 12.95 -41.98
C TRP A 244 19.07 12.87 -43.28
N ALA A 245 19.69 12.36 -44.34
CA ALA A 245 19.05 12.21 -45.64
C ALA A 245 17.79 11.34 -45.53
N LYS A 246 17.89 10.20 -44.83
CA LYS A 246 16.75 9.29 -44.65
C LYS A 246 15.64 9.98 -43.85
N VAL A 247 16.02 10.72 -42.79
CA VAL A 247 15.08 11.54 -42.01
C VAL A 247 14.31 12.49 -42.95
N LEU A 248 15.02 13.21 -43.82
CA LEU A 248 14.40 14.19 -44.70
C LEU A 248 13.53 13.48 -45.74
N GLU A 249 14.04 12.36 -46.27
CA GLU A 249 13.35 11.56 -47.30
C GLU A 249 12.03 11.03 -46.71
N SER A 250 12.10 10.58 -45.45
CA SER A 250 10.94 10.09 -44.70
C SER A 250 9.89 11.21 -44.53
N ARG A 251 10.33 12.39 -44.08
CA ARG A 251 9.40 13.49 -43.87
C ARG A 251 8.75 13.87 -45.20
N GLN A 252 9.54 13.87 -46.28
CA GLN A 252 9.07 14.15 -47.66
C GLN A 252 7.95 13.19 -48.07
N GLN A 253 8.14 11.89 -47.84
CA GLN A 253 7.28 10.85 -48.42
C GLN A 253 6.13 10.47 -47.45
N LYS A 254 6.30 10.72 -46.15
CA LYS A 254 5.31 10.30 -45.11
C LYS A 254 4.86 11.46 -44.19
N GLY A 255 5.67 12.51 -44.05
CA GLY A 255 5.39 13.62 -43.11
C GLY A 255 6.05 13.41 -41.76
N LEU A 256 6.58 12.20 -41.54
CA LEU A 256 7.14 11.73 -40.27
C LEU A 256 8.60 11.37 -40.51
N PRO A 257 9.41 11.36 -39.45
CA PRO A 257 9.01 11.62 -38.08
C PRO A 257 9.02 13.11 -37.68
N TYR A 258 8.46 13.41 -36.51
CA TYR A 258 8.61 14.74 -35.91
C TYR A 258 10.08 14.92 -35.53
N ILE A 259 10.50 16.16 -35.34
CA ILE A 259 11.85 16.46 -34.86
C ILE A 259 11.73 17.08 -33.47
N PHE A 260 12.51 16.56 -32.53
CA PHE A 260 12.59 17.05 -31.19
C PHE A 260 14.05 17.47 -30.96
N PHE A 261 14.29 18.77 -30.84
CA PHE A 261 15.65 19.26 -30.66
C PHE A 261 15.97 19.26 -29.16
N SER A 262 16.53 18.13 -28.71
CA SER A 262 16.78 17.83 -27.31
C SER A 262 17.32 19.04 -26.55
N ASP A 263 18.31 19.74 -27.12
CA ASP A 263 19.05 20.76 -26.36
C ASP A 263 18.26 22.07 -26.32
N ASN A 264 17.61 22.40 -27.43
CA ASN A 264 16.69 23.51 -27.52
C ASN A 264 15.61 23.37 -26.45
N VAL A 265 15.08 22.17 -26.31
CA VAL A 265 14.01 21.89 -25.37
C VAL A 265 14.55 22.06 -23.95
N ASN A 266 15.72 21.51 -23.68
CA ASN A 266 16.22 21.41 -22.34
C ASN A 266 16.92 22.70 -21.88
N LYS A 267 17.49 23.50 -22.80
CA LYS A 267 18.19 24.73 -22.37
C LYS A 267 17.18 25.84 -22.03
N ASN A 268 15.96 25.74 -22.59
CA ASN A 268 14.92 26.76 -22.40
C ASN A 268 13.68 26.14 -21.77
N LYS A 269 13.87 25.45 -20.64
CA LYS A 269 12.79 24.86 -19.87
C LYS A 269 12.77 25.56 -18.51
N PRO A 270 11.73 25.40 -17.68
CA PRO A 270 11.70 26.08 -16.38
C PRO A 270 12.96 25.77 -15.54
N GLN A 271 13.44 26.77 -14.79
CA GLN A 271 14.64 26.66 -13.97
C GLN A 271 14.53 25.49 -12.97
N VAL A 272 13.32 25.22 -12.49
CA VAL A 272 13.11 24.16 -11.50
C VAL A 272 13.55 22.80 -12.08
N TYR A 273 13.38 22.59 -13.39
CA TYR A 273 13.76 21.31 -14.03
C TYR A 273 15.29 21.20 -14.18
N LYS A 274 15.98 22.30 -14.50
CA LYS A 274 17.44 22.34 -14.52
C LYS A 274 18.03 22.04 -13.12
N ASP A 275 17.42 22.64 -12.08
CA ASP A 275 17.90 22.56 -10.67
C ASP A 275 17.76 21.14 -10.12
N GLN A 276 16.72 20.42 -10.54
CA GLN A 276 16.39 19.06 -10.09
C GLN A 276 16.97 18.02 -11.06
N ASN A 277 17.58 18.48 -12.16
CA ASN A 277 18.20 17.62 -13.18
C ASN A 277 17.15 16.68 -13.78
N LEU A 278 16.02 17.24 -14.21
CA LEU A 278 14.95 16.49 -14.83
C LEU A 278 15.00 16.75 -16.33
N ARG A 279 15.48 15.76 -17.08
CA ARG A 279 15.64 15.91 -18.50
C ARG A 279 14.28 15.66 -19.16
N ILE A 280 13.92 16.52 -20.13
CA ILE A 280 12.82 16.29 -21.03
C ILE A 280 13.40 15.50 -22.21
N ASN A 281 12.97 14.25 -22.37
CA ASN A 281 13.55 13.31 -23.30
C ASN A 281 12.74 13.25 -24.59
N ALA A 282 11.45 13.62 -24.48
CA ALA A 282 10.53 13.46 -25.58
C ALA A 282 9.32 14.37 -25.37
N SER A 283 8.46 14.44 -26.39
CA SER A 283 7.27 15.26 -26.38
C SER A 283 6.03 14.34 -26.50
N ASN A 284 4.88 14.91 -26.87
CA ASN A 284 3.61 14.18 -26.85
C ASN A 284 3.24 13.78 -28.29
N LEU A 285 2.00 13.33 -28.46
CA LEU A 285 1.45 12.93 -29.72
C LEU A 285 1.61 14.05 -30.77
N CYS A 286 1.42 15.31 -30.36
CA CYS A 286 1.35 16.49 -31.25
C CYS A 286 2.58 17.41 -31.09
N SER A 287 3.54 17.00 -30.27
CA SER A 287 4.92 17.53 -30.26
C SER A 287 5.03 18.95 -29.69
N GLU A 288 4.03 19.42 -28.93
CA GLU A 288 4.04 20.76 -28.31
C GLU A 288 4.31 20.70 -26.79
N ILE A 289 4.27 19.51 -26.19
CA ILE A 289 4.32 19.38 -24.73
C ILE A 289 5.74 18.98 -24.30
N MET A 290 6.31 19.73 -23.36
CA MET A 290 7.74 19.68 -23.05
C MET A 290 7.91 19.52 -21.53
N LEU A 291 7.78 18.28 -21.06
CA LEU A 291 7.74 17.94 -19.65
C LEU A 291 8.59 16.70 -19.42
N PRO A 292 9.19 16.51 -18.23
CA PRO A 292 9.97 15.31 -17.95
C PRO A 292 9.09 14.14 -17.45
N SER A 293 9.30 12.96 -18.06
CA SER A 293 8.75 11.68 -17.62
C SER A 293 9.89 10.85 -17.03
N THR A 294 9.57 10.04 -16.02
CA THR A 294 10.53 9.17 -15.36
C THR A 294 9.88 7.78 -15.18
N HIS A 295 10.64 6.87 -14.55
CA HIS A 295 10.15 5.52 -14.24
C HIS A 295 8.83 5.59 -13.46
N ASP A 296 8.63 6.59 -12.59
CA ASP A 296 7.43 6.63 -11.71
C ASP A 296 6.53 7.85 -11.97
N GLU A 297 6.93 8.79 -12.85
CA GLU A 297 6.05 9.92 -13.24
C GLU A 297 5.85 9.91 -14.76
N SER A 298 4.60 10.02 -15.17
CA SER A 298 4.20 10.01 -16.56
C SER A 298 3.50 11.35 -16.83
N PHE A 299 4.08 12.16 -17.74
CA PHE A 299 3.61 13.53 -17.89
C PHE A 299 2.21 13.51 -18.52
N ILE A 300 1.43 14.51 -18.08
CA ILE A 300 0.13 14.82 -18.59
C ILE A 300 0.05 16.34 -18.59
N CYS A 301 -0.85 16.88 -19.40
CA CYS A 301 -1.08 18.29 -19.38
C CYS A 301 -2.53 18.54 -19.79
N CYS A 302 -3.16 19.51 -19.13
CA CYS A 302 -4.49 19.95 -19.49
C CYS A 302 -4.35 21.13 -20.45
N LEU A 303 -5.15 21.10 -21.52
CA LEU A 303 -5.00 22.08 -22.61
C LEU A 303 -6.25 22.94 -22.73
N SER A 304 -6.02 24.19 -23.09
CA SER A 304 -7.04 25.11 -23.57
C SER A 304 -6.31 26.24 -24.29
N SER A 305 -7.07 27.14 -24.94
CA SER A 305 -6.49 28.10 -25.87
C SER A 305 -7.20 29.44 -25.77
N MET A 306 -6.41 30.53 -25.86
CA MET A 306 -6.89 31.88 -26.01
C MET A 306 -7.13 32.16 -27.50
N ASN A 307 -8.31 32.70 -27.82
CA ASN A 307 -8.65 33.06 -29.17
C ASN A 307 -8.01 34.43 -29.51
N LEU A 308 -7.00 34.43 -30.37
CA LEU A 308 -6.29 35.65 -30.72
C LEU A 308 -7.11 36.48 -31.73
N GLU A 309 -8.04 35.86 -32.45
CA GLU A 309 -8.99 36.60 -33.29
C GLU A 309 -9.67 37.73 -32.48
N LEU A 310 -10.09 37.42 -31.24
CA LEU A 310 -10.80 38.37 -30.38
C LEU A 310 -9.85 38.98 -29.34
N TYR A 311 -8.55 39.06 -29.65
CA TYR A 311 -7.55 39.59 -28.72
C TYR A 311 -7.91 41.00 -28.22
N GLU A 312 -8.37 41.86 -29.14
CA GLU A 312 -8.71 43.24 -28.80
C GLU A 312 -9.80 43.26 -27.71
N GLU A 313 -10.69 42.26 -27.73
CA GLU A 313 -11.77 42.14 -26.75
C GLU A 313 -11.25 41.80 -25.34
N TRP A 314 -10.30 40.85 -25.22
CA TRP A 314 -10.02 40.33 -23.87
C TRP A 314 -8.64 40.74 -23.34
N LYS A 315 -7.80 41.37 -24.17
CA LYS A 315 -6.40 41.66 -23.80
C LYS A 315 -6.30 42.46 -22.49
N ASP A 316 -7.30 43.29 -22.18
CA ASP A 316 -7.21 44.16 -21.00
C ASP A 316 -8.08 43.63 -19.85
N THR A 317 -8.73 42.48 -20.03
CA THR A 317 -9.48 41.82 -18.97
C THR A 317 -8.56 40.87 -18.20
N GLU A 318 -9.14 40.11 -17.27
CA GLU A 318 -8.44 39.09 -16.50
C GLU A 318 -8.60 37.70 -17.15
N ALA A 319 -8.90 37.68 -18.46
CA ALA A 319 -9.14 36.47 -19.23
C ALA A 319 -8.01 35.44 -19.06
N VAL A 320 -6.75 35.85 -19.22
CA VAL A 320 -5.63 34.92 -19.17
C VAL A 320 -5.50 34.31 -17.76
N LYS A 321 -5.57 35.17 -16.74
CA LYS A 321 -5.57 34.75 -15.34
C LYS A 321 -6.67 33.69 -15.12
N LEU A 322 -7.89 34.01 -15.55
CA LEU A 322 -9.04 33.11 -15.34
C LEU A 322 -8.84 31.81 -16.11
N ALA A 323 -8.21 31.89 -17.29
CA ALA A 323 -7.90 30.71 -18.10
C ALA A 323 -6.93 29.79 -17.34
N ILE A 324 -5.97 30.37 -16.62
CA ILE A 324 -4.98 29.59 -15.87
C ILE A 324 -5.67 28.92 -14.67
N PHE A 325 -6.54 29.67 -13.98
CA PHE A 325 -7.33 29.16 -12.85
C PHE A 325 -8.16 27.94 -13.27
N PHE A 326 -8.78 28.07 -14.44
CA PHE A 326 -9.65 27.05 -15.00
C PHE A 326 -8.85 25.77 -15.27
N LEU A 327 -7.67 25.92 -15.88
CA LEU A 327 -6.80 24.79 -16.20
C LEU A 327 -6.31 24.10 -14.92
N ASP A 328 -6.01 24.88 -13.86
CA ASP A 328 -5.56 24.30 -12.59
C ASP A 328 -6.71 23.47 -12.02
N ALA A 329 -7.94 23.98 -12.19
CA ALA A 329 -9.16 23.32 -11.73
C ALA A 329 -9.35 21.99 -12.47
N VAL A 330 -9.16 22.03 -13.79
CA VAL A 330 -9.31 20.85 -14.64
C VAL A 330 -8.30 19.80 -14.16
N LEU A 331 -7.06 20.20 -13.95
CA LEU A 331 -6.04 19.30 -13.48
C LEU A 331 -6.38 18.71 -12.10
N GLN A 332 -6.99 19.52 -11.23
CA GLN A 332 -7.44 19.05 -9.91
C GLN A 332 -8.54 18.00 -10.08
N GLU A 333 -9.45 18.20 -11.02
CA GLU A 333 -10.48 17.21 -11.28
C GLU A 333 -9.84 15.88 -11.71
N PHE A 334 -8.80 15.96 -12.55
CA PHE A 334 -8.07 14.77 -12.97
C PHE A 334 -7.43 14.05 -11.78
N ILE A 335 -6.81 14.82 -10.89
CA ILE A 335 -6.10 14.25 -9.77
C ILE A 335 -7.07 13.50 -8.85
N GLU A 336 -8.19 14.14 -8.53
CA GLU A 336 -9.10 13.60 -7.53
C GLU A 336 -9.80 12.34 -8.09
N LYS A 337 -10.00 12.25 -9.40
CA LYS A 337 -10.72 11.13 -9.99
C LYS A 337 -9.80 9.93 -10.21
N THR A 338 -8.48 10.14 -10.22
CA THR A 338 -7.51 9.09 -10.52
C THR A 338 -6.82 8.58 -9.27
N GLU A 339 -7.10 9.17 -8.10
CA GLU A 339 -6.61 8.64 -6.83
C GLU A 339 -7.12 7.19 -6.68
N GLY A 340 -6.20 6.24 -6.66
CA GLY A 340 -6.50 4.83 -6.47
C GLY A 340 -6.49 4.04 -7.78
N ASN A 341 -6.34 4.72 -8.91
CA ASN A 341 -6.24 4.04 -10.20
C ASN A 341 -4.80 3.57 -10.38
N TYR A 342 -4.62 2.25 -10.46
CA TYR A 342 -3.30 1.63 -10.43
C TYR A 342 -2.46 2.09 -11.62
N TYR A 343 -3.04 2.06 -12.83
CA TYR A 343 -2.30 2.24 -14.09
C TYR A 343 -2.11 3.72 -14.43
N LEU A 344 -2.97 4.61 -13.88
CA LEU A 344 -2.84 6.09 -14.03
C LEU A 344 -2.07 6.68 -12.83
N SER A 345 -1.44 5.80 -12.06
CA SER A 345 -0.78 6.16 -10.84
C SER A 345 0.37 7.14 -11.11
N ALA A 346 1.17 6.85 -12.14
CA ALA A 346 2.33 7.64 -12.50
C ALA A 346 1.92 8.99 -13.09
N ALA A 347 0.78 9.02 -13.79
CA ALA A 347 0.17 10.25 -14.29
C ALA A 347 -0.36 11.10 -13.12
N ASN A 348 -1.03 10.43 -12.18
CA ASN A 348 -1.60 11.09 -11.02
C ASN A 348 -0.47 11.76 -10.21
N LYS A 349 0.66 11.06 -10.11
CA LYS A 349 1.81 11.52 -9.36
C LYS A 349 2.42 12.75 -10.06
N PHE A 350 2.59 12.68 -11.39
CA PHE A 350 3.09 13.82 -12.16
C PHE A 350 2.20 15.05 -11.92
N ALA A 351 0.88 14.91 -12.13
CA ALA A 351 -0.07 16.03 -11.99
C ALA A 351 0.04 16.66 -10.60
N LYS A 352 0.01 15.82 -9.56
CA LYS A 352 0.13 16.22 -8.15
C LYS A 352 1.36 17.10 -7.89
N ARG A 353 2.51 16.67 -8.41
CA ARG A 353 3.79 17.20 -8.02
C ARG A 353 4.20 18.40 -8.89
N HIS A 354 3.82 18.41 -10.18
CA HIS A 354 4.26 19.43 -11.16
C HIS A 354 3.16 20.46 -11.44
N ARG A 355 1.92 19.96 -11.48
CA ARG A 355 0.75 20.72 -11.92
C ARG A 355 1.08 21.49 -13.20
N ALA A 356 1.64 20.81 -14.19
CA ALA A 356 1.95 21.42 -15.47
C ALA A 356 0.67 21.76 -16.23
N LEU A 357 0.58 23.00 -16.75
CA LEU A 357 -0.55 23.49 -17.54
C LEU A 357 -0.09 23.79 -18.97
N GLY A 358 -1.06 23.86 -19.89
CA GLY A 358 -0.82 24.13 -21.30
C GLY A 358 -1.86 25.07 -21.88
N LEU A 359 -1.74 26.36 -21.52
CA LEU A 359 -2.52 27.40 -22.14
C LEU A 359 -1.92 27.73 -23.51
N GLY A 360 -2.71 27.53 -24.57
CA GLY A 360 -2.30 27.80 -25.92
C GLY A 360 -3.00 29.02 -26.50
N VAL A 361 -2.94 29.13 -27.82
CA VAL A 361 -3.63 30.20 -28.57
C VAL A 361 -4.19 29.59 -29.85
N LEU A 362 -5.17 30.28 -30.44
CA LEU A 362 -5.57 29.96 -31.81
C LEU A 362 -6.03 31.26 -32.49
N GLY A 363 -6.35 31.14 -33.78
CA GLY A 363 -6.69 32.28 -34.64
C GLY A 363 -5.55 33.28 -34.79
N TRP A 364 -4.28 32.83 -34.80
CA TRP A 364 -3.16 33.74 -35.01
C TRP A 364 -3.26 34.40 -36.38
N HIS A 365 -3.40 33.59 -37.44
CA HIS A 365 -3.48 34.11 -38.80
C HIS A 365 -4.71 35.01 -38.94
N SER A 366 -5.85 34.52 -38.44
CA SER A 366 -7.10 35.29 -38.48
C SER A 366 -6.88 36.68 -37.89
N TYR A 367 -6.18 36.76 -36.76
CA TYR A 367 -5.94 38.01 -36.05
C TYR A 367 -5.10 38.97 -36.90
N LEU A 368 -4.13 38.41 -37.62
CA LEU A 368 -3.29 39.17 -38.51
C LEU A 368 -4.16 39.75 -39.63
N GLN A 369 -4.96 38.89 -40.27
CA GLN A 369 -5.75 39.26 -41.44
C GLN A 369 -6.82 40.29 -41.07
N LYS A 370 -7.32 40.23 -39.83
CA LYS A 370 -8.32 41.16 -39.32
C LYS A 370 -7.72 42.58 -39.23
N ASN A 371 -6.40 42.67 -39.03
CA ASN A 371 -5.69 43.90 -38.87
C ASN A 371 -4.90 44.23 -40.15
N MET A 372 -5.14 43.45 -41.21
CA MET A 372 -4.43 43.56 -42.51
C MET A 372 -2.91 43.61 -42.26
N ILE A 373 -2.41 42.63 -41.50
CA ILE A 373 -1.01 42.43 -41.26
C ILE A 373 -0.58 41.17 -42.02
N PRO A 374 0.42 41.27 -42.93
CA PRO A 374 0.97 40.10 -43.61
C PRO A 374 1.75 39.16 -42.66
N PHE A 375 1.58 37.85 -42.85
CA PHE A 375 2.25 36.83 -42.03
C PHE A 375 3.77 37.03 -42.10
N GLU A 376 4.29 37.29 -43.31
CA GLU A 376 5.70 37.64 -43.52
C GLU A 376 5.95 39.10 -43.16
N GLY A 377 7.14 39.39 -42.60
CA GLY A 377 7.58 40.77 -42.40
C GLY A 377 7.64 41.18 -40.94
N MET A 378 8.27 42.34 -40.72
CA MET A 378 8.66 42.82 -39.40
C MET A 378 7.43 43.04 -38.51
N GLU A 379 6.30 43.41 -39.10
CA GLU A 379 5.17 43.81 -38.29
C GLU A 379 4.58 42.60 -37.56
N ALA A 380 4.47 41.46 -38.25
CA ALA A 380 3.98 40.23 -37.65
C ALA A 380 4.96 39.79 -36.54
N LYS A 381 6.26 39.95 -36.78
CA LYS A 381 7.31 39.62 -35.79
C LYS A 381 7.13 40.46 -34.52
N MET A 382 6.92 41.76 -34.68
CA MET A 382 6.76 42.63 -33.52
C MET A 382 5.45 42.30 -32.81
N LYS A 383 4.41 41.95 -33.59
CA LYS A 383 3.10 41.61 -33.03
C LYS A 383 3.21 40.36 -32.15
N THR A 384 3.97 39.37 -32.64
CA THR A 384 4.33 38.15 -31.92
C THR A 384 4.93 38.52 -30.57
N THR A 385 5.83 39.52 -30.55
CA THR A 385 6.48 39.95 -29.32
C THR A 385 5.45 40.62 -28.39
N GLU A 386 4.72 41.62 -28.89
CA GLU A 386 3.74 42.36 -28.07
C GLU A 386 2.77 41.36 -27.41
N ILE A 387 2.16 40.47 -28.20
CA ILE A 387 1.03 39.65 -27.74
C ILE A 387 1.49 38.57 -26.76
N PHE A 388 2.57 37.86 -27.10
CA PHE A 388 2.97 36.70 -26.34
C PHE A 388 3.74 37.12 -25.08
N LYS A 389 4.39 38.29 -25.12
CA LYS A 389 4.95 38.88 -23.91
C LYS A 389 3.82 39.16 -22.92
N HIS A 390 2.76 39.79 -23.41
CA HIS A 390 1.60 40.14 -22.62
C HIS A 390 0.97 38.87 -22.00
N ILE A 391 0.69 37.86 -22.84
CA ILE A 391 0.01 36.64 -22.38
C ILE A 391 0.90 35.85 -21.42
N SER A 392 2.16 35.61 -21.78
CA SER A 392 3.09 34.87 -20.91
C SER A 392 3.28 35.59 -19.56
N ASP A 393 3.29 36.93 -19.54
CA ASP A 393 3.48 37.68 -18.29
C ASP A 393 2.23 37.52 -17.40
N LYS A 394 1.02 37.54 -17.99
CA LYS A 394 -0.22 37.36 -17.24
C LYS A 394 -0.33 35.94 -16.68
N ALA A 395 0.06 34.94 -17.47
CA ALA A 395 0.00 33.52 -17.10
C ALA A 395 0.94 33.23 -15.94
N ASP A 396 2.17 33.74 -16.03
CA ASP A 396 3.17 33.63 -14.95
C ASP A 396 2.60 34.21 -13.66
N LYS A 397 1.88 35.34 -13.75
CA LYS A 397 1.41 36.05 -12.57
C LYS A 397 0.20 35.34 -11.96
N ALA A 398 -0.69 34.81 -12.81
CA ALA A 398 -1.81 34.01 -12.35
C ALA A 398 -1.31 32.76 -11.62
N SER A 399 -0.28 32.09 -12.17
CA SER A 399 0.30 30.91 -11.51
C SER A 399 0.94 31.27 -10.16
N GLN A 400 1.43 32.52 -10.06
CA GLN A 400 1.98 33.04 -8.82
C GLN A 400 0.82 33.29 -7.84
N GLU A 401 -0.29 33.85 -8.36
CA GLU A 401 -1.45 34.12 -7.53
C GLU A 401 -2.05 32.79 -7.02
N LEU A 402 -2.06 31.76 -7.87
CA LEU A 402 -2.51 30.44 -7.46
C LEU A 402 -1.63 29.91 -6.32
N ALA A 403 -0.31 30.12 -6.40
CA ALA A 403 0.59 29.67 -5.32
C ALA A 403 0.26 30.40 -4.00
N ARG A 404 -0.04 31.69 -4.10
CA ARG A 404 -0.40 32.52 -2.95
C ARG A 404 -1.67 31.95 -2.27
N ILE A 405 -2.64 31.50 -3.07
CA ILE A 405 -3.96 31.08 -2.60
C ILE A 405 -3.91 29.61 -2.12
N TYR A 406 -3.31 28.73 -2.92
CA TYR A 406 -3.40 27.29 -2.69
C TYR A 406 -2.08 26.69 -2.22
N GLY A 407 -0.99 27.46 -2.29
CA GLY A 407 0.33 26.95 -1.97
C GLY A 407 0.99 26.27 -3.16
N GLU A 408 2.29 25.99 -3.00
CA GLU A 408 3.12 25.41 -4.02
C GLU A 408 3.02 23.89 -3.93
N PRO A 409 3.00 23.15 -5.06
CA PRO A 409 3.21 21.71 -5.05
C PRO A 409 4.68 21.40 -4.69
N GLU A 410 4.96 20.11 -4.45
CA GLU A 410 6.24 19.67 -3.84
C GLU A 410 7.43 20.23 -4.61
N LEU A 411 7.39 20.10 -5.96
CA LEU A 411 8.52 20.45 -6.82
C LEU A 411 8.85 21.94 -6.70
N LEU A 412 7.84 22.77 -6.44
CA LEU A 412 7.92 24.21 -6.56
C LEU A 412 7.96 24.90 -5.18
N LYS A 413 8.29 24.16 -4.12
CA LYS A 413 8.59 24.79 -2.82
C LYS A 413 9.76 25.77 -3.01
N GLY A 414 9.51 27.05 -2.72
CA GLY A 414 10.53 28.09 -2.77
C GLY A 414 10.54 28.87 -4.08
N TYR A 415 9.80 28.40 -5.09
CA TYR A 415 9.80 29.04 -6.43
C TYR A 415 8.61 30.00 -6.61
N GLY A 416 7.64 29.96 -5.68
CA GLY A 416 6.55 30.96 -5.62
C GLY A 416 5.59 30.94 -6.81
N ARG A 417 5.27 29.76 -7.35
CA ARG A 417 4.19 29.60 -8.29
C ARG A 417 3.60 28.18 -8.17
N ARG A 418 2.44 27.96 -8.79
CA ARG A 418 1.65 26.75 -8.55
C ARG A 418 1.87 25.72 -9.64
N ASN A 419 2.39 26.16 -10.79
CA ASN A 419 2.53 25.32 -11.97
C ASN A 419 3.94 25.45 -12.54
N THR A 420 4.55 24.32 -12.86
CA THR A 420 5.90 24.28 -13.40
C THR A 420 5.94 24.98 -14.77
N THR A 421 4.92 24.70 -15.60
CA THR A 421 4.72 25.33 -16.91
C THR A 421 3.28 25.85 -17.00
N THR A 422 3.07 26.82 -17.86
CA THR A 422 1.76 27.45 -18.02
C THR A 422 1.29 27.43 -19.48
N MET A 423 2.21 27.42 -20.44
CA MET A 423 1.85 27.65 -21.85
C MET A 423 2.41 26.58 -22.79
N ALA A 424 1.60 26.26 -23.80
CA ALA A 424 1.94 25.36 -24.89
C ALA A 424 0.91 25.53 -25.99
N ILE A 425 1.37 25.52 -27.25
CA ILE A 425 0.56 25.82 -28.42
C ILE A 425 0.29 24.52 -29.15
N ALA A 426 -0.97 24.10 -29.13
CA ALA A 426 -1.43 22.85 -29.71
C ALA A 426 -1.89 23.09 -31.15
N PRO A 427 -2.19 22.02 -31.93
CA PRO A 427 -2.75 22.20 -33.27
C PRO A 427 -4.12 22.90 -33.26
N THR A 428 -4.97 22.56 -32.29
CA THR A 428 -6.31 23.17 -32.07
C THR A 428 -7.18 23.09 -33.34
N THR A 429 -7.05 21.98 -34.06
CA THR A 429 -7.81 21.72 -35.28
C THR A 429 -9.31 21.80 -35.00
N SER A 430 -9.79 21.07 -33.99
CA SER A 430 -11.21 21.03 -33.64
C SER A 430 -11.64 22.33 -32.94
N SER A 431 -10.80 22.82 -32.03
CA SER A 431 -11.06 24.07 -31.32
C SER A 431 -11.33 25.23 -32.29
N SER A 432 -10.47 25.40 -33.31
CA SER A 432 -10.60 26.56 -34.20
C SER A 432 -11.80 26.42 -35.13
N ALA A 433 -12.14 25.18 -35.53
CA ALA A 433 -13.31 24.93 -36.40
C ALA A 433 -14.58 25.32 -35.64
N ILE A 434 -14.59 25.03 -34.34
CA ILE A 434 -15.74 25.32 -33.49
C ILE A 434 -15.93 26.84 -33.39
N LEU A 435 -14.83 27.59 -33.22
CA LEU A 435 -14.90 29.04 -33.00
C LEU A 435 -14.84 29.79 -34.34
N GLY A 436 -15.92 29.66 -35.11
CA GLY A 436 -16.11 30.41 -36.33
C GLY A 436 -15.05 30.11 -37.37
N GLN A 437 -14.59 28.85 -37.41
CA GLN A 437 -13.60 28.36 -38.40
C GLN A 437 -12.43 29.36 -38.48
N THR A 438 -11.91 29.74 -37.31
CA THR A 438 -10.74 30.57 -37.22
C THR A 438 -9.51 29.70 -37.53
N SER A 439 -8.37 30.36 -37.76
CA SER A 439 -7.14 29.68 -38.16
C SER A 439 -6.64 28.80 -37.02
N PRO A 440 -6.10 27.59 -37.30
CA PRO A 440 -5.63 26.69 -36.24
C PRO A 440 -4.29 27.15 -35.67
N GLY A 441 -4.16 27.09 -34.35
CA GLY A 441 -2.92 27.37 -33.63
C GLY A 441 -2.23 28.63 -34.14
N ILE A 442 -0.94 28.48 -34.46
CA ILE A 442 -0.11 29.57 -34.98
C ILE A 442 0.19 29.31 -36.46
N GLU A 443 -0.59 28.39 -37.06
CA GLU A 443 -0.44 28.02 -38.46
C GLU A 443 -1.20 29.00 -39.34
N PRO A 444 -0.68 29.33 -40.53
CA PRO A 444 -1.47 30.04 -41.54
C PRO A 444 -2.59 29.13 -42.09
N PHE A 445 -3.71 29.74 -42.48
CA PHE A 445 -4.73 29.08 -43.26
C PHE A 445 -4.04 28.37 -44.43
N SER A 446 -4.50 27.15 -44.74
CA SER A 446 -4.01 26.42 -45.90
C SER A 446 -4.53 27.06 -47.18
N SER A 447 -5.72 27.66 -47.11
CA SER A 447 -6.45 28.13 -48.28
C SER A 447 -7.38 29.29 -47.87
N ASN A 448 -7.84 30.06 -48.86
CA ASN A 448 -8.82 31.14 -48.66
C ASN A 448 -10.23 30.61 -48.95
N TYR A 449 -10.33 29.38 -49.47
CA TYR A 449 -11.60 28.80 -49.94
C TYR A 449 -11.40 27.31 -50.16
N TYR A 450 -11.89 26.46 -49.24
CA TYR A 450 -11.52 25.02 -49.24
C TYR A 450 -12.77 24.12 -49.17
N MET A 460 -17.38 23.90 -47.17
CA MET A 460 -17.13 24.97 -48.14
C MET A 460 -17.05 26.33 -47.40
N ARG A 461 -15.86 26.67 -46.87
CA ARG A 461 -15.64 27.90 -46.08
C ARG A 461 -14.87 28.95 -46.90
N LYS A 462 -15.38 30.20 -46.85
CA LYS A 462 -14.71 31.37 -47.37
C LYS A 462 -13.97 32.08 -46.23
N ASN A 463 -12.76 32.56 -46.52
CA ASN A 463 -12.01 33.38 -45.58
C ASN A 463 -12.81 34.66 -45.30
N LYS A 464 -13.13 34.90 -44.03
CA LYS A 464 -14.13 35.90 -43.67
C LYS A 464 -13.56 37.31 -43.89
N TYR A 465 -12.26 37.52 -43.65
CA TYR A 465 -11.64 38.85 -43.77
C TYR A 465 -11.34 39.15 -45.25
N LEU A 466 -11.04 38.11 -46.04
CA LEU A 466 -10.97 38.24 -47.48
C LEU A 466 -12.37 38.59 -48.01
N LYS A 467 -13.36 37.77 -47.63
CA LYS A 467 -14.75 37.99 -48.03
C LYS A 467 -15.14 39.46 -47.80
N LYS A 468 -14.73 40.00 -46.65
CA LYS A 468 -15.06 41.37 -46.26
C LYS A 468 -14.24 42.37 -47.09
N LEU A 469 -12.99 42.03 -47.42
CA LEU A 469 -12.15 42.89 -48.27
C LEU A 469 -12.71 42.96 -49.69
N LEU A 470 -13.20 41.83 -50.21
CA LEU A 470 -13.83 41.79 -51.52
C LEU A 470 -15.20 42.48 -51.43
N GLU A 471 -15.91 42.23 -50.32
CA GLU A 471 -17.24 42.81 -50.03
C GLU A 471 -17.24 44.31 -50.34
N GLU A 472 -16.16 45.01 -49.98
CA GLU A 472 -16.05 46.47 -50.12
C GLU A 472 -15.34 46.81 -51.44
N LYS A 473 -15.42 45.89 -52.42
CA LYS A 473 -14.95 46.14 -53.79
C LYS A 473 -15.96 45.59 -54.81
N GLY A 474 -17.16 45.22 -54.32
CA GLY A 474 -18.21 44.60 -55.12
C GLY A 474 -17.76 43.31 -55.79
N LEU A 475 -16.75 42.65 -55.19
CA LEU A 475 -16.07 41.48 -55.75
C LEU A 475 -16.41 40.22 -54.94
N ASP A 476 -17.41 40.30 -54.07
CA ASP A 476 -17.90 39.16 -53.28
C ASP A 476 -18.97 38.41 -54.09
N ASN A 477 -18.56 37.96 -55.28
CA ASN A 477 -19.43 37.34 -56.29
C ASN A 477 -18.87 35.95 -56.63
N GLU A 478 -19.65 35.15 -57.37
CA GLU A 478 -19.32 33.75 -57.67
C GLU A 478 -18.12 33.67 -58.62
N GLU A 479 -17.90 34.73 -59.41
CA GLU A 479 -16.82 34.80 -60.41
C GLU A 479 -15.43 34.78 -59.73
N VAL A 480 -15.22 35.71 -58.79
CA VAL A 480 -13.94 35.86 -58.12
C VAL A 480 -13.65 34.63 -57.29
N TRP A 481 -14.68 34.09 -56.61
CA TRP A 481 -14.53 32.90 -55.77
C TRP A 481 -14.25 31.66 -56.64
N ARG A 482 -14.78 31.63 -57.86
CA ARG A 482 -14.52 30.57 -58.81
C ARG A 482 -13.03 30.63 -59.22
N GLY A 483 -12.53 31.85 -59.45
CA GLY A 483 -11.12 32.08 -59.76
C GLY A 483 -10.18 31.67 -58.63
N ILE A 484 -10.62 31.88 -57.38
CA ILE A 484 -9.84 31.55 -56.17
C ILE A 484 -9.77 30.03 -55.99
N MET A 485 -10.89 29.35 -56.25
CA MET A 485 -11.03 27.88 -56.18
C MET A 485 -10.11 27.22 -57.23
N LEU A 486 -10.12 27.77 -58.45
CA LEU A 486 -9.32 27.24 -59.58
C LEU A 486 -7.82 27.42 -59.33
N ASN A 487 -7.47 28.42 -58.52
CA ASN A 487 -6.07 28.68 -58.17
C ASN A 487 -5.74 28.10 -56.78
N GLY A 488 -6.50 27.08 -56.35
CA GLY A 488 -6.22 26.29 -55.16
C GLY A 488 -6.33 27.10 -53.87
N GLY A 489 -7.23 28.08 -53.84
CA GLY A 489 -7.53 28.88 -52.64
C GLY A 489 -6.67 30.14 -52.54
N SER A 490 -5.96 30.47 -53.63
CA SER A 490 -5.04 31.60 -53.67
C SER A 490 -5.71 32.81 -54.32
N VAL A 491 -5.21 34.00 -53.97
CA VAL A 491 -5.64 35.28 -54.56
C VAL A 491 -4.44 35.99 -55.20
N GLN A 492 -3.32 35.28 -55.35
CA GLN A 492 -2.09 35.87 -55.89
C GLN A 492 -2.24 36.13 -57.40
N HIS A 493 -3.22 35.48 -58.04
CA HIS A 493 -3.54 35.67 -59.46
C HIS A 493 -4.33 36.97 -59.72
N MET A 494 -4.93 37.56 -58.68
CA MET A 494 -5.90 38.66 -58.85
C MET A 494 -5.19 40.02 -58.98
N SER A 495 -5.32 40.66 -60.15
CA SER A 495 -4.77 42.02 -60.37
C SER A 495 -5.64 43.09 -59.67
N GLN A 496 -6.81 42.69 -59.17
CA GLN A 496 -7.73 43.58 -58.43
C GLN A 496 -7.20 43.91 -57.02
N LEU A 497 -6.35 43.05 -56.44
CA LEU A 497 -5.75 43.30 -55.13
C LEU A 497 -4.38 43.98 -55.30
N THR A 498 -4.03 44.88 -54.36
CA THR A 498 -2.69 45.46 -54.28
C THR A 498 -1.72 44.35 -53.86
N GLN A 499 -0.42 44.67 -53.85
CA GLN A 499 0.60 43.74 -53.42
C GLN A 499 0.47 43.49 -51.91
N GLN A 500 0.19 44.58 -51.15
CA GLN A 500 0.03 44.52 -49.70
C GLN A 500 -1.12 43.56 -49.34
N GLU A 501 -2.25 43.69 -50.04
CA GLU A 501 -3.45 42.90 -49.78
C GLU A 501 -3.19 41.42 -50.13
N LYS A 502 -2.40 41.17 -51.18
CA LYS A 502 -2.04 39.81 -51.55
C LYS A 502 -1.18 39.16 -50.46
N ASP A 503 -0.29 39.94 -49.85
CA ASP A 503 0.62 39.48 -48.79
C ASP A 503 -0.20 38.99 -47.58
N VAL A 504 -1.28 39.72 -47.26
CA VAL A 504 -2.13 39.44 -46.13
C VAL A 504 -2.81 38.08 -46.31
N PHE A 505 -3.12 37.72 -47.56
CA PHE A 505 -4.00 36.59 -47.84
C PHE A 505 -3.25 35.43 -48.51
N LYS A 506 -1.91 35.53 -48.51
CA LYS A 506 -1.07 34.37 -48.83
C LYS A 506 -1.51 33.19 -47.95
N THR A 507 -1.45 32.01 -48.55
CA THR A 507 -1.72 30.74 -47.93
C THR A 507 -0.42 30.08 -47.43
N PHE A 508 -0.59 29.03 -46.62
CA PHE A 508 0.49 28.29 -45.97
C PHE A 508 1.62 28.01 -46.98
N LYS A 509 1.28 27.36 -48.10
CA LYS A 509 2.29 26.91 -49.06
C LYS A 509 2.96 28.10 -49.77
N GLU A 510 2.28 29.26 -49.85
CA GLU A 510 2.81 30.45 -50.54
C GLU A 510 3.71 31.29 -49.62
N ILE A 511 3.51 31.16 -48.31
CA ILE A 511 4.33 31.87 -47.32
C ILE A 511 5.73 31.25 -47.28
N SER A 512 6.73 32.11 -47.11
CA SER A 512 8.12 31.71 -46.89
C SER A 512 8.20 30.86 -45.60
N GLN A 513 8.63 29.61 -45.76
CA GLN A 513 8.76 28.70 -44.67
C GLN A 513 9.84 29.23 -43.72
N LEU A 514 10.82 29.96 -44.26
CA LEU A 514 11.88 30.59 -43.45
C LEU A 514 11.24 31.59 -42.48
N GLU A 515 10.28 32.38 -42.98
CA GLU A 515 9.60 33.39 -42.18
C GLU A 515 8.79 32.68 -41.08
N ILE A 516 8.14 31.57 -41.41
CA ILE A 516 7.37 30.77 -40.46
C ILE A 516 8.27 30.35 -39.28
N VAL A 517 9.44 29.78 -39.61
CA VAL A 517 10.44 29.32 -38.65
C VAL A 517 10.95 30.51 -37.80
N GLN A 518 11.26 31.63 -38.47
CA GLN A 518 11.83 32.79 -37.77
C GLN A 518 10.81 33.30 -36.76
N GLN A 519 9.53 33.29 -37.13
CA GLN A 519 8.45 33.76 -36.26
C GLN A 519 8.25 32.80 -35.08
N ALA A 520 8.36 31.49 -35.36
CA ALA A 520 8.25 30.45 -34.36
C ALA A 520 9.39 30.56 -33.34
N GLY A 521 10.57 31.01 -33.80
CA GLY A 521 11.74 31.23 -32.94
C GLY A 521 11.51 32.37 -31.96
N ILE A 522 10.92 33.45 -32.45
CA ILE A 522 10.64 34.61 -31.64
C ILE A 522 9.55 34.27 -30.62
N ARG A 523 8.52 33.55 -31.09
CA ARG A 523 7.40 33.19 -30.27
C ARG A 523 7.87 32.31 -29.10
N GLN A 524 8.82 31.39 -29.39
CA GLN A 524 9.23 30.30 -28.46
C GLN A 524 9.82 30.87 -27.16
N LYS A 525 10.43 32.06 -27.23
CA LYS A 525 11.02 32.71 -26.06
C LYS A 525 9.95 33.00 -25.00
N PHE A 526 8.67 33.10 -25.40
CA PHE A 526 7.58 33.47 -24.50
C PHE A 526 6.71 32.26 -24.10
N VAL A 527 7.09 31.05 -24.54
CA VAL A 527 6.31 29.83 -24.31
C VAL A 527 7.19 28.81 -23.58
N ASP A 528 6.82 28.45 -22.35
CA ASP A 528 7.73 27.67 -21.50
C ASP A 528 7.73 26.20 -21.94
N GLN A 529 6.71 25.78 -22.68
CA GLN A 529 6.73 24.48 -23.35
C GLN A 529 7.04 24.72 -24.84
N GLY A 530 6.28 24.11 -25.73
CA GLY A 530 6.56 24.07 -27.15
C GLY A 530 5.35 24.46 -27.96
N GLN A 531 5.43 24.18 -29.27
CA GLN A 531 4.42 24.62 -30.21
C GLN A 531 4.42 23.66 -31.43
N SER A 532 3.24 23.14 -31.75
CA SER A 532 3.03 22.29 -32.89
C SER A 532 3.29 23.11 -34.15
N LEU A 533 4.42 22.86 -34.82
CA LEU A 533 4.85 23.67 -35.93
C LEU A 533 4.94 22.80 -37.18
N ASN A 534 3.89 22.86 -38.00
CA ASN A 534 3.87 22.29 -39.33
C ASN A 534 4.66 23.19 -40.30
N LEU A 535 5.31 22.57 -41.28
CA LEU A 535 5.92 23.24 -42.42
C LEU A 535 5.29 22.70 -43.70
N ASN A 536 5.17 23.57 -44.71
CA ASN A 536 4.77 23.14 -46.02
C ASN A 536 5.99 23.19 -46.94
N ILE A 537 6.47 22.00 -47.32
CA ILE A 537 7.60 21.80 -48.23
C ILE A 537 7.06 21.10 -49.49
N PRO A 538 7.09 21.75 -50.69
CA PRO A 538 6.70 21.07 -51.93
C PRO A 538 7.79 20.08 -52.38
N ALA A 539 7.39 19.01 -53.08
CA ALA A 539 8.31 18.04 -53.70
C ALA A 539 9.32 18.75 -54.62
N GLU A 540 8.80 19.72 -55.40
CA GLU A 540 9.59 20.71 -56.15
C GLU A 540 10.92 21.02 -55.42
N LEU A 541 10.83 21.52 -54.18
CA LEU A 541 11.95 22.16 -53.45
C LEU A 541 13.15 21.21 -53.35
N ALA A 542 14.36 21.75 -53.57
CA ALA A 542 15.60 20.99 -53.55
C ALA A 542 15.95 20.63 -52.10
N ILE A 543 16.62 19.48 -51.92
CA ILE A 543 16.92 18.92 -50.61
C ILE A 543 17.96 19.78 -49.89
N LYS A 544 18.78 20.53 -50.64
CA LYS A 544 19.68 21.53 -50.06
C LYS A 544 18.86 22.58 -49.29
N ASP A 545 17.74 23.02 -49.87
CA ASP A 545 16.90 24.10 -49.33
C ASP A 545 16.12 23.60 -48.11
N VAL A 546 15.61 22.36 -48.18
CA VAL A 546 14.90 21.73 -47.07
C VAL A 546 15.86 21.62 -45.89
N ASN A 547 17.09 21.19 -46.16
CA ASN A 547 18.15 20.99 -45.15
C ASN A 547 18.43 22.32 -44.41
N ARG A 548 18.61 23.40 -45.18
CA ARG A 548 18.87 24.76 -44.65
C ARG A 548 17.73 25.22 -43.74
N LEU A 549 16.49 24.83 -44.08
CA LEU A 549 15.30 25.16 -43.32
C LEU A 549 15.33 24.46 -41.94
N MET A 550 15.68 23.16 -41.91
CA MET A 550 15.81 22.42 -40.66
C MET A 550 16.88 23.07 -39.78
N ILE A 551 17.99 23.51 -40.40
CA ILE A 551 19.15 24.07 -39.66
C ILE A 551 18.78 25.44 -39.05
N GLU A 552 18.07 26.28 -39.81
CA GLU A 552 17.61 27.58 -39.30
C GLU A 552 16.72 27.39 -38.06
N ALA A 553 15.75 26.47 -38.15
CA ALA A 553 14.84 26.15 -37.04
C ALA A 553 15.65 25.79 -35.80
N TRP A 554 16.61 24.87 -35.99
CA TRP A 554 17.50 24.43 -34.94
C TRP A 554 18.27 25.62 -34.37
N GLN A 555 18.90 26.39 -35.26
CA GLN A 555 19.76 27.51 -34.86
C GLN A 555 18.96 28.57 -34.09
N GLN A 556 17.67 28.73 -34.39
CA GLN A 556 16.88 29.80 -33.80
C GLN A 556 16.10 29.35 -32.55
N GLY A 557 16.35 28.14 -32.05
CA GLY A 557 15.81 27.72 -30.75
C GLY A 557 14.44 27.05 -30.83
N VAL A 558 14.03 26.66 -32.05
CA VAL A 558 12.80 25.88 -32.23
C VAL A 558 12.97 24.51 -31.54
N LYS A 559 11.96 24.16 -30.73
CA LYS A 559 12.02 23.00 -29.86
C LYS A 559 11.59 21.75 -30.64
N SER A 560 10.60 21.89 -31.53
CA SER A 560 10.11 20.78 -32.26
C SER A 560 9.54 21.21 -33.62
N LEU A 561 9.53 20.26 -34.55
CA LEU A 561 8.80 20.32 -35.82
C LEU A 561 7.79 19.17 -35.85
N TYR A 562 6.55 19.47 -36.23
CA TYR A 562 5.46 18.52 -36.29
C TYR A 562 5.49 17.83 -37.66
N TYR A 563 4.36 17.81 -38.37
CA TYR A 563 4.29 17.18 -39.67
C TYR A 563 4.98 18.05 -40.73
N GLN A 564 5.51 17.40 -41.77
CA GLN A 564 5.85 18.06 -43.00
C GLN A 564 4.74 17.78 -44.02
N ARG A 565 4.07 18.85 -44.46
CA ARG A 565 3.00 18.78 -45.45
C ARG A 565 3.64 18.96 -46.83
N SER A 566 3.01 18.42 -47.87
CA SER A 566 3.61 18.37 -49.24
C SER A 566 2.61 18.81 -50.31
N GLN A 567 2.16 20.06 -50.24
CA GLN A 567 1.17 20.61 -51.18
C GLN A 567 1.86 20.95 -52.51
N THR B 39 22.51 -49.87 -14.86
CA THR B 39 23.85 -49.31 -14.44
C THR B 39 23.84 -47.77 -14.57
N LYS B 40 24.65 -47.11 -13.74
CA LYS B 40 24.62 -45.65 -13.56
C LYS B 40 25.21 -44.93 -14.79
N MET B 41 24.38 -44.06 -15.38
CA MET B 41 24.72 -43.15 -16.48
C MET B 41 24.75 -43.91 -17.83
N TRP B 42 24.09 -45.07 -17.86
CA TRP B 42 24.02 -45.91 -19.07
C TRP B 42 23.58 -45.07 -20.28
N TRP B 43 22.73 -44.06 -20.03
CA TRP B 43 22.03 -43.30 -21.07
C TRP B 43 22.89 -42.16 -21.64
N LYS B 44 23.91 -41.72 -20.88
CA LYS B 44 24.78 -40.61 -21.27
C LYS B 44 25.76 -41.05 -22.38
N ASN B 45 25.50 -40.55 -23.59
CA ASN B 45 26.31 -40.81 -24.79
C ASN B 45 26.43 -39.47 -25.56
N SER B 46 26.94 -39.54 -26.79
CA SER B 46 27.17 -38.35 -27.62
C SER B 46 25.84 -37.70 -28.02
N GLU B 47 24.80 -38.51 -28.18
CA GLU B 47 23.51 -38.03 -28.67
C GLU B 47 22.79 -37.29 -27.53
N SER B 48 22.88 -37.82 -26.31
CA SER B 48 22.20 -37.18 -25.19
C SER B 48 23.02 -35.99 -24.68
N GLU B 49 24.37 -36.10 -24.74
CA GLU B 49 25.30 -35.00 -24.39
C GLU B 49 25.01 -33.75 -25.26
N GLN B 50 24.74 -33.96 -26.54
CA GLN B 50 24.45 -32.83 -27.43
C GLN B 50 23.17 -32.14 -26.98
N ILE B 51 22.14 -32.94 -26.67
CA ILE B 51 20.86 -32.39 -26.23
C ILE B 51 21.10 -31.57 -24.95
N LEU B 52 21.83 -32.15 -24.00
CA LEU B 52 22.01 -31.53 -22.67
C LEU B 52 22.85 -30.25 -22.76
N ASN B 53 23.66 -30.11 -23.81
CA ASN B 53 24.50 -28.93 -24.01
C ASN B 53 23.69 -27.73 -24.54
N ARG B 54 22.39 -27.90 -24.84
CA ARG B 54 21.57 -26.77 -25.30
C ARG B 54 20.87 -26.12 -24.10
N GLY B 55 21.65 -25.80 -23.05
CA GLY B 55 21.18 -24.99 -21.92
C GLY B 55 20.58 -25.79 -20.76
N TYR B 56 20.82 -27.11 -20.73
CA TYR B 56 20.47 -27.95 -19.57
C TYR B 56 21.57 -27.86 -18.50
N LEU B 57 22.81 -27.60 -18.95
CA LEU B 57 24.00 -27.56 -18.11
C LEU B 57 24.48 -26.11 -18.02
N LEU B 58 24.96 -25.72 -16.83
CA LEU B 58 25.62 -24.44 -16.63
C LEU B 58 27.04 -24.54 -17.22
N LYS B 59 27.64 -23.37 -17.49
CA LYS B 59 28.99 -23.27 -18.02
C LYS B 59 29.93 -24.08 -17.11
N GLY B 60 30.72 -24.96 -17.72
CA GLY B 60 31.78 -25.69 -17.06
C GLY B 60 31.31 -26.93 -16.32
N GLU B 61 30.01 -27.22 -16.40
CA GLU B 61 29.36 -28.28 -15.62
C GLU B 61 29.41 -29.61 -16.41
N THR B 62 29.70 -30.72 -15.70
CA THR B 62 29.47 -32.09 -16.23
C THR B 62 28.02 -32.49 -15.94
N VAL B 63 27.53 -33.50 -16.68
CA VAL B 63 26.17 -34.00 -16.48
C VAL B 63 25.99 -34.47 -15.03
N GLU B 64 26.97 -35.23 -14.55
CA GLU B 64 26.98 -35.75 -13.20
C GLU B 64 26.94 -34.59 -12.19
N GLY B 65 27.70 -33.53 -12.47
CA GLY B 65 27.73 -32.36 -11.61
C GLY B 65 26.37 -31.69 -11.50
N ALA B 66 25.66 -31.63 -12.63
CA ALA B 66 24.35 -31.00 -12.70
C ALA B 66 23.35 -31.79 -11.85
N ILE B 67 23.40 -33.12 -11.98
CA ILE B 67 22.48 -33.99 -11.26
C ILE B 67 22.67 -33.78 -9.76
N ASP B 68 23.93 -33.65 -9.34
CA ASP B 68 24.27 -33.46 -7.95
C ASP B 68 23.76 -32.11 -7.45
N ARG B 69 23.87 -31.08 -8.30
CA ARG B 69 23.41 -29.72 -7.97
C ARG B 69 21.90 -29.79 -7.71
N ILE B 70 21.17 -30.43 -8.63
CA ILE B 70 19.71 -30.51 -8.63
C ILE B 70 19.20 -31.32 -7.43
N CYS B 71 19.79 -32.49 -7.18
CA CYS B 71 19.36 -33.39 -6.10
C CYS B 71 19.72 -32.81 -4.72
N THR B 72 20.87 -32.13 -4.60
CA THR B 72 21.28 -31.42 -3.37
C THR B 72 20.20 -30.39 -3.00
N ALA B 73 19.75 -29.64 -4.01
CA ALA B 73 18.79 -28.57 -3.85
C ALA B 73 17.42 -29.15 -3.44
N ALA B 74 16.98 -30.21 -4.14
CA ALA B 74 15.69 -30.84 -3.85
C ALA B 74 15.65 -31.34 -2.39
N ALA B 75 16.73 -31.99 -1.97
CA ALA B 75 16.85 -32.51 -0.62
C ALA B 75 16.89 -31.37 0.41
N ARG B 76 17.55 -30.25 0.08
CA ARG B 76 17.57 -29.08 0.96
C ARG B 76 16.15 -28.51 1.16
N ARG B 77 15.35 -28.48 0.10
CA ARG B 77 14.01 -27.88 0.15
C ARG B 77 13.07 -28.77 0.98
N LEU B 78 13.41 -30.06 1.10
CA LEU B 78 12.66 -31.01 1.93
C LEU B 78 13.19 -31.04 3.38
N TYR B 79 14.32 -30.37 3.64
CA TYR B 79 15.00 -30.46 4.93
C TYR B 79 15.38 -31.91 5.23
N LYS B 80 15.79 -32.63 4.18
CA LYS B 80 16.17 -34.04 4.28
C LYS B 80 17.39 -34.27 3.38
N PRO B 81 18.60 -33.83 3.78
CA PRO B 81 19.80 -34.04 2.97
C PRO B 81 20.17 -35.52 2.76
N GLU B 82 19.62 -36.42 3.59
CA GLU B 82 19.83 -37.87 3.47
C GLU B 82 19.25 -38.40 2.14
N LEU B 83 18.17 -37.80 1.62
CA LEU B 83 17.50 -38.28 0.37
C LEU B 83 18.29 -37.88 -0.89
N LYS B 84 19.30 -37.02 -0.74
CA LYS B 84 20.09 -36.51 -1.87
C LYS B 84 20.56 -37.68 -2.75
N GLU B 85 21.16 -38.70 -2.12
CA GLU B 85 21.80 -39.77 -2.89
C GLU B 85 20.74 -40.64 -3.58
N SER B 86 19.56 -40.82 -2.96
CA SER B 86 18.44 -41.56 -3.58
C SER B 86 17.93 -40.85 -4.84
N PHE B 87 17.75 -39.53 -4.78
CA PHE B 87 17.36 -38.75 -5.96
C PHE B 87 18.43 -38.90 -7.05
N VAL B 88 19.72 -38.78 -6.69
CA VAL B 88 20.82 -38.94 -7.66
C VAL B 88 20.70 -40.31 -8.34
N GLU B 89 20.56 -41.36 -7.53
CA GLU B 89 20.53 -42.73 -8.05
C GLU B 89 19.37 -42.87 -9.05
N MET B 90 18.24 -42.24 -8.76
CA MET B 90 17.07 -42.34 -9.60
C MET B 90 17.33 -41.76 -10.99
N ILE B 91 17.99 -40.61 -11.05
CA ILE B 91 18.23 -39.90 -12.28
C ILE B 91 19.38 -40.57 -13.05
N GLU B 92 20.47 -40.90 -12.34
CA GLU B 92 21.64 -41.54 -12.96
C GLU B 92 21.25 -42.87 -13.62
N ARG B 93 20.44 -43.69 -12.93
CA ARG B 93 20.00 -45.00 -13.43
C ARG B 93 18.92 -44.84 -14.52
N GLY B 94 18.41 -43.61 -14.70
CA GLY B 94 17.45 -43.32 -15.75
C GLY B 94 16.05 -43.83 -15.41
N TRP B 95 15.73 -43.97 -14.12
CA TRP B 95 14.39 -44.39 -13.67
C TRP B 95 13.41 -43.23 -13.80
N MET B 96 13.89 -42.02 -13.49
CA MET B 96 13.12 -40.79 -13.51
C MET B 96 13.88 -39.75 -14.35
N SER B 97 13.21 -39.19 -15.35
CA SER B 97 13.74 -38.06 -16.07
C SER B 97 13.10 -36.78 -15.52
N ILE B 98 13.84 -35.67 -15.60
CA ILE B 98 13.39 -34.38 -15.14
C ILE B 98 13.32 -33.42 -16.33
N SER B 99 12.31 -32.55 -16.32
CA SER B 99 12.11 -31.55 -17.36
C SER B 99 13.27 -30.55 -17.37
N SER B 100 13.40 -29.83 -18.48
CA SER B 100 14.56 -28.99 -18.79
C SER B 100 14.68 -27.81 -17.82
N PRO B 101 13.57 -27.15 -17.44
CA PRO B 101 13.65 -26.09 -16.44
C PRO B 101 14.20 -26.58 -15.09
N VAL B 102 14.03 -27.85 -14.76
CA VAL B 102 14.58 -28.37 -13.51
C VAL B 102 16.09 -28.48 -13.66
N TRP B 103 16.55 -29.02 -14.80
CA TRP B 103 17.96 -29.20 -15.12
C TRP B 103 18.72 -27.89 -14.95
N ALA B 104 18.17 -26.84 -15.55
CA ALA B 104 18.90 -25.59 -15.77
C ALA B 104 18.87 -24.70 -14.53
N ASN B 105 17.85 -24.84 -13.67
CA ASN B 105 17.53 -23.80 -12.68
C ASN B 105 17.61 -24.29 -11.24
N MET B 106 17.24 -25.56 -10.99
CA MET B 106 17.18 -26.09 -9.62
C MET B 106 18.59 -26.07 -9.03
N GLY B 107 18.76 -25.39 -7.89
CA GLY B 107 20.07 -25.34 -7.22
C GLY B 107 20.81 -24.03 -7.45
N THR B 108 20.42 -23.29 -8.49
CA THR B 108 20.89 -21.93 -8.74
C THR B 108 20.19 -20.99 -7.75
N GLU B 109 20.68 -19.76 -7.65
CA GLU B 109 20.18 -18.80 -6.68
C GLU B 109 18.80 -18.26 -7.11
N ARG B 110 18.65 -17.92 -8.41
CA ARG B 110 17.47 -17.16 -8.90
C ARG B 110 16.67 -17.92 -9.98
N GLY B 111 17.24 -18.97 -10.59
CA GLY B 111 16.56 -19.69 -11.67
C GLY B 111 15.28 -20.37 -11.21
N LEU B 112 14.24 -20.31 -12.04
CA LEU B 112 12.92 -20.85 -11.72
C LEU B 112 12.72 -22.19 -12.43
N PRO B 113 12.53 -23.29 -11.66
CA PRO B 113 12.51 -24.63 -12.24
C PRO B 113 11.13 -25.13 -12.64
N ILE B 114 10.27 -24.21 -13.09
CA ILE B 114 8.97 -24.51 -13.65
C ILE B 114 8.83 -23.77 -14.98
N SER B 115 8.13 -24.39 -15.93
CA SER B 115 7.91 -23.74 -17.22
C SER B 115 6.55 -24.15 -17.82
N CYS B 116 5.55 -24.28 -16.95
CA CYS B 116 4.22 -24.61 -17.34
C CYS B 116 3.22 -23.68 -16.62
N PHE B 117 2.69 -22.69 -17.36
CA PHE B 117 1.79 -21.68 -16.81
C PHE B 117 0.45 -21.65 -17.57
N ASN B 118 -0.58 -21.16 -16.87
CA ASN B 118 -1.86 -20.83 -17.45
C ASN B 118 -2.43 -19.59 -16.76
N VAL B 119 -3.05 -18.70 -17.53
CA VAL B 119 -3.75 -17.54 -16.99
C VAL B 119 -5.23 -17.62 -17.36
N HIS B 120 -6.07 -17.23 -16.40
CA HIS B 120 -7.47 -16.91 -16.64
C HIS B 120 -7.55 -15.42 -17.03
N VAL B 121 -8.21 -15.12 -18.15
CA VAL B 121 -8.24 -13.77 -18.72
C VAL B 121 -9.60 -13.14 -18.43
N PRO B 122 -9.68 -12.12 -17.55
CA PRO B 122 -10.96 -11.51 -17.18
C PRO B 122 -11.53 -10.61 -18.28
N ASP B 123 -12.80 -10.22 -18.12
CA ASP B 123 -13.58 -9.52 -19.15
C ASP B 123 -13.27 -8.01 -19.17
N LYS B 124 -12.54 -7.51 -18.16
CA LYS B 124 -12.19 -6.09 -18.09
C LYS B 124 -10.75 -5.89 -18.62
N ILE B 125 -10.53 -4.72 -19.24
CA ILE B 125 -9.28 -4.35 -19.92
C ILE B 125 -8.11 -4.37 -18.93
N GLU B 126 -8.36 -3.97 -17.68
CA GLU B 126 -7.37 -3.89 -16.63
C GLU B 126 -6.87 -5.30 -16.27
N GLY B 127 -7.78 -6.27 -16.28
CA GLY B 127 -7.43 -7.66 -16.02
C GLY B 127 -6.69 -8.30 -17.17
N ILE B 128 -7.15 -8.07 -18.40
CA ILE B 128 -6.45 -8.46 -19.61
C ILE B 128 -5.01 -7.94 -19.54
N THR B 129 -4.85 -6.69 -19.12
CA THR B 129 -3.56 -6.02 -19.12
C THR B 129 -2.65 -6.71 -18.09
N HIS B 130 -3.21 -7.00 -16.91
CA HIS B 130 -2.45 -7.67 -15.87
C HIS B 130 -2.01 -9.07 -16.35
N LYS B 131 -2.91 -9.80 -17.01
CA LYS B 131 -2.63 -11.18 -17.44
C LYS B 131 -1.66 -11.19 -18.63
N LEU B 132 -1.67 -10.14 -19.45
CA LEU B 132 -0.69 -9.97 -20.51
C LEU B 132 0.71 -9.86 -19.89
N GLY B 133 0.80 -9.07 -18.81
CA GLY B 133 2.00 -8.97 -17.98
C GLY B 133 2.48 -10.32 -17.47
N GLU B 134 1.58 -11.09 -16.86
CA GLU B 134 1.90 -12.43 -16.36
C GLU B 134 2.56 -13.26 -17.48
N VAL B 135 1.92 -13.30 -18.65
CA VAL B 135 2.41 -14.08 -19.77
C VAL B 135 3.77 -13.55 -20.22
N ILE B 136 3.94 -12.23 -20.27
CA ILE B 136 5.20 -11.64 -20.68
C ILE B 136 6.30 -12.14 -19.74
N MET B 137 6.08 -12.08 -18.42
CA MET B 137 7.12 -12.39 -17.44
C MET B 137 7.34 -13.91 -17.33
N GLN B 138 6.26 -14.67 -17.40
CA GLN B 138 6.32 -16.11 -17.46
C GLN B 138 7.17 -16.55 -18.67
N THR B 139 6.95 -15.92 -19.82
CA THR B 139 7.72 -16.23 -21.01
C THR B 139 9.20 -15.92 -20.76
N LYS B 140 9.46 -14.73 -20.19
CA LYS B 140 10.83 -14.25 -20.00
C LYS B 140 11.68 -15.30 -19.27
N ILE B 141 11.11 -15.93 -18.24
CA ILE B 141 11.86 -16.84 -17.36
C ILE B 141 11.98 -18.24 -17.98
N GLY B 142 11.45 -18.44 -19.20
CA GLY B 142 11.58 -19.70 -19.94
C GLY B 142 10.29 -20.50 -20.03
N GLY B 143 9.18 -19.90 -19.57
CA GLY B 143 7.92 -20.61 -19.41
C GLY B 143 7.21 -20.89 -20.72
N GLY B 144 6.57 -22.06 -20.81
CA GLY B 144 5.45 -22.31 -21.74
C GLY B 144 4.18 -21.76 -21.13
N THR B 145 3.32 -21.14 -21.95
CA THR B 145 2.21 -20.37 -21.44
C THR B 145 0.90 -20.74 -22.16
N SER B 146 -0.21 -20.33 -21.55
CA SER B 146 -1.55 -20.65 -22.03
C SER B 146 -2.53 -19.70 -21.34
N GLY B 147 -3.71 -19.55 -21.94
CA GLY B 147 -4.75 -18.68 -21.40
C GLY B 147 -6.14 -19.16 -21.76
N TYR B 148 -7.09 -18.98 -20.85
CA TYR B 148 -8.51 -19.17 -21.15
C TYR B 148 -9.14 -17.80 -21.39
N PHE B 149 -9.80 -17.66 -22.55
CA PHE B 149 -10.38 -16.40 -23.06
C PHE B 149 -11.93 -16.47 -23.14
N GLY B 150 -12.54 -17.49 -22.54
CA GLY B 150 -13.97 -17.75 -22.74
C GLY B 150 -14.89 -16.76 -22.03
N GLU B 151 -14.33 -16.03 -21.07
CA GLU B 151 -15.05 -15.03 -20.29
C GLU B 151 -15.17 -13.71 -21.06
N LEU B 152 -14.36 -13.53 -22.12
CA LEU B 152 -14.30 -12.24 -22.84
C LEU B 152 -15.57 -12.06 -23.67
N ARG B 153 -16.10 -10.83 -23.62
CA ARG B 153 -17.16 -10.28 -24.49
C ARG B 153 -16.88 -10.64 -25.96
N GLU B 154 -17.94 -11.00 -26.68
CA GLU B 154 -17.88 -11.16 -28.13
C GLU B 154 -17.73 -9.76 -28.76
N ARG B 155 -17.35 -9.72 -30.05
CA ARG B 155 -17.20 -8.48 -30.82
C ARG B 155 -18.56 -7.76 -30.90
N GLY B 156 -18.56 -6.45 -30.62
CA GLY B 156 -19.75 -5.59 -30.66
C GLY B 156 -20.60 -5.71 -29.41
N SER B 157 -20.04 -5.27 -28.27
CA SER B 157 -20.69 -5.30 -26.96
C SER B 157 -20.31 -4.06 -26.16
N ALA B 158 -21.13 -3.73 -25.15
CA ALA B 158 -20.94 -2.54 -24.33
C ALA B 158 -19.64 -2.63 -23.52
N SER B 166 -15.04 -5.30 -30.01
CA SER B 166 -13.64 -5.65 -30.28
C SER B 166 -13.48 -7.18 -30.30
N GLY B 167 -13.80 -7.85 -29.18
CA GLY B 167 -13.97 -9.30 -29.16
C GLY B 167 -12.75 -10.05 -28.61
N ALA B 168 -12.96 -11.34 -28.35
CA ALA B 168 -11.98 -12.18 -27.64
C ALA B 168 -10.74 -12.40 -28.51
N VAL B 169 -10.96 -12.63 -29.80
CA VAL B 169 -9.88 -12.93 -30.75
C VAL B 169 -8.99 -11.69 -30.92
N SER B 170 -9.64 -10.53 -31.01
CA SER B 170 -8.97 -9.25 -31.15
C SER B 170 -7.91 -9.05 -30.05
N PHE B 171 -8.26 -9.44 -28.81
CA PHE B 171 -7.35 -9.29 -27.65
C PHE B 171 -6.24 -10.35 -27.68
N MET B 172 -6.46 -11.47 -28.38
CA MET B 172 -5.42 -12.51 -28.49
C MET B 172 -4.22 -11.97 -29.27
N LYS B 173 -4.41 -10.92 -30.08
CA LYS B 173 -3.35 -10.29 -30.86
C LYS B 173 -2.26 -9.72 -29.94
N LEU B 174 -2.65 -9.17 -28.79
CA LEU B 174 -1.67 -8.68 -27.81
C LEU B 174 -0.73 -9.81 -27.40
N PHE B 175 -1.31 -10.96 -27.09
CA PHE B 175 -0.59 -12.14 -26.64
C PHE B 175 0.25 -12.71 -27.79
N ASP B 176 -0.27 -12.59 -29.01
CA ASP B 176 0.44 -13.01 -30.22
C ASP B 176 1.71 -12.17 -30.41
N THR B 177 1.57 -10.85 -30.23
CA THR B 177 2.69 -9.92 -30.42
C THR B 177 3.76 -10.12 -29.35
N ALA B 178 3.32 -10.37 -28.11
CA ALA B 178 4.21 -10.62 -26.99
C ALA B 178 5.08 -11.86 -27.27
N MET B 179 4.47 -12.91 -27.84
CA MET B 179 5.19 -14.14 -28.18
C MET B 179 6.24 -13.84 -29.25
N ASP B 180 5.95 -12.89 -30.14
CA ASP B 180 6.84 -12.54 -31.25
C ASP B 180 7.96 -11.61 -30.77
N THR B 181 7.88 -11.10 -29.54
CA THR B 181 8.71 -10.00 -29.06
C THR B 181 9.74 -10.47 -28.03
N ILE B 182 9.29 -11.29 -27.07
CA ILE B 182 10.00 -11.51 -25.80
C ILE B 182 10.89 -12.76 -25.90
N ARG B 189 10.77 -17.80 -29.48
CA ARG B 189 11.26 -18.84 -28.58
C ARG B 189 10.31 -19.02 -27.40
N GLY B 190 9.18 -18.31 -27.43
CA GLY B 190 8.07 -18.53 -26.50
C GLY B 190 6.97 -19.35 -27.16
N ALA B 191 6.08 -19.91 -26.34
CA ALA B 191 4.97 -20.68 -26.83
C ALA B 191 3.74 -20.45 -25.94
N PHE B 192 2.63 -20.07 -26.57
CA PHE B 192 1.39 -19.77 -25.88
C PHE B 192 0.23 -20.43 -26.61
N ALA B 193 -0.61 -21.14 -25.83
CA ALA B 193 -1.81 -21.77 -26.32
C ALA B 193 -3.02 -21.01 -25.80
N ALA B 194 -3.81 -20.45 -26.71
CA ALA B 194 -5.05 -19.76 -26.37
C ALA B 194 -6.22 -20.74 -26.41
N TYR B 195 -7.07 -20.72 -25.38
CA TYR B 195 -8.21 -21.64 -25.31
C TYR B 195 -9.50 -20.84 -25.33
N LEU B 196 -10.44 -21.27 -26.18
CA LEU B 196 -11.77 -20.66 -26.25
C LEU B 196 -12.83 -21.77 -26.33
N ASP B 197 -13.97 -21.53 -25.70
CA ASP B 197 -15.12 -22.44 -25.74
C ASP B 197 -15.69 -22.46 -27.16
N ILE B 198 -16.23 -23.62 -27.57
CA ILE B 198 -16.75 -23.86 -28.94
C ILE B 198 -18.08 -23.12 -29.15
N ASP B 199 -18.84 -22.89 -28.05
CA ASP B 199 -20.14 -22.20 -28.11
C ASP B 199 -19.95 -20.70 -27.86
N HIS B 200 -18.69 -20.22 -27.95
CA HIS B 200 -18.40 -18.80 -27.90
C HIS B 200 -18.72 -18.17 -29.25
N PRO B 201 -19.35 -16.96 -29.30
CA PRO B 201 -19.70 -16.34 -30.58
C PRO B 201 -18.56 -16.10 -31.58
N ASP B 202 -17.31 -15.94 -31.09
CA ASP B 202 -16.17 -15.60 -31.94
C ASP B 202 -15.41 -16.88 -32.36
N ILE B 203 -16.02 -18.05 -32.15
CA ILE B 203 -15.39 -19.34 -32.46
C ILE B 203 -14.95 -19.42 -33.93
N GLU B 204 -15.76 -18.91 -34.87
CA GLU B 204 -15.44 -19.03 -36.31
C GLU B 204 -14.17 -18.22 -36.61
N GLU B 205 -14.09 -17.03 -36.02
CA GLU B 205 -12.91 -16.19 -36.07
C GLU B 205 -11.72 -16.94 -35.44
N PHE B 206 -11.97 -17.59 -34.30
CA PHE B 206 -10.94 -18.27 -33.51
C PHE B 206 -10.30 -19.42 -34.30
N LEU B 207 -11.10 -20.11 -35.13
CA LEU B 207 -10.66 -21.29 -35.89
C LEU B 207 -9.77 -20.89 -37.07
N LYS B 208 -9.82 -19.62 -37.48
CA LYS B 208 -9.04 -19.12 -38.61
C LYS B 208 -7.57 -18.86 -38.21
N ILE B 209 -7.30 -18.76 -36.89
CA ILE B 209 -5.96 -18.51 -36.36
C ILE B 209 -4.97 -19.49 -37.00
N LYS B 210 -3.84 -18.95 -37.49
CA LYS B 210 -2.73 -19.69 -38.13
C LYS B 210 -3.11 -20.13 -39.54
N SER B 211 -4.18 -19.57 -40.12
CA SER B 211 -4.44 -19.68 -41.55
C SER B 211 -3.44 -18.79 -42.30
N ILE B 212 -3.26 -19.06 -43.58
CA ILE B 212 -2.51 -18.17 -44.46
C ILE B 212 -3.33 -16.87 -44.53
N GLY B 213 -2.68 -15.75 -44.20
CA GLY B 213 -3.31 -14.42 -44.25
C GLY B 213 -3.66 -13.89 -42.87
N ASN B 214 -3.97 -14.79 -41.93
CA ASN B 214 -4.53 -14.42 -40.61
C ASN B 214 -3.49 -13.66 -39.79
N PRO B 215 -3.86 -12.54 -39.15
CA PRO B 215 -2.91 -11.73 -38.38
C PRO B 215 -2.28 -12.41 -37.16
N ILE B 216 -2.83 -13.55 -36.71
CA ILE B 216 -2.28 -14.34 -35.58
C ILE B 216 -1.58 -15.59 -36.12
N GLN B 217 -0.25 -15.62 -35.99
CA GLN B 217 0.58 -16.69 -36.53
C GLN B 217 1.39 -17.39 -35.43
N ASN B 218 1.46 -16.80 -34.23
CA ASN B 218 2.37 -17.27 -33.16
C ASN B 218 1.64 -18.09 -32.07
N LEU B 219 0.29 -18.09 -32.07
CA LEU B 219 -0.48 -18.70 -30.97
C LEU B 219 -0.96 -20.08 -31.37
N PHE B 220 -0.81 -21.05 -30.47
CA PHE B 220 -1.47 -22.33 -30.58
C PHE B 220 -2.88 -22.19 -30.02
N THR B 221 -3.77 -23.10 -30.43
CA THR B 221 -5.17 -22.99 -30.02
C THR B 221 -5.69 -24.33 -29.53
N GLY B 222 -6.66 -24.24 -28.63
CA GLY B 222 -7.48 -25.34 -28.17
C GLY B 222 -8.89 -24.87 -27.94
N ILE B 223 -9.86 -25.76 -28.20
CA ILE B 223 -11.26 -25.44 -28.02
C ILE B 223 -11.82 -26.31 -26.89
N CYS B 224 -12.69 -25.71 -26.08
CA CYS B 224 -13.31 -26.37 -24.95
C CYS B 224 -14.74 -26.79 -25.35
N VAL B 225 -14.96 -28.10 -25.43
CA VAL B 225 -16.19 -28.69 -25.95
C VAL B 225 -16.95 -29.40 -24.83
N PRO B 226 -18.07 -28.83 -24.34
CA PRO B 226 -18.89 -29.49 -23.33
C PRO B 226 -19.78 -30.59 -23.94
N ASP B 227 -20.29 -31.46 -23.06
CA ASP B 227 -21.14 -32.60 -23.38
C ASP B 227 -22.41 -32.16 -24.14
N TYR B 228 -23.16 -31.21 -23.57
CA TYR B 228 -24.42 -30.73 -24.16
C TYR B 228 -24.20 -30.40 -25.63
N TRP B 229 -23.09 -29.72 -25.93
CA TRP B 229 -22.80 -29.24 -27.28
C TRP B 229 -22.60 -30.43 -28.21
N MET B 230 -21.86 -31.41 -27.70
CA MET B 230 -21.48 -32.63 -28.39
C MET B 230 -22.73 -33.44 -28.75
N GLN B 231 -23.64 -33.64 -27.77
CA GLN B 231 -24.87 -34.44 -27.97
C GLN B 231 -25.79 -33.78 -29.01
N GLU B 232 -26.02 -32.47 -28.86
CA GLU B 232 -26.89 -31.71 -29.75
C GLU B 232 -26.33 -31.77 -31.19
N MET B 233 -25.01 -31.89 -31.31
CA MET B 233 -24.32 -31.99 -32.60
C MET B 233 -24.54 -33.39 -33.22
N ILE B 234 -24.48 -34.43 -32.39
CA ILE B 234 -24.77 -35.80 -32.77
C ILE B 234 -26.25 -35.89 -33.20
N ASP B 235 -27.14 -35.31 -32.39
CA ASP B 235 -28.59 -35.37 -32.59
C ASP B 235 -29.05 -34.54 -33.80
N GLY B 236 -28.16 -33.74 -34.41
CA GLY B 236 -28.37 -33.18 -35.75
C GLY B 236 -28.54 -31.67 -35.80
N ASP B 237 -27.99 -30.93 -34.84
CA ASP B 237 -27.98 -29.45 -34.86
C ASP B 237 -27.09 -28.98 -36.03
N ALA B 238 -27.69 -28.28 -36.99
CA ALA B 238 -27.01 -27.92 -38.25
C ALA B 238 -25.93 -26.85 -38.02
N ASP B 239 -26.22 -25.88 -37.14
CA ASP B 239 -25.27 -24.81 -36.79
C ASP B 239 -23.98 -25.43 -36.22
N LYS B 240 -24.15 -26.33 -35.25
CA LYS B 240 -23.06 -26.96 -34.53
C LYS B 240 -22.25 -27.88 -35.45
N ARG B 241 -22.93 -28.55 -36.40
CA ARG B 241 -22.27 -29.52 -37.30
C ARG B 241 -21.32 -28.80 -38.26
N GLN B 242 -21.71 -27.59 -38.70
CA GLN B 242 -20.89 -26.76 -39.60
C GLN B 242 -19.65 -26.26 -38.84
N ILE B 243 -19.83 -25.90 -37.57
CA ILE B 243 -18.72 -25.51 -36.70
C ILE B 243 -17.78 -26.71 -36.54
N TRP B 244 -18.37 -27.89 -36.25
CA TRP B 244 -17.62 -29.13 -36.01
C TRP B 244 -16.83 -29.56 -37.26
N ALA B 245 -17.45 -29.46 -38.43
CA ALA B 245 -16.78 -29.77 -39.70
C ALA B 245 -15.59 -28.82 -39.92
N LYS B 246 -15.70 -27.58 -39.43
CA LYS B 246 -14.65 -26.58 -39.53
C LYS B 246 -13.48 -26.96 -38.61
N VAL B 247 -13.81 -27.50 -37.43
CA VAL B 247 -12.83 -27.95 -36.44
C VAL B 247 -12.03 -29.11 -37.04
N LEU B 248 -12.75 -30.12 -37.56
CA LEU B 248 -12.13 -31.31 -38.16
C LEU B 248 -11.29 -30.91 -39.38
N GLU B 249 -11.76 -29.91 -40.12
CA GLU B 249 -11.13 -29.38 -41.32
C GLU B 249 -9.83 -28.68 -40.91
N SER B 250 -9.91 -27.90 -39.84
CA SER B 250 -8.76 -27.18 -39.28
C SER B 250 -7.69 -28.16 -38.80
N ARG B 251 -8.12 -29.25 -38.15
CA ARG B 251 -7.19 -30.22 -37.56
C ARG B 251 -6.52 -31.07 -38.66
N GLN B 252 -7.24 -31.29 -39.77
CA GLN B 252 -6.69 -31.93 -40.94
C GLN B 252 -5.54 -31.09 -41.51
N GLN B 253 -5.81 -29.80 -41.73
CA GLN B 253 -4.93 -28.86 -42.44
C GLN B 253 -3.72 -28.48 -41.59
N LYS B 254 -3.96 -28.05 -40.35
CA LYS B 254 -2.96 -27.33 -39.51
C LYS B 254 -2.56 -28.12 -38.25
N GLY B 255 -3.29 -29.19 -37.92
CA GLY B 255 -3.07 -30.00 -36.72
C GLY B 255 -3.81 -29.50 -35.49
N LEU B 256 -4.43 -28.32 -35.59
CA LEU B 256 -5.03 -27.51 -34.50
C LEU B 256 -6.48 -27.20 -34.85
N PRO B 257 -7.33 -26.95 -33.84
CA PRO B 257 -6.97 -26.76 -32.45
C PRO B 257 -6.92 -28.07 -31.64
N TYR B 258 -6.37 -27.99 -30.43
CA TYR B 258 -6.51 -29.06 -29.46
C TYR B 258 -7.98 -29.11 -29.03
N ILE B 259 -8.44 -30.28 -28.58
CA ILE B 259 -9.76 -30.44 -28.05
C ILE B 259 -9.63 -30.61 -26.54
N PHE B 260 -10.43 -29.83 -25.80
CA PHE B 260 -10.56 -29.93 -24.37
C PHE B 260 -12.01 -30.31 -24.09
N PHE B 261 -12.24 -31.55 -23.64
CA PHE B 261 -13.59 -32.01 -23.33
C PHE B 261 -13.94 -31.60 -21.89
N SER B 262 -14.52 -30.39 -21.77
CA SER B 262 -14.74 -29.66 -20.51
C SER B 262 -15.36 -30.53 -19.41
N ASP B 263 -16.32 -31.38 -19.79
CA ASP B 263 -17.11 -32.11 -18.83
C ASP B 263 -16.39 -33.40 -18.41
N ASN B 264 -15.63 -34.00 -19.32
CA ASN B 264 -14.77 -35.11 -18.99
C ASN B 264 -13.68 -34.63 -18.01
N VAL B 265 -13.16 -33.42 -18.22
CA VAL B 265 -12.13 -32.84 -17.39
C VAL B 265 -12.70 -32.56 -15.99
N ASN B 266 -13.90 -32.00 -15.91
CA ASN B 266 -14.46 -31.56 -14.63
C ASN B 266 -15.16 -32.73 -13.89
N LYS B 267 -15.78 -33.66 -14.63
CA LYS B 267 -16.33 -34.92 -14.03
C LYS B 267 -15.28 -35.63 -13.15
N ASN B 268 -14.05 -35.72 -13.68
CA ASN B 268 -13.00 -36.58 -13.14
C ASN B 268 -11.81 -35.75 -12.66
N LYS B 269 -12.08 -34.78 -11.78
CA LYS B 269 -11.05 -33.96 -11.17
C LYS B 269 -11.08 -34.24 -9.67
N PRO B 270 -10.02 -33.87 -8.92
CA PRO B 270 -9.98 -34.12 -7.48
C PRO B 270 -11.25 -33.60 -6.77
N GLN B 271 -11.76 -34.42 -5.85
CA GLN B 271 -12.94 -34.11 -5.09
C GLN B 271 -12.86 -32.65 -4.57
N VAL B 272 -11.67 -32.22 -4.14
CA VAL B 272 -11.58 -30.94 -3.46
C VAL B 272 -12.03 -29.80 -4.40
N TYR B 273 -11.75 -29.94 -5.70
CA TYR B 273 -12.13 -28.92 -6.69
C TYR B 273 -13.65 -28.93 -6.90
N LYS B 274 -14.28 -30.12 -6.81
CA LYS B 274 -15.75 -30.21 -6.83
C LYS B 274 -16.36 -29.52 -5.59
N ASP B 275 -15.82 -29.84 -4.42
CA ASP B 275 -16.34 -29.32 -3.14
C ASP B 275 -16.26 -27.78 -3.09
N GLN B 276 -15.22 -27.20 -3.69
CA GLN B 276 -15.00 -25.74 -3.66
C GLN B 276 -15.50 -25.08 -4.96
N ASN B 277 -16.02 -25.89 -5.89
CA ASN B 277 -16.61 -25.42 -7.15
C ASN B 277 -15.59 -24.56 -7.91
N LEU B 278 -14.36 -25.08 -8.06
CA LEU B 278 -13.32 -24.47 -8.88
C LEU B 278 -13.30 -25.21 -10.22
N ARG B 279 -13.75 -24.54 -11.28
CA ARG B 279 -13.86 -25.15 -12.61
C ARG B 279 -12.48 -25.15 -13.29
N ILE B 280 -12.15 -26.25 -13.97
CA ILE B 280 -11.04 -26.26 -14.90
C ILE B 280 -11.59 -25.85 -16.26
N ASN B 281 -11.17 -24.68 -16.73
CA ASN B 281 -11.74 -24.02 -17.90
C ASN B 281 -10.94 -24.32 -19.16
N ALA B 282 -9.65 -24.64 -18.99
CA ALA B 282 -8.74 -24.87 -20.12
C ALA B 282 -7.54 -25.69 -19.64
N SER B 283 -6.71 -26.10 -20.60
CA SER B 283 -5.48 -26.80 -20.30
C SER B 283 -4.26 -25.90 -20.59
N ASN B 284 -3.06 -26.50 -20.63
CA ASN B 284 -1.80 -25.81 -20.82
C ASN B 284 -1.40 -25.90 -22.30
N LEU B 285 -0.14 -25.52 -22.59
CA LEU B 285 0.42 -25.48 -23.94
C LEU B 285 0.40 -26.87 -24.59
N CYS B 286 0.64 -27.93 -23.81
CA CYS B 286 0.73 -29.30 -24.35
C CYS B 286 -0.52 -30.14 -24.06
N SER B 287 -1.49 -29.56 -23.35
CA SER B 287 -2.88 -30.02 -23.26
C SER B 287 -3.04 -31.19 -22.29
N GLU B 288 -2.08 -31.39 -21.37
CA GLU B 288 -2.13 -32.47 -20.39
C GLU B 288 -2.38 -31.96 -18.96
N ILE B 289 -2.23 -30.64 -18.70
CA ILE B 289 -2.38 -30.13 -17.34
C ILE B 289 -3.84 -29.73 -17.14
N MET B 290 -4.42 -30.11 -16.01
CA MET B 290 -5.85 -29.96 -15.78
C MET B 290 -6.07 -29.38 -14.38
N LEU B 291 -5.88 -28.06 -14.29
CA LEU B 291 -5.94 -27.35 -13.04
C LEU B 291 -6.80 -26.10 -13.23
N PRO B 292 -7.39 -25.54 -12.13
CA PRO B 292 -8.20 -24.34 -12.20
C PRO B 292 -7.41 -23.03 -12.04
N SER B 293 -7.61 -22.09 -12.96
CA SER B 293 -7.07 -20.74 -12.91
C SER B 293 -8.20 -19.74 -12.64
N THR B 294 -7.91 -18.72 -11.83
CA THR B 294 -8.90 -17.73 -11.45
C THR B 294 -8.28 -16.34 -11.66
N HIS B 295 -9.03 -15.30 -11.30
CA HIS B 295 -8.58 -13.90 -11.44
C HIS B 295 -7.23 -13.72 -10.73
N ASP B 296 -7.05 -14.35 -9.56
CA ASP B 296 -5.88 -14.14 -8.68
C ASP B 296 -5.00 -15.39 -8.55
N GLU B 297 -5.36 -16.49 -9.23
CA GLU B 297 -4.58 -17.73 -9.23
C GLU B 297 -4.31 -18.17 -10.67
N SER B 298 -3.02 -18.32 -10.99
CA SER B 298 -2.59 -18.78 -12.29
C SER B 298 -1.94 -20.14 -12.11
N PHE B 299 -2.48 -21.18 -12.77
CA PHE B 299 -2.04 -22.52 -12.46
C PHE B 299 -0.64 -22.71 -13.03
N ILE B 300 0.07 -23.61 -12.35
CA ILE B 300 1.47 -23.83 -12.48
C ILE B 300 1.70 -25.28 -12.10
N CYS B 301 2.64 -25.95 -12.75
CA CYS B 301 2.88 -27.37 -12.51
C CYS B 301 4.35 -27.72 -12.77
N CYS B 302 4.90 -28.60 -11.92
CA CYS B 302 6.22 -29.18 -12.11
C CYS B 302 6.07 -30.60 -12.67
N LEU B 303 6.81 -30.85 -13.75
CA LEU B 303 6.77 -32.08 -14.51
C LEU B 303 8.04 -32.90 -14.25
N SER B 304 7.84 -34.22 -14.16
CA SER B 304 8.88 -35.22 -14.29
C SER B 304 8.20 -36.50 -14.75
N SER B 305 8.98 -37.46 -15.25
CA SER B 305 8.41 -38.68 -15.82
C SER B 305 9.15 -39.91 -15.27
N MET B 306 8.37 -40.95 -14.95
CA MET B 306 8.90 -42.29 -14.65
C MET B 306 9.15 -42.99 -16.00
N ASN B 307 10.28 -43.67 -16.10
CA ASN B 307 10.70 -44.33 -17.32
C ASN B 307 10.19 -45.77 -17.27
N LEU B 308 9.11 -46.05 -18.01
CA LEU B 308 8.45 -47.34 -17.98
C LEU B 308 9.32 -48.42 -18.64
N GLU B 309 10.24 -48.04 -19.54
CA GLU B 309 11.12 -49.02 -20.15
C GLU B 309 11.86 -49.83 -19.08
N LEU B 310 12.15 -49.20 -17.94
CA LEU B 310 12.86 -49.83 -16.84
C LEU B 310 11.90 -50.11 -15.68
N TYR B 311 10.61 -50.25 -15.98
CA TYR B 311 9.61 -50.55 -14.96
C TYR B 311 10.08 -51.68 -14.04
N GLU B 312 10.59 -52.77 -14.63
CA GLU B 312 10.95 -53.97 -13.87
C GLU B 312 12.08 -53.65 -12.88
N GLU B 313 12.96 -52.70 -13.22
CA GLU B 313 14.04 -52.31 -12.33
C GLU B 313 13.48 -51.60 -11.09
N TRP B 314 12.52 -50.66 -11.24
CA TRP B 314 12.21 -49.76 -10.10
C TRP B 314 10.84 -50.03 -9.46
N LYS B 315 10.04 -50.95 -10.03
CA LYS B 315 8.63 -51.12 -9.63
C LYS B 315 8.48 -51.52 -8.15
N ASP B 316 9.47 -52.23 -7.59
CA ASP B 316 9.38 -52.69 -6.19
C ASP B 316 10.34 -51.89 -5.31
N THR B 317 10.51 -50.59 -5.59
CA THR B 317 11.29 -49.66 -4.78
C THR B 317 10.41 -48.47 -4.40
N GLU B 318 10.99 -47.52 -3.66
CA GLU B 318 10.30 -46.30 -3.27
C GLU B 318 10.46 -45.21 -4.34
N ALA B 319 10.69 -45.61 -5.60
CA ALA B 319 11.01 -44.68 -6.69
C ALA B 319 9.90 -43.65 -6.89
N VAL B 320 8.64 -44.13 -7.01
CA VAL B 320 7.52 -43.22 -7.25
C VAL B 320 7.42 -42.23 -6.08
N LYS B 321 7.58 -42.73 -4.84
CA LYS B 321 7.49 -41.92 -3.64
C LYS B 321 8.50 -40.77 -3.69
N LEU B 322 9.76 -41.09 -4.00
CA LEU B 322 10.83 -40.10 -4.05
C LEU B 322 10.61 -39.12 -5.22
N ALA B 323 10.04 -39.60 -6.33
CA ALA B 323 9.70 -38.74 -7.47
C ALA B 323 8.73 -37.64 -7.04
N ILE B 324 7.73 -38.02 -6.22
CA ILE B 324 6.71 -37.11 -5.71
C ILE B 324 7.34 -36.16 -4.68
N PHE B 325 8.17 -36.69 -3.79
CA PHE B 325 8.93 -35.86 -2.85
C PHE B 325 9.81 -34.88 -3.63
N PHE B 326 10.41 -35.37 -4.71
CA PHE B 326 11.29 -34.57 -5.53
C PHE B 326 10.49 -33.42 -6.14
N LEU B 327 9.30 -33.71 -6.66
CA LEU B 327 8.50 -32.71 -7.35
C LEU B 327 7.96 -31.69 -6.35
N ASP B 328 7.67 -32.14 -5.12
CA ASP B 328 7.21 -31.22 -4.08
C ASP B 328 8.37 -30.26 -3.75
N ALA B 329 9.61 -30.76 -3.82
CA ALA B 329 10.80 -29.95 -3.58
C ALA B 329 10.96 -28.89 -4.68
N VAL B 330 10.79 -29.29 -5.94
CA VAL B 330 10.92 -28.37 -7.07
C VAL B 330 9.90 -27.23 -6.91
N LEU B 331 8.67 -27.60 -6.58
CA LEU B 331 7.61 -26.63 -6.37
C LEU B 331 7.99 -25.67 -5.23
N GLN B 332 8.54 -26.20 -4.13
CA GLN B 332 8.92 -25.35 -3.00
C GLN B 332 9.99 -24.33 -3.43
N GLU B 333 10.88 -24.73 -4.33
CA GLU B 333 11.98 -23.88 -4.76
C GLU B 333 11.41 -22.72 -5.59
N PHE B 334 10.44 -23.04 -6.47
CA PHE B 334 9.73 -22.05 -7.24
C PHE B 334 9.05 -21.04 -6.30
N ILE B 335 8.35 -21.57 -5.29
CA ILE B 335 7.57 -20.79 -4.36
C ILE B 335 8.49 -19.80 -3.63
N GLU B 336 9.59 -20.28 -3.05
CA GLU B 336 10.48 -19.42 -2.26
C GLU B 336 11.16 -18.38 -3.15
N LYS B 337 11.40 -18.70 -4.42
CA LYS B 337 12.13 -17.81 -5.33
C LYS B 337 11.22 -16.71 -5.91
N THR B 338 9.90 -16.89 -5.82
CA THR B 338 8.92 -15.99 -6.45
C THR B 338 8.18 -15.12 -5.42
N GLU B 339 8.49 -15.25 -4.14
CA GLU B 339 7.97 -14.35 -3.14
C GLU B 339 8.48 -12.95 -3.46
N GLY B 340 7.55 -12.01 -3.70
CA GLY B 340 7.87 -10.63 -3.97
C GLY B 340 7.67 -10.25 -5.44
N ASN B 341 7.69 -11.25 -6.33
CA ASN B 341 7.60 -11.02 -7.77
C ASN B 341 6.15 -10.65 -8.13
N TYR B 342 5.96 -9.39 -8.54
CA TYR B 342 4.65 -8.83 -8.78
C TYR B 342 3.87 -9.69 -9.80
N TYR B 343 4.46 -9.88 -10.99
CA TYR B 343 3.76 -10.50 -12.14
C TYR B 343 3.66 -12.03 -11.96
N LEU B 344 4.42 -12.64 -11.06
CA LEU B 344 4.30 -14.09 -10.83
C LEU B 344 3.47 -14.39 -9.56
N SER B 345 2.87 -13.35 -8.93
CA SER B 345 2.03 -13.48 -7.71
C SER B 345 0.96 -14.56 -7.87
N ALA B 346 0.23 -14.52 -8.99
CA ALA B 346 -0.89 -15.43 -9.19
C ALA B 346 -0.37 -16.86 -9.33
N ALA B 347 0.79 -17.04 -9.97
CA ALA B 347 1.43 -18.34 -10.05
C ALA B 347 1.93 -18.77 -8.66
N ASN B 348 2.54 -17.85 -7.94
CA ASN B 348 3.08 -18.11 -6.64
C ASN B 348 1.94 -18.58 -5.71
N LYS B 349 0.81 -17.88 -5.79
CA LYS B 349 -0.28 -18.10 -4.89
C LYS B 349 -0.95 -19.47 -5.19
N PHE B 350 -1.07 -19.83 -6.47
CA PHE B 350 -1.60 -21.13 -6.85
C PHE B 350 -0.74 -22.25 -6.27
N ALA B 351 0.58 -22.14 -6.48
CA ALA B 351 1.54 -23.13 -6.05
C ALA B 351 1.38 -23.39 -4.54
N LYS B 352 1.26 -22.31 -3.77
CA LYS B 352 1.21 -22.39 -2.31
C LYS B 352 -0.08 -23.06 -1.84
N ARG B 353 -1.20 -22.79 -2.53
CA ARG B 353 -2.51 -23.20 -2.04
C ARG B 353 -2.85 -24.61 -2.53
N HIS B 354 -2.38 -25.00 -3.72
CA HIS B 354 -2.74 -26.26 -4.39
C HIS B 354 -1.62 -27.30 -4.33
N ARG B 355 -0.37 -26.83 -4.46
CA ARG B 355 0.81 -27.63 -4.65
C ARG B 355 0.56 -28.74 -5.69
N ALA B 356 -0.03 -28.39 -6.84
CA ALA B 356 -0.27 -29.36 -7.91
C ALA B 356 1.08 -29.85 -8.46
N LEU B 357 1.21 -31.19 -8.52
CA LEU B 357 2.34 -31.89 -9.12
C LEU B 357 1.83 -32.64 -10.36
N GLY B 358 2.77 -32.92 -11.28
CA GLY B 358 2.48 -33.59 -12.56
C GLY B 358 3.56 -34.61 -12.92
N LEU B 359 3.50 -35.76 -12.23
CA LEU B 359 4.37 -36.90 -12.52
C LEU B 359 3.77 -37.67 -13.69
N GLY B 360 4.57 -37.88 -14.75
CA GLY B 360 4.16 -38.56 -15.96
C GLY B 360 4.93 -39.85 -16.19
N VAL B 361 4.87 -40.33 -17.43
CA VAL B 361 5.63 -41.49 -17.87
C VAL B 361 6.24 -41.22 -19.26
N LEU B 362 7.26 -42.01 -19.59
CA LEU B 362 7.73 -42.15 -20.95
C LEU B 362 8.14 -43.61 -21.17
N GLY B 363 8.44 -43.95 -22.42
CA GLY B 363 8.90 -45.25 -22.81
C GLY B 363 7.83 -46.33 -22.69
N TRP B 364 6.55 -45.99 -22.87
CA TRP B 364 5.49 -46.97 -22.74
C TRP B 364 5.59 -48.01 -23.86
N HIS B 365 5.68 -47.57 -25.12
CA HIS B 365 5.87 -48.49 -26.25
C HIS B 365 7.16 -49.31 -26.08
N SER B 366 8.23 -48.66 -25.61
CA SER B 366 9.49 -49.38 -25.42
C SER B 366 9.30 -50.53 -24.43
N TYR B 367 8.57 -50.29 -23.33
CA TYR B 367 8.30 -51.34 -22.34
C TYR B 367 7.53 -52.49 -23.01
N LEU B 368 6.49 -52.18 -23.79
CA LEU B 368 5.72 -53.20 -24.50
C LEU B 368 6.65 -54.05 -25.37
N GLN B 369 7.44 -53.38 -26.23
CA GLN B 369 8.32 -54.03 -27.22
C GLN B 369 9.41 -54.85 -26.49
N LYS B 370 9.82 -54.39 -25.32
CA LYS B 370 10.81 -55.09 -24.52
C LYS B 370 10.25 -56.44 -24.05
N ASN B 371 8.92 -56.53 -23.90
CA ASN B 371 8.23 -57.72 -23.38
C ASN B 371 7.46 -58.45 -24.49
N MET B 372 7.63 -57.99 -25.73
CA MET B 372 6.98 -58.57 -26.94
C MET B 372 5.46 -58.52 -26.82
N ILE B 373 4.95 -57.50 -26.15
CA ILE B 373 3.52 -57.21 -26.08
C ILE B 373 3.19 -56.23 -27.20
N PRO B 374 2.24 -56.55 -28.11
CA PRO B 374 1.76 -55.56 -29.10
C PRO B 374 0.95 -54.42 -28.47
N PHE B 375 0.93 -53.26 -29.14
CA PHE B 375 0.29 -52.05 -28.65
C PHE B 375 -1.23 -52.26 -28.62
N GLU B 376 -1.78 -52.78 -29.72
CA GLU B 376 -3.18 -53.16 -29.83
C GLU B 376 -3.41 -54.44 -29.03
N GLY B 377 -4.68 -54.71 -28.70
CA GLY B 377 -5.09 -55.97 -28.10
C GLY B 377 -5.30 -55.83 -26.61
N MET B 378 -5.69 -56.95 -25.98
CA MET B 378 -6.14 -56.96 -24.60
C MET B 378 -4.95 -56.87 -23.63
N GLU B 379 -3.78 -57.38 -24.03
CA GLU B 379 -2.67 -57.55 -23.09
C GLU B 379 -2.06 -56.19 -22.71
N ALA B 380 -1.99 -55.25 -23.67
CA ALA B 380 -1.48 -53.93 -23.36
C ALA B 380 -2.47 -53.17 -22.48
N LYS B 381 -3.76 -53.39 -22.71
CA LYS B 381 -4.86 -52.74 -21.93
C LYS B 381 -4.76 -53.15 -20.47
N MET B 382 -4.60 -54.46 -20.22
CA MET B 382 -4.50 -54.99 -18.86
C MET B 382 -3.19 -54.54 -18.21
N LYS B 383 -2.12 -54.46 -19.00
CA LYS B 383 -0.82 -54.01 -18.54
C LYS B 383 -0.89 -52.51 -18.19
N THR B 384 -1.63 -51.74 -19.01
CA THR B 384 -1.99 -50.35 -18.70
C THR B 384 -2.61 -50.25 -17.29
N THR B 385 -3.55 -51.16 -16.99
CA THR B 385 -4.25 -51.17 -15.72
C THR B 385 -3.27 -51.54 -14.60
N GLU B 386 -2.43 -52.55 -14.84
CA GLU B 386 -1.46 -53.00 -13.86
C GLU B 386 -0.52 -51.85 -13.44
N ILE B 387 0.07 -51.17 -14.42
CA ILE B 387 1.16 -50.25 -14.13
C ILE B 387 0.61 -48.93 -13.58
N PHE B 388 -0.51 -48.46 -14.15
CA PHE B 388 -1.04 -47.15 -13.80
C PHE B 388 -1.80 -47.21 -12.47
N LYS B 389 -2.43 -48.36 -12.15
CA LYS B 389 -2.97 -48.58 -10.82
C LYS B 389 -1.83 -48.54 -9.79
N HIS B 390 -0.71 -49.18 -10.14
CA HIS B 390 0.42 -49.30 -9.25
C HIS B 390 1.03 -47.91 -8.95
N ILE B 391 1.34 -47.14 -10.01
CA ILE B 391 2.01 -45.84 -9.88
C ILE B 391 1.08 -44.86 -9.15
N SER B 392 -0.16 -44.72 -9.63
CA SER B 392 -1.11 -43.75 -9.05
C SER B 392 -1.33 -44.03 -7.56
N ASP B 393 -1.43 -45.30 -7.19
CA ASP B 393 -1.62 -45.67 -5.80
C ASP B 393 -0.41 -45.18 -4.99
N LYS B 394 0.80 -45.41 -5.49
CA LYS B 394 2.01 -45.07 -4.76
C LYS B 394 2.19 -43.55 -4.71
N ALA B 395 1.82 -42.85 -5.80
CA ALA B 395 1.90 -41.39 -5.86
C ALA B 395 0.95 -40.78 -4.83
N ASP B 396 -0.26 -41.36 -4.73
CA ASP B 396 -1.30 -40.98 -3.76
C ASP B 396 -0.76 -41.12 -2.32
N LYS B 397 -0.15 -42.26 -2.01
CA LYS B 397 0.41 -42.52 -0.67
C LYS B 397 1.57 -41.55 -0.37
N ALA B 398 2.40 -41.26 -1.39
CA ALA B 398 3.51 -40.33 -1.22
C ALA B 398 2.97 -38.95 -0.84
N SER B 399 1.87 -38.53 -1.48
CA SER B 399 1.27 -37.23 -1.23
C SER B 399 0.71 -37.17 0.20
N GLN B 400 0.15 -38.29 0.65
CA GLN B 400 -0.40 -38.40 2.02
C GLN B 400 0.73 -38.33 3.04
N GLU B 401 1.85 -39.00 2.72
CA GLU B 401 3.04 -38.99 3.54
C GLU B 401 3.56 -37.54 3.64
N LEU B 402 3.58 -36.82 2.51
CA LEU B 402 4.04 -35.43 2.47
C LEU B 402 3.19 -34.57 3.42
N ALA B 403 1.87 -34.82 3.44
CA ALA B 403 0.94 -34.08 4.33
C ALA B 403 1.25 -34.37 5.81
N ARG B 404 1.57 -35.62 6.14
CA ARG B 404 1.86 -35.99 7.52
C ARG B 404 3.10 -35.22 8.00
N ILE B 405 4.13 -35.13 7.14
CA ILE B 405 5.40 -34.51 7.51
C ILE B 405 5.31 -32.97 7.44
N TYR B 406 4.81 -32.42 6.32
CA TYR B 406 4.93 -30.95 6.03
C TYR B 406 3.59 -30.22 6.19
N GLY B 407 2.49 -30.97 6.35
CA GLY B 407 1.16 -30.38 6.51
C GLY B 407 0.46 -30.16 5.17
N GLU B 408 -0.86 -30.04 5.24
CA GLU B 408 -1.70 -29.77 4.09
C GLU B 408 -1.60 -28.27 3.79
N PRO B 409 -1.53 -27.85 2.50
CA PRO B 409 -1.69 -26.44 2.15
C PRO B 409 -3.16 -26.05 2.29
N GLU B 410 -3.47 -24.76 2.23
CA GLU B 410 -4.74 -24.24 2.76
C GLU B 410 -5.95 -24.92 2.10
N LEU B 411 -5.84 -25.25 0.81
CA LEU B 411 -6.98 -25.78 0.07
C LEU B 411 -7.28 -27.24 0.43
N LEU B 412 -6.27 -27.97 0.93
CA LEU B 412 -6.36 -29.41 1.22
C LEU B 412 -6.47 -29.70 2.73
N LYS B 413 -6.83 -28.70 3.54
CA LYS B 413 -7.00 -28.91 4.99
C LYS B 413 -8.18 -29.87 5.21
N GLY B 414 -7.90 -31.04 5.79
CA GLY B 414 -8.91 -32.03 6.09
C GLY B 414 -8.94 -33.16 5.08
N TYR B 415 -8.16 -33.02 4.00
CA TYR B 415 -8.19 -33.92 2.85
C TYR B 415 -7.05 -34.94 2.93
N GLY B 416 -6.04 -34.67 3.75
CA GLY B 416 -5.01 -35.66 4.12
C GLY B 416 -3.89 -35.81 3.09
N ARG B 417 -3.75 -34.85 2.17
CA ARG B 417 -2.75 -34.98 1.13
C ARG B 417 -2.13 -33.61 0.85
N ARG B 418 -0.90 -33.63 0.34
CA ARG B 418 -0.06 -32.45 0.22
C ARG B 418 -0.36 -31.73 -1.10
N ASN B 419 -0.83 -32.50 -2.10
CA ASN B 419 -0.90 -32.06 -3.50
C ASN B 419 -2.31 -32.33 -4.03
N THR B 420 -2.91 -31.33 -4.68
CA THR B 420 -4.25 -31.51 -5.22
C THR B 420 -4.22 -32.56 -6.32
N THR B 421 -3.12 -32.60 -7.08
CA THR B 421 -2.92 -33.54 -8.16
C THR B 421 -1.50 -34.09 -8.03
N THR B 422 -1.29 -35.30 -8.55
CA THR B 422 0.00 -35.96 -8.51
C THR B 422 0.51 -36.26 -9.93
N MET B 423 -0.37 -36.66 -10.86
CA MET B 423 0.08 -37.23 -12.15
C MET B 423 -0.49 -36.48 -13.35
N ALA B 424 0.34 -36.43 -14.40
CA ALA B 424 0.01 -35.88 -15.71
C ALA B 424 1.03 -36.41 -16.71
N ILE B 425 0.59 -36.76 -17.93
CA ILE B 425 1.46 -37.37 -18.93
C ILE B 425 1.75 -36.36 -20.06
N ALA B 426 2.97 -35.82 -20.04
CA ALA B 426 3.41 -34.77 -20.95
C ALA B 426 3.97 -35.40 -22.22
N PRO B 427 4.29 -34.62 -23.28
CA PRO B 427 4.87 -35.19 -24.51
C PRO B 427 6.24 -35.87 -24.36
N THR B 428 7.10 -35.31 -23.51
CA THR B 428 8.42 -35.85 -23.13
C THR B 428 9.30 -36.11 -24.35
N THR B 429 9.18 -35.28 -25.39
CA THR B 429 9.96 -35.44 -26.60
C THR B 429 11.46 -35.43 -26.28
N SER B 430 11.91 -34.49 -25.43
CA SER B 430 13.34 -34.29 -25.14
C SER B 430 13.87 -35.30 -24.11
N SER B 431 13.09 -35.53 -23.05
CA SER B 431 13.45 -36.46 -21.99
C SER B 431 13.62 -37.88 -22.55
N SER B 432 12.71 -38.28 -23.45
CA SER B 432 12.75 -39.57 -24.11
C SER B 432 14.06 -39.71 -24.90
N ALA B 433 14.39 -38.67 -25.67
CA ALA B 433 15.59 -38.72 -26.50
C ALA B 433 16.81 -38.78 -25.59
N ILE B 434 16.82 -37.96 -24.53
CA ILE B 434 17.93 -37.92 -23.57
C ILE B 434 18.21 -39.33 -23.03
N LEU B 435 17.14 -40.11 -22.85
CA LEU B 435 17.16 -41.33 -22.07
C LEU B 435 17.14 -42.54 -23.01
N GLY B 436 18.07 -42.57 -23.96
CA GLY B 436 18.33 -43.76 -24.78
C GLY B 436 17.40 -43.89 -25.97
N GLN B 437 16.81 -42.76 -26.41
CA GLN B 437 15.90 -42.67 -27.58
C GLN B 437 14.68 -43.56 -27.36
N THR B 438 14.15 -43.50 -26.13
CA THR B 438 12.97 -44.24 -25.73
C THR B 438 11.74 -43.66 -26.42
N SER B 439 10.65 -44.44 -26.45
CA SER B 439 9.40 -43.97 -27.00
C SER B 439 8.90 -42.77 -26.19
N PRO B 440 8.31 -41.74 -26.84
CA PRO B 440 7.80 -40.58 -26.13
C PRO B 440 6.48 -40.85 -25.39
N GLY B 441 6.42 -40.42 -24.13
CA GLY B 441 5.22 -40.50 -23.31
C GLY B 441 4.52 -41.84 -23.46
N ILE B 442 3.23 -41.79 -23.78
CA ILE B 442 2.42 -42.99 -24.00
C ILE B 442 2.17 -43.16 -25.50
N GLU B 443 2.84 -42.34 -26.31
CA GLU B 443 2.76 -42.41 -27.77
C GLU B 443 3.58 -43.59 -28.28
N PRO B 444 3.10 -44.34 -29.30
CA PRO B 444 3.92 -45.37 -29.94
C PRO B 444 4.95 -44.70 -30.86
N PHE B 445 6.05 -45.41 -31.16
CA PHE B 445 7.10 -44.94 -32.08
C PHE B 445 6.49 -44.70 -33.46
N SER B 446 6.93 -43.65 -34.13
CA SER B 446 6.54 -43.35 -35.50
C SER B 446 7.13 -44.37 -36.47
N SER B 447 8.34 -44.83 -36.17
CA SER B 447 9.13 -45.63 -37.10
C SER B 447 10.05 -46.58 -36.31
N ASN B 448 10.56 -47.59 -37.01
CA ASN B 448 11.55 -48.51 -36.48
C ASN B 448 12.96 -48.05 -36.90
N TYR B 449 13.03 -47.21 -37.93
CA TYR B 449 14.28 -46.75 -38.53
C TYR B 449 14.09 -45.33 -39.08
N TYR B 450 14.84 -44.36 -38.56
CA TYR B 450 14.76 -42.95 -38.99
C TYR B 450 16.13 -42.26 -38.83
N LYS B 462 17.12 -46.41 -35.22
CA LYS B 462 17.11 -47.88 -35.27
C LYS B 462 16.54 -48.49 -33.98
N ASN B 463 15.34 -49.08 -34.05
CA ASN B 463 14.63 -49.65 -32.89
C ASN B 463 15.46 -50.79 -32.25
N LYS B 464 15.83 -50.57 -30.99
CA LYS B 464 16.72 -51.43 -30.18
C LYS B 464 16.14 -52.85 -30.04
N TYR B 465 14.83 -52.98 -29.76
CA TYR B 465 14.20 -54.29 -29.48
C TYR B 465 13.93 -55.04 -30.78
N LEU B 466 13.69 -54.30 -31.89
CA LEU B 466 13.65 -54.91 -33.21
C LEU B 466 15.03 -55.49 -33.57
N LYS B 467 16.10 -54.73 -33.32
CA LYS B 467 17.49 -55.19 -33.60
C LYS B 467 17.72 -56.59 -33.02
N LYS B 468 17.51 -56.70 -31.70
CA LYS B 468 17.85 -57.90 -30.94
C LYS B 468 16.99 -59.07 -31.41
N LEU B 469 15.72 -58.80 -31.75
CA LEU B 469 14.89 -59.83 -32.37
C LEU B 469 15.55 -60.30 -33.67
N LEU B 470 15.90 -59.36 -34.55
CA LEU B 470 16.43 -59.68 -35.88
C LEU B 470 17.71 -60.53 -35.76
N GLU B 471 18.56 -60.21 -34.77
CA GLU B 471 19.79 -61.00 -34.52
C GLU B 471 19.43 -62.45 -34.18
N GLU B 472 18.40 -62.66 -33.35
CA GLU B 472 17.92 -64.00 -32.96
C GLU B 472 17.53 -64.83 -34.18
N LYS B 473 16.97 -64.16 -35.22
CA LYS B 473 16.54 -64.81 -36.44
C LYS B 473 17.65 -64.76 -37.50
N GLY B 474 18.72 -64.02 -37.21
CA GLY B 474 19.94 -63.92 -38.05
C GLY B 474 19.93 -62.72 -38.98
N LEU B 475 18.83 -61.96 -38.96
CA LEU B 475 18.46 -61.02 -40.03
C LEU B 475 18.90 -59.58 -39.72
N ASP B 476 19.87 -59.41 -38.81
CA ASP B 476 20.37 -58.07 -38.46
C ASP B 476 21.46 -57.68 -39.46
N ASN B 477 21.04 -57.39 -40.71
CA ASN B 477 21.95 -57.06 -41.82
C ASN B 477 21.46 -55.80 -42.53
N GLU B 478 22.34 -55.22 -43.37
CA GLU B 478 22.10 -53.95 -44.05
C GLU B 478 20.96 -54.05 -45.06
N GLU B 479 20.76 -55.25 -45.64
CA GLU B 479 19.71 -55.52 -46.65
C GLU B 479 18.31 -55.38 -46.01
N VAL B 480 18.15 -55.95 -44.81
CA VAL B 480 16.88 -55.93 -44.10
C VAL B 480 16.54 -54.49 -43.68
N TRP B 481 17.54 -53.75 -43.17
CA TRP B 481 17.34 -52.37 -42.68
C TRP B 481 17.08 -51.41 -43.87
N ARG B 482 17.72 -51.67 -45.00
CA ARG B 482 17.47 -50.94 -46.23
C ARG B 482 16.00 -51.11 -46.64
N GLY B 483 15.48 -52.33 -46.51
CA GLY B 483 14.08 -52.64 -46.83
C GLY B 483 13.11 -51.98 -45.87
N ILE B 484 13.50 -51.92 -44.59
CA ILE B 484 12.75 -51.24 -43.57
C ILE B 484 12.70 -49.74 -43.91
N MET B 485 13.82 -49.16 -44.38
CA MET B 485 13.90 -47.74 -44.70
C MET B 485 12.99 -47.44 -45.90
N LEU B 486 12.97 -48.35 -46.88
CA LEU B 486 12.18 -48.16 -48.12
C LEU B 486 10.69 -48.33 -47.84
N ASN B 487 10.34 -49.01 -46.74
CA ASN B 487 8.95 -49.25 -46.37
C ASN B 487 8.53 -48.28 -45.26
N GLY B 488 9.33 -47.21 -45.07
CA GLY B 488 9.00 -46.09 -44.19
C GLY B 488 9.14 -46.42 -42.70
N GLY B 489 10.07 -47.32 -42.36
CA GLY B 489 10.33 -47.72 -40.96
C GLY B 489 9.40 -48.84 -40.50
N SER B 490 8.64 -49.40 -41.43
CA SER B 490 7.73 -50.51 -41.17
C SER B 490 8.47 -51.84 -41.37
N VAL B 491 7.97 -52.91 -40.73
CA VAL B 491 8.45 -54.27 -40.93
C VAL B 491 7.29 -55.18 -41.36
N GLN B 492 6.19 -54.56 -41.83
CA GLN B 492 4.95 -55.29 -42.16
C GLN B 492 5.07 -56.03 -43.51
N HIS B 493 6.15 -55.75 -44.25
CA HIS B 493 6.42 -56.33 -45.56
C HIS B 493 7.23 -57.63 -45.43
N MET B 494 7.68 -57.95 -44.21
CA MET B 494 8.68 -58.99 -43.99
C MET B 494 8.00 -60.36 -43.78
N SER B 495 8.36 -61.32 -44.65
CA SER B 495 7.84 -62.70 -44.60
C SER B 495 8.50 -63.49 -43.46
N GLN B 496 9.67 -63.04 -43.02
CA GLN B 496 10.47 -63.75 -42.03
C GLN B 496 9.99 -63.41 -40.60
N LEU B 497 8.87 -62.69 -40.48
CA LEU B 497 8.31 -62.32 -39.17
C LEU B 497 6.89 -62.86 -39.04
N THR B 498 6.60 -63.41 -37.85
CA THR B 498 5.25 -63.86 -37.48
C THR B 498 4.33 -62.64 -37.37
N GLN B 499 3.02 -62.91 -37.36
CA GLN B 499 2.00 -61.88 -37.17
C GLN B 499 2.21 -61.24 -35.79
N GLN B 500 2.60 -62.04 -34.79
CA GLN B 500 2.84 -61.60 -33.42
C GLN B 500 4.01 -60.59 -33.39
N GLU B 501 5.07 -60.89 -34.16
CA GLU B 501 6.28 -60.08 -34.20
C GLU B 501 5.99 -58.77 -34.98
N LYS B 502 5.34 -58.89 -36.14
CA LYS B 502 4.89 -57.72 -36.91
C LYS B 502 4.06 -56.78 -36.02
N ASP B 503 3.15 -57.36 -35.22
CA ASP B 503 2.18 -56.57 -34.42
C ASP B 503 2.92 -55.77 -33.34
N VAL B 504 4.00 -56.34 -32.80
CA VAL B 504 4.82 -55.70 -31.78
C VAL B 504 5.52 -54.46 -32.36
N PHE B 505 5.85 -54.50 -33.66
CA PHE B 505 6.71 -53.48 -34.24
C PHE B 505 5.94 -52.64 -35.27
N LYS B 506 4.61 -52.67 -35.17
CA LYS B 506 3.77 -51.72 -35.88
C LYS B 506 4.11 -50.29 -35.44
N THR B 507 4.04 -49.36 -36.38
CA THR B 507 4.30 -47.94 -36.13
C THR B 507 2.98 -47.23 -35.79
N PHE B 508 3.10 -45.95 -35.40
CA PHE B 508 1.99 -45.06 -35.04
C PHE B 508 0.92 -45.06 -36.14
N LYS B 509 1.34 -44.83 -37.40
CA LYS B 509 0.47 -44.88 -38.58
C LYS B 509 -0.33 -46.19 -38.62
N GLU B 510 0.36 -47.32 -38.47
CA GLU B 510 -0.19 -48.64 -38.78
C GLU B 510 -1.12 -49.15 -37.67
N ILE B 511 -0.94 -48.61 -36.45
CA ILE B 511 -1.76 -48.94 -35.28
C ILE B 511 -3.14 -48.32 -35.48
N SER B 512 -4.17 -49.02 -34.99
CA SER B 512 -5.54 -48.54 -35.02
C SER B 512 -5.66 -47.35 -34.06
N GLN B 513 -5.97 -46.18 -34.62
CA GLN B 513 -6.21 -44.98 -33.84
C GLN B 513 -7.31 -45.21 -32.79
N LEU B 514 -8.28 -46.08 -33.11
CA LEU B 514 -9.37 -46.41 -32.20
C LEU B 514 -8.82 -47.09 -30.94
N GLU B 515 -7.87 -48.02 -31.15
CA GLU B 515 -7.19 -48.74 -30.06
C GLU B 515 -6.43 -47.76 -29.16
N ILE B 516 -5.80 -46.75 -29.75
CA ILE B 516 -5.05 -45.74 -29.01
C ILE B 516 -6.00 -44.98 -28.06
N VAL B 517 -7.18 -44.63 -28.57
CA VAL B 517 -8.20 -43.91 -27.84
C VAL B 517 -8.76 -44.79 -26.71
N GLN B 518 -8.99 -46.07 -26.99
CA GLN B 518 -9.50 -47.00 -25.98
C GLN B 518 -8.48 -47.13 -24.84
N GLN B 519 -7.20 -47.17 -25.21
CA GLN B 519 -6.14 -47.34 -24.24
C GLN B 519 -6.00 -46.06 -23.41
N ALA B 520 -6.10 -44.91 -24.08
CA ALA B 520 -6.10 -43.60 -23.41
C ALA B 520 -7.19 -43.57 -22.34
N GLY B 521 -8.40 -43.98 -22.72
CA GLY B 521 -9.56 -44.00 -21.85
C GLY B 521 -9.32 -44.78 -20.57
N ILE B 522 -8.61 -45.92 -20.71
CA ILE B 522 -8.37 -46.81 -19.57
C ILE B 522 -7.28 -46.19 -18.70
N ARG B 523 -6.28 -45.60 -19.36
CA ARG B 523 -5.20 -44.93 -18.70
C ARG B 523 -5.74 -43.74 -17.89
N GLN B 524 -6.71 -43.02 -18.47
CA GLN B 524 -7.19 -41.75 -17.89
C GLN B 524 -7.79 -41.98 -16.51
N LYS B 525 -8.36 -43.16 -16.26
CA LYS B 525 -8.98 -43.45 -14.96
C LYS B 525 -7.94 -43.39 -13.82
N PHE B 526 -6.65 -43.51 -14.13
CA PHE B 526 -5.61 -43.56 -13.10
C PHE B 526 -4.78 -42.26 -13.04
N VAL B 527 -5.10 -41.29 -13.90
CA VAL B 527 -4.38 -40.03 -13.98
C VAL B 527 -5.35 -38.91 -13.60
N ASP B 528 -5.01 -38.15 -12.55
CA ASP B 528 -5.92 -37.17 -11.99
C ASP B 528 -5.90 -35.89 -12.84
N GLN B 529 -4.81 -35.65 -13.59
CA GLN B 529 -4.79 -34.60 -14.61
C GLN B 529 -5.10 -35.23 -15.97
N GLY B 530 -4.26 -34.96 -16.98
CA GLY B 530 -4.53 -35.34 -18.34
C GLY B 530 -3.31 -36.00 -18.98
N GLN B 531 -3.37 -36.14 -20.30
CA GLN B 531 -2.36 -36.81 -21.08
C GLN B 531 -2.31 -36.21 -22.50
N SER B 532 -1.11 -35.84 -22.95
CA SER B 532 -0.91 -35.35 -24.32
C SER B 532 -1.14 -36.48 -25.31
N LEU B 533 -2.27 -36.45 -26.02
CA LEU B 533 -2.67 -37.54 -26.89
C LEU B 533 -2.71 -37.06 -28.35
N ASN B 534 -1.67 -37.42 -29.10
CA ASN B 534 -1.62 -37.20 -30.54
C ASN B 534 -2.38 -38.34 -31.24
N LEU B 535 -3.03 -38.02 -32.37
CA LEU B 535 -3.60 -39.06 -33.24
C LEU B 535 -3.02 -38.91 -34.65
N ASN B 536 -2.66 -40.03 -35.26
CA ASN B 536 -2.23 -40.04 -36.64
C ASN B 536 -3.38 -40.53 -37.52
N ILE B 537 -4.04 -39.58 -38.21
CA ILE B 537 -5.12 -39.90 -39.12
C ILE B 537 -4.67 -39.47 -40.52
N PRO B 538 -4.50 -40.43 -41.47
CA PRO B 538 -4.23 -40.09 -42.87
C PRO B 538 -5.28 -39.13 -43.46
N ALA B 539 -4.87 -38.30 -44.43
CA ALA B 539 -5.78 -37.39 -45.14
C ALA B 539 -6.82 -38.19 -45.95
N GLU B 540 -6.38 -39.32 -46.53
CA GLU B 540 -7.23 -40.15 -47.39
C GLU B 540 -8.35 -40.82 -46.57
N LEU B 541 -8.11 -41.08 -45.28
CA LEU B 541 -9.14 -41.63 -44.39
C LEU B 541 -10.32 -40.65 -44.33
N ALA B 542 -11.54 -41.20 -44.45
CA ALA B 542 -12.77 -40.43 -44.61
C ALA B 542 -13.03 -39.57 -43.37
N ILE B 543 -13.70 -38.44 -43.59
CA ILE B 543 -13.99 -37.45 -42.54
C ILE B 543 -15.04 -38.02 -41.57
N LYS B 544 -15.96 -38.84 -42.07
CA LYS B 544 -17.00 -39.48 -41.25
C LYS B 544 -16.37 -40.41 -40.20
N ASP B 545 -15.20 -40.98 -40.52
CA ASP B 545 -14.49 -41.93 -39.68
C ASP B 545 -13.65 -41.18 -38.64
N VAL B 546 -13.12 -40.01 -39.03
CA VAL B 546 -12.43 -39.12 -38.12
C VAL B 546 -13.44 -38.71 -37.04
N ASN B 547 -14.68 -38.42 -37.47
CA ASN B 547 -15.75 -37.97 -36.61
C ASN B 547 -16.10 -39.04 -35.57
N ARG B 548 -16.13 -40.32 -35.98
CA ARG B 548 -16.43 -41.42 -35.08
C ARG B 548 -15.34 -41.53 -34.01
N LEU B 549 -14.10 -41.26 -34.42
CA LEU B 549 -12.91 -41.37 -33.58
C LEU B 549 -12.95 -40.32 -32.46
N MET B 550 -13.42 -39.11 -32.79
CA MET B 550 -13.57 -38.02 -31.83
C MET B 550 -14.65 -38.41 -30.81
N ILE B 551 -15.78 -38.89 -31.33
CA ILE B 551 -16.92 -39.27 -30.52
C ILE B 551 -16.52 -40.38 -29.55
N GLU B 552 -15.72 -41.34 -30.02
CA GLU B 552 -15.29 -42.45 -29.18
C GLU B 552 -14.42 -41.91 -28.03
N ALA B 553 -13.48 -41.02 -28.34
CA ALA B 553 -12.61 -40.39 -27.35
C ALA B 553 -13.45 -39.72 -26.26
N TRP B 554 -14.45 -38.95 -26.70
CA TRP B 554 -15.37 -38.21 -25.82
C TRP B 554 -16.15 -39.17 -24.91
N GLN B 555 -16.69 -40.23 -25.51
CA GLN B 555 -17.56 -41.17 -24.82
C GLN B 555 -16.79 -42.06 -23.83
N GLN B 556 -15.48 -42.24 -24.06
CA GLN B 556 -14.65 -43.10 -23.22
C GLN B 556 -13.85 -42.28 -22.20
N GLY B 557 -14.16 -40.98 -22.06
CA GLY B 557 -13.68 -40.15 -20.94
C GLY B 557 -12.34 -39.45 -21.21
N VAL B 558 -11.83 -39.52 -22.44
CA VAL B 558 -10.61 -38.78 -22.80
C VAL B 558 -10.86 -37.29 -22.54
N LYS B 559 -9.91 -36.67 -21.83
CA LYS B 559 -10.00 -35.29 -21.37
C LYS B 559 -9.53 -34.31 -22.47
N SER B 560 -8.60 -34.74 -23.32
CA SER B 560 -8.10 -33.84 -24.36
C SER B 560 -7.47 -34.64 -25.50
N LEU B 561 -7.34 -33.96 -26.64
CA LEU B 561 -6.59 -34.40 -27.82
C LEU B 561 -5.62 -33.28 -28.19
N TYR B 562 -4.38 -33.66 -28.49
CA TYR B 562 -3.29 -32.73 -28.75
C TYR B 562 -3.27 -32.47 -30.27
N TYR B 563 -2.08 -32.45 -30.88
CA TYR B 563 -1.98 -32.28 -32.33
C TYR B 563 -2.59 -33.48 -33.03
N GLN B 564 -3.07 -33.25 -34.25
CA GLN B 564 -3.43 -34.29 -35.17
C GLN B 564 -2.35 -34.37 -36.25
N ARG B 565 -1.64 -35.50 -36.31
CA ARG B 565 -0.63 -35.74 -37.36
C ARG B 565 -1.33 -36.38 -38.57
N SER B 566 -0.64 -36.40 -39.72
CA SER B 566 -1.14 -37.05 -40.93
C SER B 566 0.03 -37.51 -41.82
N LYS C 40 -8.94 47.97 20.08
CA LYS C 40 -7.94 47.20 19.26
C LYS C 40 -6.68 46.93 20.10
N MET C 41 -6.70 45.81 20.84
CA MET C 41 -5.64 45.36 21.76
C MET C 41 -5.79 46.07 23.12
N TRP C 42 -7.02 46.53 23.38
CA TRP C 42 -7.39 47.09 24.67
C TRP C 42 -7.01 46.14 25.82
N TRP C 43 -6.98 44.84 25.53
CA TRP C 43 -6.77 43.80 26.53
C TRP C 43 -5.28 43.46 26.71
N LYS C 44 -4.41 43.89 25.78
CA LYS C 44 -2.99 43.55 25.85
C LYS C 44 -2.27 44.49 26.82
N ASN C 45 -2.04 44.01 28.04
CA ASN C 45 -1.28 44.71 29.05
C ASN C 45 -0.30 43.70 29.67
N SER C 46 0.48 44.15 30.67
CA SER C 46 1.49 43.34 31.37
C SER C 46 0.87 42.09 31.98
N GLU C 47 -0.34 42.25 32.53
CA GLU C 47 -1.08 41.19 33.22
C GLU C 47 -1.36 40.03 32.25
N SER C 48 -1.89 40.35 31.06
CA SER C 48 -2.23 39.33 30.06
C SER C 48 -1.00 38.97 29.19
N GLU C 49 0.04 39.82 29.23
CA GLU C 49 1.31 39.57 28.51
C GLU C 49 2.10 38.44 29.19
N GLN C 50 2.01 38.35 30.53
CA GLN C 50 2.75 37.33 31.28
C GLN C 50 2.08 35.97 31.10
N ILE C 51 0.75 35.95 30.92
CA ILE C 51 -0.01 34.71 30.63
C ILE C 51 0.42 34.20 29.25
N LEU C 52 0.53 35.11 28.28
CA LEU C 52 0.87 34.76 26.90
C LEU C 52 2.34 34.34 26.79
N ASN C 53 3.20 34.82 27.70
CA ASN C 53 4.63 34.51 27.68
C ASN C 53 4.88 33.10 28.24
N ARG C 54 3.87 32.45 28.82
CA ARG C 54 3.99 31.09 29.36
C ARG C 54 3.53 30.05 28.31
N GLY C 55 4.06 30.16 27.08
CA GLY C 55 3.91 29.12 26.04
C GLY C 55 3.11 29.55 24.82
N TYR C 56 2.33 30.64 24.94
CA TYR C 56 1.41 31.07 23.86
C TYR C 56 2.19 31.66 22.68
N LEU C 57 3.38 32.22 22.93
CA LEU C 57 4.21 32.84 21.89
C LEU C 57 5.49 32.02 21.68
N LEU C 58 6.09 32.19 20.49
CA LEU C 58 7.39 31.62 20.14
C LEU C 58 8.50 32.56 20.61
N LYS C 59 9.74 32.03 20.63
CA LYS C 59 10.96 32.82 20.89
C LYS C 59 11.05 33.93 19.84
N GLY C 60 11.15 35.19 20.31
CA GLY C 60 11.25 36.36 19.45
C GLY C 60 9.99 36.55 18.63
N GLU C 61 8.88 36.81 19.34
CA GLU C 61 7.54 36.97 18.76
C GLU C 61 6.70 37.89 19.67
N THR C 62 6.14 38.94 19.06
CA THR C 62 5.17 39.82 19.68
C THR C 62 3.79 39.16 19.68
N VAL C 63 2.85 39.73 20.44
CA VAL C 63 1.46 39.30 20.47
C VAL C 63 0.84 39.56 19.09
N GLU C 64 1.01 40.78 18.58
CA GLU C 64 0.56 41.16 17.24
C GLU C 64 1.12 40.18 16.20
N GLY C 65 2.36 39.71 16.42
CA GLY C 65 3.03 38.77 15.55
C GLY C 65 2.42 37.37 15.62
N ALA C 66 2.00 36.95 16.82
CA ALA C 66 1.35 35.65 17.02
C ALA C 66 0.00 35.63 16.30
N ILE C 67 -0.77 36.70 16.47
CA ILE C 67 -2.09 36.81 15.87
C ILE C 67 -1.93 36.75 14.35
N ASP C 68 -0.92 37.44 13.84
CA ASP C 68 -0.61 37.45 12.41
C ASP C 68 -0.27 36.04 11.90
N ARG C 69 0.56 35.31 12.65
CA ARG C 69 0.94 33.96 12.30
C ARG C 69 -0.33 33.08 12.29
N ILE C 70 -1.11 33.16 13.37
CA ILE C 70 -2.32 32.34 13.59
C ILE C 70 -3.32 32.58 12.46
N CYS C 71 -3.56 33.84 12.11
CA CYS C 71 -4.59 34.20 11.15
C CYS C 71 -4.13 33.98 9.71
N THR C 72 -2.81 34.00 9.46
CA THR C 72 -2.28 33.69 8.14
C THR C 72 -2.50 32.19 7.87
N ALA C 73 -2.18 31.37 8.86
CA ALA C 73 -2.35 29.93 8.76
C ALA C 73 -3.83 29.62 8.45
N ALA C 74 -4.76 30.23 9.19
CA ALA C 74 -6.18 29.91 9.06
C ALA C 74 -6.69 30.32 7.67
N ALA C 75 -6.30 31.52 7.22
CA ALA C 75 -6.66 32.02 5.90
C ALA C 75 -6.11 31.10 4.80
N ARG C 76 -4.90 30.56 5.00
CA ARG C 76 -4.26 29.70 4.00
C ARG C 76 -5.03 28.39 3.89
N ARG C 77 -5.33 27.75 5.03
CA ARG C 77 -6.04 26.45 5.08
C ARG C 77 -7.42 26.52 4.40
N LEU C 78 -8.02 27.72 4.35
CA LEU C 78 -9.34 27.94 3.75
C LEU C 78 -9.23 28.26 2.27
N TYR C 79 -8.00 28.49 1.78
CA TYR C 79 -7.71 28.90 0.40
C TYR C 79 -8.35 30.27 0.13
N LYS C 80 -8.27 31.14 1.15
CA LYS C 80 -8.89 32.46 1.15
C LYS C 80 -8.02 33.44 1.93
N PRO C 81 -6.82 33.84 1.41
CA PRO C 81 -5.92 34.71 2.15
C PRO C 81 -6.48 36.12 2.40
N GLU C 82 -7.54 36.49 1.68
CA GLU C 82 -8.24 37.77 1.87
C GLU C 82 -8.96 37.81 3.23
N LEU C 83 -9.26 36.66 3.86
CA LEU C 83 -9.99 36.63 5.15
C LEU C 83 -9.05 36.90 6.33
N LYS C 84 -7.77 37.13 6.04
CA LYS C 84 -6.73 37.18 7.06
C LYS C 84 -6.94 38.39 7.98
N GLU C 85 -7.17 39.57 7.41
CA GLU C 85 -7.28 40.82 8.16
C GLU C 85 -8.55 40.82 9.02
N SER C 86 -9.58 40.10 8.56
CA SER C 86 -10.86 39.96 9.29
C SER C 86 -10.66 39.11 10.57
N PHE C 87 -9.93 38.00 10.44
CA PHE C 87 -9.56 37.16 11.57
C PHE C 87 -8.73 37.96 12.59
N VAL C 88 -7.67 38.61 12.10
CA VAL C 88 -6.79 39.45 12.93
C VAL C 88 -7.65 40.44 13.73
N GLU C 89 -8.61 41.06 13.05
CA GLU C 89 -9.36 42.15 13.65
C GLU C 89 -10.18 41.62 14.83
N MET C 90 -10.81 40.46 14.64
CA MET C 90 -11.70 39.89 15.64
C MET C 90 -10.92 39.52 16.91
N ILE C 91 -9.71 39.00 16.75
CA ILE C 91 -8.90 38.59 17.87
C ILE C 91 -8.32 39.85 18.54
N GLU C 92 -7.81 40.77 17.74
CA GLU C 92 -7.21 42.00 18.24
C GLU C 92 -8.26 42.84 18.96
N ARG C 93 -9.49 42.87 18.44
CA ARG C 93 -10.56 43.66 19.05
C ARG C 93 -11.13 42.89 20.27
N GLY C 94 -10.68 41.65 20.46
CA GLY C 94 -11.13 40.81 21.55
C GLY C 94 -12.58 40.35 21.39
N TRP C 95 -13.06 40.25 20.15
CA TRP C 95 -14.42 39.79 19.85
C TRP C 95 -14.49 38.26 19.94
N MET C 96 -13.38 37.62 19.58
CA MET C 96 -13.22 36.19 19.55
C MET C 96 -11.95 35.81 20.32
N SER C 97 -12.13 35.02 21.38
CA SER C 97 -11.04 34.38 22.07
C SER C 97 -10.69 33.07 21.34
N ILE C 98 -9.40 32.72 21.31
CA ILE C 98 -8.93 31.47 20.72
C ILE C 98 -8.24 30.67 21.82
N SER C 99 -8.37 29.34 21.76
CA SER C 99 -7.94 28.46 22.84
C SER C 99 -6.41 28.39 22.88
N SER C 100 -5.87 27.93 24.02
CA SER C 100 -4.43 27.82 24.29
C SER C 100 -3.70 27.14 23.14
N PRO C 101 -4.14 25.95 22.68
CA PRO C 101 -3.38 25.22 21.66
C PRO C 101 -3.39 25.91 20.30
N VAL C 102 -4.34 26.82 20.05
CA VAL C 102 -4.40 27.54 18.78
C VAL C 102 -3.36 28.66 18.79
N TRP C 103 -3.30 29.42 19.89
CA TRP C 103 -2.25 30.43 20.13
C TRP C 103 -0.88 29.79 19.87
N ALA C 104 -0.62 28.70 20.60
CA ALA C 104 0.71 28.12 20.69
C ALA C 104 1.12 27.46 19.38
N ASN C 105 0.17 26.87 18.64
CA ASN C 105 0.53 25.84 17.64
C ASN C 105 -0.02 26.11 16.24
N MET C 106 -1.02 26.98 16.08
CA MET C 106 -1.53 27.24 14.74
C MET C 106 -0.44 27.98 13.95
N GLY C 107 0.06 27.32 12.90
CA GLY C 107 0.95 27.93 11.92
C GLY C 107 2.42 27.67 12.20
N THR C 108 2.72 26.52 12.83
CA THR C 108 4.08 26.04 13.07
C THR C 108 4.39 24.88 12.10
N GLY C 111 3.49 21.34 15.72
CA GLY C 111 2.58 21.41 16.89
C GLY C 111 1.13 21.46 16.43
N LEU C 112 0.22 20.93 17.24
CA LEU C 112 -1.18 20.81 16.78
C LEU C 112 -2.12 21.67 17.62
N PRO C 113 -3.05 22.41 16.97
CA PRO C 113 -3.89 23.39 17.66
C PRO C 113 -5.26 22.88 18.10
N ILE C 114 -5.31 21.66 18.66
CA ILE C 114 -6.55 21.03 19.09
C ILE C 114 -6.50 20.78 20.61
N SER C 115 -7.62 21.09 21.26
CA SER C 115 -7.80 21.10 22.72
C SER C 115 -8.36 19.78 23.22
N CYS C 116 -9.45 19.31 22.59
CA CYS C 116 -10.23 18.20 23.09
C CYS C 116 -9.89 16.92 22.34
N PHE C 117 -9.77 15.83 23.12
CA PHE C 117 -9.66 14.50 22.60
C PHE C 117 -10.47 13.57 23.50
N ASN C 118 -10.91 12.47 22.91
CA ASN C 118 -11.57 11.41 23.62
C ASN C 118 -11.22 10.08 22.94
N VAL C 119 -11.04 9.02 23.73
CA VAL C 119 -10.87 7.68 23.23
C VAL C 119 -11.97 6.76 23.77
N HIS C 120 -12.42 5.85 22.92
CA HIS C 120 -13.19 4.69 23.33
C HIS C 120 -12.21 3.57 23.67
N VAL C 121 -12.28 3.07 24.91
CA VAL C 121 -11.40 2.03 25.38
C VAL C 121 -12.12 0.69 25.23
N PRO C 122 -11.60 -0.22 24.37
CA PRO C 122 -12.22 -1.53 24.17
C PRO C 122 -11.84 -2.52 25.28
N ASP C 123 -12.54 -3.66 25.29
CA ASP C 123 -12.42 -4.72 26.29
C ASP C 123 -11.29 -5.71 25.92
N LYS C 124 -10.21 -5.21 25.33
CA LYS C 124 -9.16 -6.05 24.72
C LYS C 124 -7.81 -5.35 24.89
N ILE C 125 -6.84 -6.08 25.46
CA ILE C 125 -5.58 -5.51 25.95
C ILE C 125 -4.78 -4.82 24.82
N GLU C 126 -4.88 -5.34 23.58
CA GLU C 126 -4.17 -4.75 22.46
C GLU C 126 -4.84 -3.42 22.07
N GLY C 127 -6.17 -3.39 22.17
CA GLY C 127 -6.95 -2.18 21.94
C GLY C 127 -6.70 -1.13 23.01
N ILE C 128 -6.65 -1.58 24.27
CA ILE C 128 -6.36 -0.70 25.39
C ILE C 128 -4.97 -0.08 25.18
N THR C 129 -3.99 -0.92 24.80
CA THR C 129 -2.62 -0.49 24.57
C THR C 129 -2.60 0.63 23.52
N HIS C 130 -3.31 0.41 22.41
CA HIS C 130 -3.39 1.38 21.33
C HIS C 130 -3.98 2.70 21.86
N LYS C 131 -5.04 2.61 22.66
CA LYS C 131 -5.72 3.81 23.17
C LYS C 131 -4.83 4.56 24.16
N LEU C 132 -3.98 3.85 24.91
CA LEU C 132 -2.99 4.50 25.76
C LEU C 132 -2.00 5.30 24.89
N GLY C 133 -1.57 4.70 23.78
CA GLY C 133 -0.70 5.36 22.82
C GLY C 133 -1.36 6.61 22.25
N GLU C 134 -2.67 6.53 21.97
CA GLU C 134 -3.44 7.68 21.48
C GLU C 134 -3.33 8.83 22.49
N VAL C 135 -3.60 8.50 23.75
CA VAL C 135 -3.66 9.48 24.83
C VAL C 135 -2.27 10.09 25.05
N ILE C 136 -1.23 9.26 24.99
CA ILE C 136 0.15 9.71 25.14
C ILE C 136 0.47 10.74 24.05
N MET C 137 0.20 10.39 22.78
CA MET C 137 0.47 11.26 21.65
C MET C 137 -0.40 12.52 21.73
N GLN C 138 -1.69 12.35 22.06
CA GLN C 138 -2.65 13.45 22.15
C GLN C 138 -2.19 14.44 23.22
N THR C 139 -1.63 13.93 24.31
CA THR C 139 -1.09 14.77 25.38
C THR C 139 0.19 15.48 24.92
N LYS C 140 1.01 14.81 24.11
CA LYS C 140 2.29 15.37 23.70
C LYS C 140 2.08 16.59 22.79
N ILE C 141 0.98 16.58 22.02
CA ILE C 141 0.70 17.60 20.99
C ILE C 141 -0.11 18.77 21.59
N GLY C 142 -0.27 18.77 22.92
CA GLY C 142 -0.81 19.91 23.65
C GLY C 142 -2.33 19.93 23.70
N GLY C 143 -2.93 18.75 23.88
CA GLY C 143 -4.38 18.60 23.98
C GLY C 143 -4.79 17.94 25.29
N GLY C 144 -5.98 18.30 25.77
CA GLY C 144 -6.65 17.64 26.87
C GLY C 144 -7.28 16.34 26.39
N THR C 145 -7.31 15.35 27.28
CA THR C 145 -7.67 13.99 26.91
C THR C 145 -8.82 13.50 27.78
N SER C 146 -9.35 12.33 27.43
CA SER C 146 -10.46 11.73 28.11
C SER C 146 -10.71 10.35 27.51
N GLY C 147 -11.45 9.51 28.25
CA GLY C 147 -11.77 8.20 27.76
C GLY C 147 -13.05 7.66 28.37
N TYR C 148 -13.76 6.86 27.56
CA TYR C 148 -14.88 6.04 28.00
C TYR C 148 -14.37 4.62 28.28
N PHE C 149 -14.55 4.15 29.53
CA PHE C 149 -14.10 2.83 29.99
C PHE C 149 -15.29 1.91 30.29
N GLY C 150 -16.49 2.33 29.91
CA GLY C 150 -17.73 1.61 30.20
C GLY C 150 -17.78 0.21 29.65
N GLU C 151 -17.00 -0.11 28.60
CA GLU C 151 -17.05 -1.43 27.92
C GLU C 151 -16.14 -2.46 28.61
N LEU C 152 -15.23 -2.02 29.49
CA LEU C 152 -14.27 -2.92 30.14
C LEU C 152 -15.00 -3.84 31.13
N ARG C 153 -14.69 -5.14 31.03
CA ARG C 153 -15.27 -6.19 31.89
C ARG C 153 -14.93 -5.87 33.36
N GLU C 154 -15.88 -6.16 34.26
CA GLU C 154 -15.76 -5.95 35.72
C GLU C 154 -14.60 -6.78 36.29
N ARG C 155 -14.22 -6.46 37.54
CA ARG C 155 -13.16 -7.17 38.25
C ARG C 155 -13.68 -8.53 38.73
N SER C 166 -10.02 -8.59 37.37
CA SER C 166 -9.01 -7.62 36.93
C SER C 166 -9.47 -6.19 37.27
N GLY C 167 -10.48 -5.68 36.54
CA GLY C 167 -11.17 -4.43 36.87
C GLY C 167 -10.93 -3.33 35.85
N ALA C 168 -12.00 -2.58 35.52
CA ALA C 168 -11.93 -1.43 34.60
C ALA C 168 -11.00 -0.35 35.16
N VAL C 169 -11.05 -0.15 36.49
CA VAL C 169 -10.31 0.91 37.15
C VAL C 169 -8.81 0.58 37.20
N SER C 170 -8.47 -0.72 37.25
CA SER C 170 -7.06 -1.12 37.28
C SER C 170 -6.35 -0.72 35.98
N PHE C 171 -7.07 -0.71 34.85
CA PHE C 171 -6.50 -0.29 33.55
C PHE C 171 -6.38 1.24 33.49
N MET C 172 -7.16 1.95 34.31
CA MET C 172 -7.12 3.39 34.38
C MET C 172 -5.79 3.87 34.98
N LYS C 173 -5.13 3.03 35.80
CA LYS C 173 -3.79 3.31 36.34
C LYS C 173 -2.81 3.72 35.22
N LEU C 174 -2.87 3.00 34.09
CA LEU C 174 -1.94 3.24 32.97
C LEU C 174 -2.09 4.67 32.47
N PHE C 175 -3.32 5.17 32.45
CA PHE C 175 -3.62 6.51 31.94
C PHE C 175 -3.16 7.54 32.97
N ASP C 176 -3.39 7.23 34.25
CA ASP C 176 -2.93 8.01 35.38
C ASP C 176 -1.44 8.31 35.22
N THR C 177 -0.63 7.26 35.09
CA THR C 177 0.82 7.38 35.01
C THR C 177 1.20 8.23 33.79
N ALA C 178 0.51 7.99 32.67
CA ALA C 178 0.73 8.73 31.44
C ALA C 178 0.67 10.24 31.71
N MET C 179 -0.38 10.66 32.41
CA MET C 179 -0.59 12.07 32.72
C MET C 179 0.58 12.61 33.54
N ASP C 180 1.11 11.80 34.46
CA ASP C 180 2.19 12.21 35.35
C ASP C 180 3.51 12.34 34.56
N THR C 181 3.66 11.54 33.51
CA THR C 181 4.94 11.31 32.85
C THR C 181 5.13 12.20 31.62
N ILE C 182 4.06 12.47 30.87
CA ILE C 182 4.16 13.16 29.58
C ILE C 182 3.59 14.58 29.69
N SER C 183 4.28 15.52 29.02
CA SER C 183 3.93 16.94 28.98
C SER C 183 3.35 17.29 27.61
N GLY C 190 -0.68 18.28 30.86
CA GLY C 190 -1.64 17.27 30.42
C GLY C 190 -2.63 16.90 31.51
N ALA C 191 -3.83 16.44 31.10
CA ALA C 191 -4.87 16.00 32.04
C ALA C 191 -5.90 15.15 31.30
N PHE C 192 -6.44 14.15 32.01
CA PHE C 192 -7.32 13.13 31.45
C PHE C 192 -8.53 12.92 32.36
N ALA C 193 -9.73 12.92 31.76
CA ALA C 193 -10.97 12.54 32.44
C ALA C 193 -11.41 11.13 31.99
N ALA C 194 -11.58 10.23 32.96
CA ALA C 194 -12.09 8.89 32.72
C ALA C 194 -13.60 8.89 32.98
N TYR C 195 -14.37 8.28 32.07
CA TYR C 195 -15.82 8.14 32.25
C TYR C 195 -16.17 6.65 32.43
N LEU C 196 -17.03 6.39 33.42
CA LEU C 196 -17.62 5.07 33.65
C LEU C 196 -19.12 5.25 33.89
N ASP C 197 -19.92 4.36 33.29
CA ASP C 197 -21.36 4.31 33.52
C ASP C 197 -21.60 4.04 35.02
N ILE C 198 -22.69 4.61 35.57
CA ILE C 198 -23.01 4.50 36.99
C ILE C 198 -23.48 3.08 37.35
N ASP C 199 -23.98 2.33 36.36
CA ASP C 199 -24.51 0.96 36.53
C ASP C 199 -23.46 -0.07 36.11
N HIS C 200 -22.22 0.37 35.93
CA HIS C 200 -21.07 -0.52 35.76
C HIS C 200 -20.73 -1.14 37.12
N PRO C 201 -20.48 -2.47 37.18
CA PRO C 201 -20.14 -3.14 38.45
C PRO C 201 -19.03 -2.49 39.28
N ASP C 202 -18.05 -1.87 38.62
CA ASP C 202 -16.88 -1.26 39.28
C ASP C 202 -17.17 0.17 39.76
N ILE C 203 -18.44 0.59 39.83
CA ILE C 203 -18.75 2.01 40.05
C ILE C 203 -18.14 2.51 41.38
N GLU C 204 -18.19 1.68 42.43
CA GLU C 204 -17.81 2.12 43.78
C GLU C 204 -16.29 2.30 43.88
N GLU C 205 -15.56 1.43 43.19
CA GLU C 205 -14.11 1.50 43.13
C GLU C 205 -13.69 2.81 42.43
N PHE C 206 -14.43 3.16 41.36
CA PHE C 206 -14.18 4.33 40.50
C PHE C 206 -14.35 5.64 41.27
N LEU C 207 -15.26 5.65 42.25
CA LEU C 207 -15.58 6.84 43.06
C LEU C 207 -14.50 7.10 44.12
N LYS C 208 -13.65 6.11 44.40
CA LYS C 208 -12.54 6.25 45.36
C LYS C 208 -11.34 6.97 44.72
N ILE C 209 -11.37 7.14 43.39
CA ILE C 209 -10.31 7.85 42.68
C ILE C 209 -10.23 9.28 43.22
N LYS C 210 -8.99 9.73 43.45
CA LYS C 210 -8.65 11.05 43.98
C LYS C 210 -9.08 11.19 45.45
N SER C 211 -9.31 10.07 46.15
CA SER C 211 -9.37 10.05 47.61
C SER C 211 -7.94 9.99 48.15
N ILE C 212 -7.75 10.42 49.42
CA ILE C 212 -6.49 10.24 50.13
C ILE C 212 -6.21 8.73 50.20
N GLY C 213 -5.03 8.33 49.73
CA GLY C 213 -4.56 6.95 49.81
C GLY C 213 -4.78 6.15 48.53
N ASN C 214 -5.54 6.71 47.57
CA ASN C 214 -5.86 6.03 46.31
C ASN C 214 -4.70 6.20 45.33
N PRO C 215 -4.32 5.16 44.56
CA PRO C 215 -3.24 5.26 43.58
C PRO C 215 -3.53 6.12 42.34
N ILE C 216 -4.81 6.38 42.06
CA ILE C 216 -5.19 7.33 41.01
C ILE C 216 -5.34 8.72 41.66
N GLN C 217 -4.40 9.63 41.36
CA GLN C 217 -4.44 10.99 41.92
C GLN C 217 -4.49 12.04 40.79
N ASN C 218 -4.19 11.64 39.55
CA ASN C 218 -4.09 12.59 38.44
C ASN C 218 -5.38 12.64 37.61
N LEU C 219 -6.08 11.51 37.46
CA LEU C 219 -7.25 11.45 36.59
C LEU C 219 -8.43 12.21 37.23
N PHE C 220 -9.12 12.99 36.40
CA PHE C 220 -10.45 13.49 36.67
C PHE C 220 -11.44 12.40 36.24
N THR C 221 -12.69 12.52 36.69
CA THR C 221 -13.67 11.48 36.48
C THR C 221 -15.05 12.08 36.20
N GLY C 222 -15.82 11.38 35.37
CA GLY C 222 -17.23 11.62 35.17
C GLY C 222 -17.99 10.31 35.14
N ILE C 223 -19.27 10.36 35.51
CA ILE C 223 -20.12 9.19 35.52
C ILE C 223 -21.29 9.42 34.56
N CYS C 224 -21.57 8.42 33.72
CA CYS C 224 -22.64 8.50 32.75
C CYS C 224 -23.89 7.85 33.37
N VAL C 225 -24.99 8.59 33.33
CA VAL C 225 -26.19 8.32 34.10
C VAL C 225 -27.40 8.33 33.17
N PRO C 226 -27.93 7.14 32.81
CA PRO C 226 -29.10 7.05 31.93
C PRO C 226 -30.41 7.32 32.70
N ASP C 227 -31.46 7.72 31.97
CA ASP C 227 -32.78 8.04 32.52
C ASP C 227 -33.25 6.93 33.45
N TYR C 228 -33.27 5.70 32.93
CA TYR C 228 -33.86 4.56 33.63
C TYR C 228 -33.30 4.53 35.08
N TRP C 229 -32.00 4.78 35.23
CA TRP C 229 -31.30 4.62 36.51
C TRP C 229 -31.73 5.72 37.49
N MET C 230 -31.78 6.96 36.98
CA MET C 230 -32.27 8.10 37.76
C MET C 230 -33.72 7.86 38.20
N GLN C 231 -34.56 7.33 37.30
CA GLN C 231 -35.98 7.14 37.60
C GLN C 231 -36.17 6.06 38.70
N GLU C 232 -35.44 4.95 38.58
CA GLU C 232 -35.56 3.81 39.50
C GLU C 232 -34.96 4.14 40.88
N MET C 233 -33.94 5.01 40.91
CA MET C 233 -33.34 5.54 42.15
C MET C 233 -34.34 6.44 42.89
N ILE C 234 -35.05 7.28 42.14
CA ILE C 234 -36.07 8.20 42.67
C ILE C 234 -37.25 7.39 43.26
N ASP C 235 -37.62 6.28 42.60
CA ASP C 235 -38.80 5.49 42.96
C ASP C 235 -38.50 4.54 44.13
N GLY C 236 -37.21 4.40 44.51
CA GLY C 236 -36.82 3.89 45.84
C GLY C 236 -35.92 2.66 45.80
N ASP C 237 -35.24 2.38 44.68
CA ASP C 237 -34.29 1.28 44.56
C ASP C 237 -33.09 1.53 45.49
N ALA C 238 -33.02 0.78 46.59
CA ALA C 238 -32.09 1.04 47.71
C ALA C 238 -30.63 1.02 47.24
N ASP C 239 -30.28 0.09 46.34
CA ASP C 239 -28.90 -0.03 45.86
C ASP C 239 -28.50 1.25 45.12
N LYS C 240 -29.38 1.69 44.21
CA LYS C 240 -29.25 2.95 43.48
C LYS C 240 -28.95 4.10 44.45
N ARG C 241 -29.75 4.22 45.51
CA ARG C 241 -29.67 5.33 46.46
C ARG C 241 -28.29 5.31 47.15
N GLN C 242 -27.83 4.12 47.52
CA GLN C 242 -26.54 3.92 48.17
C GLN C 242 -25.41 4.43 47.24
N ILE C 243 -25.55 4.15 45.94
CA ILE C 243 -24.58 4.58 44.93
C ILE C 243 -24.65 6.10 44.76
N TRP C 244 -25.88 6.61 44.54
CA TRP C 244 -26.15 8.02 44.30
C TRP C 244 -25.59 8.87 45.46
N ALA C 245 -25.91 8.46 46.69
CA ALA C 245 -25.46 9.13 47.88
C ALA C 245 -23.92 9.22 47.89
N LYS C 246 -23.26 8.13 47.48
CA LYS C 246 -21.79 8.10 47.40
C LYS C 246 -21.30 9.12 46.35
N VAL C 247 -22.00 9.21 45.22
CA VAL C 247 -21.68 10.14 44.13
C VAL C 247 -21.78 11.59 44.63
N LEU C 248 -22.87 11.90 45.35
CA LEU C 248 -23.09 13.23 45.91
C LEU C 248 -22.05 13.53 46.99
N GLU C 249 -21.69 12.51 47.78
CA GLU C 249 -20.73 12.67 48.86
C GLU C 249 -19.35 12.97 48.28
N SER C 250 -19.00 12.25 47.21
CA SER C 250 -17.73 12.40 46.48
C SER C 250 -17.59 13.83 45.93
N ARG C 251 -18.66 14.35 45.32
CA ARG C 251 -18.66 15.67 44.69
C ARG C 251 -18.52 16.77 45.76
N GLN C 252 -19.02 16.50 46.98
CA GLN C 252 -18.93 17.43 48.09
C GLN C 252 -17.48 17.46 48.63
N GLN C 253 -16.88 16.29 48.83
CA GLN C 253 -15.51 16.16 49.36
C GLN C 253 -14.48 16.66 48.32
N LYS C 254 -14.58 16.13 47.10
CA LYS C 254 -13.51 16.23 46.11
C LYS C 254 -13.85 17.17 44.94
N GLY C 255 -15.15 17.40 44.70
CA GLY C 255 -15.64 18.18 43.56
C GLY C 255 -16.04 17.32 42.37
N LEU C 256 -15.70 16.02 42.42
CA LEU C 256 -15.86 15.05 41.33
C LEU C 256 -16.72 13.89 41.82
N PRO C 257 -17.30 13.11 40.90
CA PRO C 257 -17.11 13.19 39.46
C PRO C 257 -18.10 14.13 38.75
N TYR C 258 -17.83 14.42 37.47
CA TYR C 258 -18.78 15.13 36.63
C TYR C 258 -19.99 14.22 36.39
N ILE C 259 -21.16 14.81 36.13
CA ILE C 259 -22.35 14.06 35.77
C ILE C 259 -22.57 14.22 34.26
N PHE C 260 -22.63 13.09 33.55
CA PHE C 260 -23.03 13.00 32.15
C PHE C 260 -24.40 12.32 32.12
N PHE C 261 -25.43 13.04 31.66
CA PHE C 261 -26.79 12.48 31.55
C PHE C 261 -27.00 11.91 30.15
N SER C 262 -26.58 10.65 29.99
CA SER C 262 -26.50 9.90 28.73
C SER C 262 -27.69 10.18 27.79
N ASP C 263 -28.90 10.14 28.35
CA ASP C 263 -30.10 10.16 27.54
C ASP C 263 -30.38 11.59 27.10
N ASN C 264 -30.10 12.57 27.98
CA ASN C 264 -30.22 14.00 27.67
C ASN C 264 -29.29 14.36 26.50
N VAL C 265 -28.09 13.78 26.53
CA VAL C 265 -27.05 13.98 25.55
C VAL C 265 -27.49 13.38 24.22
N ASN C 266 -27.95 12.13 24.26
CA ASN C 266 -28.20 11.34 23.05
C ASN C 266 -29.56 11.69 22.40
N LYS C 267 -30.54 12.15 23.19
CA LYS C 267 -31.85 12.51 22.64
C LYS C 267 -31.79 13.89 21.97
N ASN C 268 -30.86 14.74 22.40
CA ASN C 268 -30.75 16.12 21.91
C ASN C 268 -29.46 16.31 21.11
N LYS C 269 -28.92 15.24 20.54
CA LYS C 269 -27.78 15.33 19.64
C LYS C 269 -28.31 15.60 18.22
N PRO C 270 -27.42 15.94 17.25
CA PRO C 270 -27.84 16.13 15.86
C PRO C 270 -28.44 14.87 15.22
N GLN C 271 -29.34 15.09 14.25
CA GLN C 271 -30.13 14.03 13.64
C GLN C 271 -29.19 12.98 13.01
N VAL C 272 -28.12 13.45 12.36
CA VAL C 272 -27.21 12.56 11.62
C VAL C 272 -26.66 11.46 12.53
N TYR C 273 -26.43 11.77 13.82
CA TYR C 273 -25.91 10.76 14.77
C TYR C 273 -26.99 9.76 15.18
N LYS C 274 -28.25 10.19 15.15
CA LYS C 274 -29.40 9.31 15.35
C LYS C 274 -29.52 8.37 14.16
N ASP C 275 -29.52 8.96 12.95
CA ASP C 275 -29.68 8.26 11.68
C ASP C 275 -28.60 7.19 11.51
N GLN C 276 -27.36 7.49 11.93
CA GLN C 276 -26.23 6.57 11.77
C GLN C 276 -26.01 5.73 13.05
N ASN C 277 -26.86 5.93 14.06
CA ASN C 277 -26.83 5.17 15.34
C ASN C 277 -25.43 5.26 15.97
N LEU C 278 -24.89 6.49 16.02
CA LEU C 278 -23.60 6.76 16.65
C LEU C 278 -23.85 7.31 18.05
N ARG C 279 -23.60 6.47 19.07
CA ARG C 279 -23.90 6.84 20.44
C ARG C 279 -22.77 7.73 20.99
N ILE C 280 -23.17 8.72 21.79
CA ILE C 280 -22.27 9.51 22.62
C ILE C 280 -22.23 8.86 24.02
N ASN C 281 -21.15 8.12 24.28
CA ASN C 281 -20.98 7.35 25.49
C ASN C 281 -20.35 8.21 26.60
N ALA C 282 -19.61 9.27 26.23
CA ALA C 282 -18.92 10.09 27.23
C ALA C 282 -18.61 11.48 26.69
N SER C 283 -18.10 12.35 27.57
CA SER C 283 -17.71 13.69 27.21
C SER C 283 -16.19 13.81 27.31
N ASN C 284 -15.70 15.06 27.41
CA ASN C 284 -14.27 15.34 27.38
C ASN C 284 -13.83 15.75 28.78
N LEU C 285 -12.60 16.31 28.84
CA LEU C 285 -11.93 16.68 30.07
C LEU C 285 -12.80 17.64 30.89
N CYS C 286 -13.46 18.58 30.20
CA CYS C 286 -14.17 19.70 30.86
C CYS C 286 -15.68 19.53 30.74
N SER C 287 -16.12 18.39 30.21
CA SER C 287 -17.51 17.90 30.21
C SER C 287 -18.44 18.71 29.28
N GLU C 288 -17.90 19.43 28.28
CA GLU C 288 -18.72 20.30 27.39
C GLU C 288 -18.85 19.72 25.96
N ILE C 289 -17.97 18.77 25.60
CA ILE C 289 -17.94 18.22 24.23
C ILE C 289 -18.82 16.96 24.18
N MET C 290 -19.66 16.89 23.15
CA MET C 290 -20.73 15.89 23.03
C MET C 290 -20.66 15.25 21.65
N LEU C 291 -19.74 14.30 21.52
CA LEU C 291 -19.42 13.66 20.24
C LEU C 291 -19.22 12.16 20.47
N PRO C 292 -19.53 11.32 19.44
CA PRO C 292 -19.33 9.87 19.54
C PRO C 292 -17.90 9.44 19.21
N SER C 293 -17.30 8.62 20.07
CA SER C 293 -16.09 7.88 19.79
C SER C 293 -16.46 6.43 19.50
N THR C 294 -15.60 5.74 18.75
CA THR C 294 -15.73 4.32 18.42
C THR C 294 -14.32 3.72 18.38
N HIS C 295 -14.22 2.44 17.99
CA HIS C 295 -12.94 1.75 17.91
C HIS C 295 -11.95 2.57 17.06
N ASP C 296 -12.38 3.06 15.89
CA ASP C 296 -11.44 3.68 14.94
C ASP C 296 -11.67 5.18 14.80
N GLU C 297 -12.56 5.78 15.61
CA GLU C 297 -12.77 7.22 15.61
C GLU C 297 -12.70 7.75 17.06
N SER C 298 -11.65 8.55 17.31
CA SER C 298 -11.46 9.25 18.58
C SER C 298 -11.89 10.70 18.39
N PHE C 299 -12.97 11.12 19.08
CA PHE C 299 -13.50 12.44 18.76
C PHE C 299 -12.45 13.51 19.12
N ILE C 300 -12.48 14.60 18.36
CA ILE C 300 -11.69 15.78 18.62
C ILE C 300 -12.58 16.97 18.29
N CYS C 301 -12.21 18.11 18.87
CA CYS C 301 -12.91 19.36 18.65
C CYS C 301 -11.92 20.52 18.86
N CYS C 302 -12.09 21.57 18.07
CA CYS C 302 -11.33 22.81 18.22
C CYS C 302 -12.21 23.85 18.89
N LEU C 303 -11.63 24.66 19.81
CA LEU C 303 -12.41 25.59 20.64
C LEU C 303 -12.02 27.05 20.35
N SER C 304 -13.05 27.88 20.35
CA SER C 304 -12.92 29.32 20.45
C SER C 304 -14.22 29.89 20.98
N SER C 305 -14.19 31.17 21.40
CA SER C 305 -15.31 31.73 22.11
C SER C 305 -15.60 33.15 21.63
N MET C 306 -16.90 33.46 21.50
CA MET C 306 -17.39 34.80 21.29
C MET C 306 -17.44 35.50 22.65
N ASN C 307 -16.92 36.72 22.70
CA ASN C 307 -16.85 37.53 23.91
C ASN C 307 -18.17 38.31 24.05
N LEU C 308 -19.06 37.83 24.93
CA LEU C 308 -20.38 38.43 25.09
C LEU C 308 -20.28 39.82 25.72
N GLU C 309 -19.20 40.11 26.46
CA GLU C 309 -19.02 41.44 27.08
C GLU C 309 -19.02 42.53 26.00
N LEU C 310 -18.56 42.20 24.79
CA LEU C 310 -18.51 43.13 23.66
C LEU C 310 -19.58 42.79 22.61
N TYR C 311 -20.64 42.07 23.03
CA TYR C 311 -21.71 41.65 22.14
C TYR C 311 -22.19 42.82 21.27
N GLU C 312 -22.40 43.99 21.89
CA GLU C 312 -22.96 45.16 21.19
C GLU C 312 -22.00 45.66 20.10
N GLU C 313 -20.69 45.39 20.24
CA GLU C 313 -19.71 45.81 19.24
C GLU C 313 -19.72 44.88 18.02
N TRP C 314 -20.06 43.59 18.17
CA TRP C 314 -19.91 42.67 17.05
C TRP C 314 -21.23 42.03 16.58
N LYS C 315 -22.34 42.24 17.29
CA LYS C 315 -23.58 41.49 17.04
C LYS C 315 -24.08 41.65 15.60
N ASP C 316 -23.81 42.81 14.96
CA ASP C 316 -24.32 43.13 13.62
C ASP C 316 -23.26 42.91 12.53
N THR C 317 -22.16 42.22 12.86
CA THR C 317 -21.11 41.89 11.91
C THR C 317 -21.19 40.39 11.60
N GLU C 318 -20.31 39.92 10.72
CA GLU C 318 -20.22 38.51 10.36
C GLU C 318 -19.26 37.78 11.31
N ALA C 319 -19.03 38.34 12.52
CA ALA C 319 -18.06 37.82 13.48
C ALA C 319 -18.26 36.31 13.70
N VAL C 320 -19.52 35.88 13.84
CA VAL C 320 -19.83 34.49 14.16
C VAL C 320 -19.51 33.63 12.93
N LYS C 321 -19.86 34.13 11.75
CA LYS C 321 -19.57 33.46 10.51
C LYS C 321 -18.05 33.26 10.38
N LEU C 322 -17.26 34.32 10.68
CA LEU C 322 -15.80 34.26 10.55
C LEU C 322 -15.18 33.31 11.59
N ALA C 323 -15.79 33.22 12.77
CA ALA C 323 -15.31 32.35 13.83
C ALA C 323 -15.49 30.88 13.42
N ILE C 324 -16.60 30.56 12.77
CA ILE C 324 -16.85 29.20 12.26
C ILE C 324 -15.88 28.88 11.12
N PHE C 325 -15.69 29.85 10.21
CA PHE C 325 -14.69 29.74 9.15
C PHE C 325 -13.30 29.50 9.79
N PHE C 326 -12.97 30.31 10.80
CA PHE C 326 -11.72 30.18 11.51
C PHE C 326 -11.57 28.76 12.07
N LEU C 327 -12.57 28.29 12.80
CA LEU C 327 -12.47 26.99 13.49
C LEU C 327 -12.36 25.83 12.48
N ASP C 328 -13.01 25.96 11.32
CA ASP C 328 -12.89 24.92 10.28
C ASP C 328 -11.46 24.89 9.71
N ALA C 329 -10.78 26.04 9.70
CA ALA C 329 -9.38 26.18 9.28
C ALA C 329 -8.43 25.51 10.29
N VAL C 330 -8.68 25.76 11.58
CA VAL C 330 -7.88 25.21 12.67
C VAL C 330 -7.92 23.68 12.58
N LEU C 331 -9.11 23.15 12.32
CA LEU C 331 -9.33 21.74 12.24
C LEU C 331 -8.60 21.19 11.01
N GLN C 332 -8.72 21.90 9.89
CA GLN C 332 -8.07 21.53 8.65
C GLN C 332 -6.55 21.41 8.87
N GLU C 333 -5.98 22.32 9.67
CA GLU C 333 -4.57 22.28 9.99
C GLU C 333 -4.25 21.01 10.77
N PHE C 334 -5.14 20.62 11.68
CA PHE C 334 -4.97 19.37 12.39
C PHE C 334 -4.92 18.22 11.39
N ILE C 335 -5.90 18.18 10.49
CA ILE C 335 -6.07 17.03 9.59
C ILE C 335 -4.82 16.84 8.71
N GLU C 336 -4.30 17.93 8.13
CA GLU C 336 -3.25 17.82 7.13
C GLU C 336 -1.92 17.47 7.79
N LYS C 337 -1.68 17.96 9.02
CA LYS C 337 -0.43 17.76 9.73
C LYS C 337 -0.33 16.34 10.30
N THR C 338 -1.46 15.61 10.38
CA THR C 338 -1.52 14.33 11.11
C THR C 338 -1.75 13.12 10.19
N GLU C 339 -1.77 13.30 8.86
CA GLU C 339 -1.92 12.16 7.94
C GLU C 339 -0.70 11.24 8.11
N GLY C 340 -0.98 9.94 8.25
CA GLY C 340 0.05 8.91 8.42
C GLY C 340 0.81 9.00 9.74
N ASN C 341 0.19 9.59 10.78
CA ASN C 341 0.68 9.53 12.15
C ASN C 341 -0.09 8.41 12.85
N TYR C 342 0.63 7.36 13.26
CA TYR C 342 0.00 6.08 13.60
C TYR C 342 -1.05 6.26 14.70
N TYR C 343 -0.65 6.87 15.82
CA TYR C 343 -1.44 6.91 17.05
C TYR C 343 -2.53 8.00 16.97
N LEU C 344 -2.35 9.02 16.13
CA LEU C 344 -3.38 10.06 15.96
C LEU C 344 -4.38 9.74 14.84
N SER C 345 -4.40 8.50 14.33
CA SER C 345 -5.18 8.12 13.14
C SER C 345 -6.67 8.19 13.41
N ALA C 346 -7.11 7.63 14.54
CA ALA C 346 -8.53 7.56 14.85
C ALA C 346 -9.08 8.99 15.06
N ALA C 347 -8.23 9.90 15.55
CA ALA C 347 -8.56 11.32 15.72
C ALA C 347 -8.67 11.99 14.33
N ASN C 348 -7.65 11.77 13.52
CA ASN C 348 -7.58 12.31 12.15
C ASN C 348 -8.78 11.85 11.31
N LYS C 349 -9.18 10.60 11.50
CA LYS C 349 -10.33 10.00 10.80
C LYS C 349 -11.63 10.68 11.24
N PHE C 350 -11.82 10.84 12.56
CA PHE C 350 -13.00 11.55 13.09
C PHE C 350 -13.13 12.95 12.48
N ALA C 351 -12.05 13.73 12.52
CA ALA C 351 -12.07 15.12 12.09
C ALA C 351 -12.43 15.23 10.61
N LYS C 352 -11.89 14.32 9.78
CA LYS C 352 -12.17 14.31 8.33
C LYS C 352 -13.66 14.06 8.06
N ARG C 353 -14.26 13.10 8.77
CA ARG C 353 -15.59 12.60 8.43
C ARG C 353 -16.68 13.47 9.08
N HIS C 354 -16.44 14.01 10.28
CA HIS C 354 -17.42 14.78 11.08
C HIS C 354 -17.22 16.30 10.97
N ARG C 355 -15.95 16.72 11.04
CA ARG C 355 -15.56 18.13 11.14
C ARG C 355 -16.31 18.84 12.27
N ALA C 356 -16.37 18.23 13.45
CA ALA C 356 -17.01 18.85 14.61
C ALA C 356 -16.24 20.10 15.07
N LEU C 357 -16.99 21.18 15.31
CA LEU C 357 -16.47 22.44 15.82
C LEU C 357 -17.14 22.76 17.16
N GLY C 358 -16.50 23.64 17.93
CA GLY C 358 -16.98 24.06 19.24
C GLY C 358 -16.77 25.54 19.47
N LEU C 359 -17.69 26.35 18.92
CA LEU C 359 -17.74 27.77 19.19
C LEU C 359 -18.50 27.97 20.51
N GLY C 360 -17.81 28.58 21.48
CA GLY C 360 -18.40 28.84 22.77
C GLY C 360 -18.63 30.31 22.99
N VAL C 361 -18.83 30.68 24.25
CA VAL C 361 -19.01 32.06 24.64
C VAL C 361 -18.23 32.27 25.93
N LEU C 362 -18.16 33.53 26.31
CA LEU C 362 -17.24 33.99 27.30
C LEU C 362 -17.80 35.35 27.75
N GLY C 363 -17.64 35.67 29.03
CA GLY C 363 -17.99 36.97 29.54
C GLY C 363 -19.49 37.16 29.67
N TRP C 364 -20.22 36.09 30.01
CA TRP C 364 -21.68 36.16 30.12
C TRP C 364 -22.07 37.08 31.28
N HIS C 365 -21.47 36.83 32.45
CA HIS C 365 -21.82 37.62 33.66
C HIS C 365 -21.37 39.07 33.48
N SER C 366 -20.18 39.26 32.88
CA SER C 366 -19.63 40.59 32.57
C SER C 366 -20.62 41.39 31.72
N TYR C 367 -21.19 40.75 30.69
CA TYR C 367 -22.20 41.37 29.83
C TYR C 367 -23.39 41.85 30.67
N LEU C 368 -23.91 40.97 31.52
CA LEU C 368 -25.06 41.29 32.35
C LEU C 368 -24.76 42.49 33.26
N GLN C 369 -23.60 42.45 33.93
CA GLN C 369 -23.18 43.48 34.87
C GLN C 369 -22.96 44.82 34.15
N LYS C 370 -22.40 44.76 32.95
CA LYS C 370 -22.17 45.92 32.11
C LYS C 370 -23.51 46.61 31.76
N ASN C 371 -24.61 45.87 31.83
CA ASN C 371 -25.94 46.34 31.45
C ASN C 371 -26.83 46.41 32.70
N MET C 372 -26.23 46.25 33.88
CA MET C 372 -26.91 46.28 35.16
C MET C 372 -28.14 45.36 35.12
N ILE C 373 -27.90 44.13 34.68
CA ILE C 373 -28.90 43.06 34.68
C ILE C 373 -28.51 42.04 35.74
N PRO C 374 -29.38 41.74 36.73
CA PRO C 374 -29.08 40.69 37.70
C PRO C 374 -29.07 39.31 37.02
N PHE C 375 -28.11 38.47 37.43
CA PHE C 375 -27.95 37.13 36.88
C PHE C 375 -29.23 36.33 37.11
N GLU C 376 -29.88 36.51 38.26
CA GLU C 376 -31.17 35.87 38.58
C GLU C 376 -32.28 36.61 37.85
N GLY C 377 -33.34 35.89 37.49
CA GLY C 377 -34.58 36.52 37.06
C GLY C 377 -34.76 36.49 35.55
N MET C 378 -35.80 37.20 35.11
CA MET C 378 -36.43 37.05 33.81
C MET C 378 -35.60 37.73 32.72
N GLU C 379 -35.01 38.89 33.03
CA GLU C 379 -34.31 39.66 32.03
C GLU C 379 -33.11 38.84 31.51
N ALA C 380 -32.41 38.16 32.43
CA ALA C 380 -31.26 37.34 32.08
C ALA C 380 -31.69 36.19 31.16
N LYS C 381 -32.79 35.51 31.53
CA LYS C 381 -33.37 34.38 30.79
C LYS C 381 -33.76 34.79 29.37
N MET C 382 -34.47 35.92 29.22
CA MET C 382 -34.89 36.44 27.92
C MET C 382 -33.65 36.72 27.06
N LYS C 383 -32.64 37.34 27.68
CA LYS C 383 -31.39 37.72 27.03
C LYS C 383 -30.60 36.48 26.62
N THR C 384 -30.62 35.44 27.48
CA THR C 384 -30.06 34.14 27.14
C THR C 384 -30.64 33.66 25.82
N THR C 385 -31.97 33.81 25.66
CA THR C 385 -32.71 33.34 24.51
C THR C 385 -32.31 34.16 23.29
N GLU C 386 -32.29 35.49 23.43
CA GLU C 386 -32.05 36.41 22.32
C GLU C 386 -30.64 36.18 21.75
N ILE C 387 -29.64 36.08 22.64
CA ILE C 387 -28.23 36.06 22.22
C ILE C 387 -27.87 34.69 21.63
N PHE C 388 -28.33 33.61 22.27
CA PHE C 388 -27.92 32.28 21.88
C PHE C 388 -28.70 31.86 20.63
N LYS C 389 -29.90 32.40 20.44
CA LYS C 389 -30.63 32.19 19.20
C LYS C 389 -29.88 32.86 18.05
N HIS C 390 -29.42 34.09 18.27
CA HIS C 390 -28.71 34.85 17.27
C HIS C 390 -27.43 34.10 16.86
N ILE C 391 -26.60 33.74 17.84
CA ILE C 391 -25.31 33.12 17.58
C ILE C 391 -25.53 31.73 16.93
N SER C 392 -26.48 30.95 17.43
CA SER C 392 -26.72 29.60 16.89
C SER C 392 -27.23 29.69 15.45
N ASP C 393 -28.12 30.64 15.16
CA ASP C 393 -28.64 30.81 13.81
C ASP C 393 -27.46 31.12 12.86
N LYS C 394 -26.58 32.04 13.27
CA LYS C 394 -25.48 32.46 12.42
C LYS C 394 -24.45 31.33 12.24
N ALA C 395 -24.24 30.51 13.28
CA ALA C 395 -23.27 29.43 13.24
C ALA C 395 -23.77 28.29 12.35
N ASP C 396 -25.09 28.03 12.39
CA ASP C 396 -25.73 27.05 11.51
C ASP C 396 -25.53 27.47 10.05
N LYS C 397 -25.73 28.77 9.77
CA LYS C 397 -25.70 29.30 8.41
C LYS C 397 -24.27 29.31 7.90
N ALA C 398 -23.33 29.68 8.77
CA ALA C 398 -21.91 29.65 8.46
C ALA C 398 -21.50 28.23 8.02
N SER C 399 -22.04 27.20 8.68
CA SER C 399 -21.72 25.81 8.38
C SER C 399 -22.33 25.38 7.04
N GLN C 400 -23.47 25.96 6.68
CA GLN C 400 -24.13 25.69 5.39
C GLN C 400 -23.33 26.35 4.25
N GLU C 401 -22.77 27.53 4.51
CA GLU C 401 -21.95 28.27 3.56
C GLU C 401 -20.60 27.55 3.35
N LEU C 402 -20.06 26.93 4.40
CA LEU C 402 -18.82 26.17 4.29
C LEU C 402 -19.03 24.93 3.39
N ALA C 403 -20.18 24.24 3.55
CA ALA C 403 -20.56 23.11 2.68
C ALA C 403 -20.74 23.56 1.23
N ARG C 404 -21.27 24.77 1.01
CA ARG C 404 -21.56 25.27 -0.34
C ARG C 404 -20.24 25.51 -1.10
N ILE C 405 -19.19 25.89 -0.37
CA ILE C 405 -17.89 26.29 -0.91
C ILE C 405 -16.97 25.06 -1.02
N TYR C 406 -16.94 24.23 0.04
CA TYR C 406 -15.92 23.20 0.25
C TYR C 406 -16.52 21.79 0.14
N GLY C 407 -17.85 21.67 0.14
CA GLY C 407 -18.55 20.37 0.11
C GLY C 407 -18.78 19.80 1.51
N GLU C 408 -19.68 18.83 1.59
CA GLU C 408 -19.99 18.13 2.81
C GLU C 408 -18.96 17.03 3.06
N PRO C 409 -18.53 16.81 4.33
CA PRO C 409 -17.75 15.62 4.65
C PRO C 409 -18.64 14.38 4.54
N GLU C 410 -18.02 13.19 4.62
CA GLU C 410 -18.69 11.92 4.29
C GLU C 410 -20.03 11.78 5.04
N LEU C 411 -20.01 12.02 6.35
CA LEU C 411 -21.17 11.75 7.21
C LEU C 411 -22.31 12.73 6.90
N LEU C 412 -21.99 13.89 6.30
CA LEU C 412 -22.97 14.94 6.11
C LEU C 412 -23.39 15.03 4.62
N LYS C 413 -23.11 14.01 3.83
CA LYS C 413 -23.61 13.93 2.45
C LYS C 413 -25.14 14.02 2.48
N GLY C 414 -25.69 15.08 1.87
CA GLY C 414 -27.15 15.30 1.80
C GLY C 414 -27.69 16.28 2.83
N TYR C 415 -26.94 16.53 3.92
CA TYR C 415 -27.40 17.33 5.07
C TYR C 415 -27.11 18.83 4.87
N GLY C 416 -26.23 19.16 3.92
CA GLY C 416 -26.00 20.55 3.49
C GLY C 416 -25.33 21.42 4.55
N ARG C 417 -24.47 20.83 5.38
CA ARG C 417 -23.65 21.59 6.35
C ARG C 417 -22.27 20.93 6.47
N ARG C 418 -21.26 21.73 6.82
CA ARG C 418 -19.85 21.35 6.74
C ARG C 418 -19.44 20.54 7.98
N ASN C 419 -20.15 20.78 9.11
CA ASN C 419 -19.71 20.40 10.47
C ASN C 419 -20.87 19.75 11.21
N THR C 420 -20.63 18.63 11.89
CA THR C 420 -21.70 17.92 12.62
C THR C 420 -22.18 18.78 13.79
N THR C 421 -21.26 19.53 14.40
CA THR C 421 -21.57 20.45 15.48
C THR C 421 -20.80 21.74 15.26
N THR C 422 -21.36 22.83 15.80
CA THR C 422 -20.77 24.16 15.71
C THR C 422 -20.49 24.76 17.08
N MET C 423 -21.16 24.31 18.15
CA MET C 423 -21.19 25.07 19.39
C MET C 423 -20.95 24.18 20.63
N ALA C 424 -20.14 24.72 21.54
CA ALA C 424 -19.84 24.16 22.87
C ALA C 424 -19.24 25.25 23.78
N ILE C 425 -19.73 25.32 25.02
CA ILE C 425 -19.31 26.31 25.97
C ILE C 425 -18.33 25.68 26.95
N ALA C 426 -17.05 26.00 26.76
CA ALA C 426 -15.97 25.54 27.58
C ALA C 426 -15.92 26.37 28.86
N PRO C 427 -15.09 25.99 29.86
CA PRO C 427 -14.89 26.81 31.06
C PRO C 427 -14.25 28.18 30.75
N THR C 428 -13.30 28.20 29.80
CA THR C 428 -12.60 29.40 29.28
C THR C 428 -11.88 30.16 30.39
N THR C 429 -11.27 29.44 31.32
CA THR C 429 -10.56 30.02 32.44
C THR C 429 -9.44 30.97 31.96
N SER C 430 -8.54 30.46 31.10
CA SER C 430 -7.36 31.23 30.67
C SER C 430 -7.74 32.30 29.64
N SER C 431 -8.69 31.96 28.75
CA SER C 431 -9.07 32.84 27.66
C SER C 431 -9.71 34.12 28.22
N SER C 432 -10.55 34.01 29.24
CA SER C 432 -11.24 35.19 29.80
C SER C 432 -10.32 35.97 30.76
N ALA C 433 -9.30 35.30 31.32
CA ALA C 433 -8.23 35.98 32.07
C ALA C 433 -7.46 36.92 31.14
N ILE C 434 -7.14 36.45 29.93
CA ILE C 434 -6.42 37.20 28.91
C ILE C 434 -7.23 38.43 28.48
N LEU C 435 -8.56 38.29 28.34
CA LEU C 435 -9.40 39.40 27.83
C LEU C 435 -9.96 40.22 28.99
N GLY C 436 -9.05 40.89 29.71
CA GLY C 436 -9.41 41.85 30.74
C GLY C 436 -10.13 41.20 31.91
N GLN C 437 -9.74 39.97 32.25
CA GLN C 437 -10.29 39.21 33.37
C GLN C 437 -11.83 39.32 33.39
N THR C 438 -12.42 39.08 32.24
CA THR C 438 -13.87 39.04 32.10
C THR C 438 -14.37 37.72 32.70
N SER C 439 -15.69 37.57 32.79
CA SER C 439 -16.28 36.41 33.45
C SER C 439 -16.06 35.14 32.62
N PRO C 440 -15.86 33.96 33.24
CA PRO C 440 -15.61 32.72 32.50
C PRO C 440 -16.91 32.08 31.97
N GLY C 441 -16.82 31.53 30.76
CA GLY C 441 -17.92 30.89 30.06
C GLY C 441 -19.24 31.51 30.46
N ILE C 442 -20.16 30.70 30.98
CA ILE C 442 -21.48 31.19 31.38
C ILE C 442 -21.60 31.15 32.90
N GLU C 443 -20.47 31.07 33.59
CA GLU C 443 -20.41 30.97 35.03
C GLU C 443 -20.42 32.37 35.66
N PRO C 444 -21.13 32.61 36.77
CA PRO C 444 -21.03 33.88 37.50
C PRO C 444 -19.64 34.01 38.13
N PHE C 445 -19.15 35.24 38.27
CA PHE C 445 -17.99 35.57 39.11
C PHE C 445 -18.16 34.95 40.51
N SER C 446 -17.05 34.46 41.07
CA SER C 446 -17.07 33.80 42.36
C SER C 446 -17.00 34.82 43.50
N SER C 447 -16.41 35.99 43.23
CA SER C 447 -16.31 37.10 44.19
C SER C 447 -16.06 38.42 43.44
N ASN C 448 -16.33 39.55 44.11
CA ASN C 448 -16.18 40.89 43.54
C ASN C 448 -14.78 41.44 43.83
N TYR C 449 -14.04 40.74 44.70
CA TYR C 449 -12.72 41.11 45.18
C TYR C 449 -11.99 39.84 45.65
N TYR C 450 -10.80 39.58 45.10
CA TYR C 450 -10.09 38.31 45.34
C TYR C 450 -8.62 38.44 44.93
N MET C 460 -4.74 41.59 44.09
CA MET C 460 -6.19 41.46 44.30
C MET C 460 -6.94 42.18 43.17
N ARG C 461 -7.77 41.42 42.42
CA ARG C 461 -8.60 41.92 41.31
C ARG C 461 -9.94 42.42 41.86
N LYS C 462 -10.40 43.56 41.33
CA LYS C 462 -11.70 44.14 41.64
C LYS C 462 -12.63 43.98 40.44
N ASN C 463 -13.88 43.61 40.71
CA ASN C 463 -14.91 43.54 39.70
C ASN C 463 -15.00 44.90 39.01
N LYS C 464 -14.89 44.91 37.68
CA LYS C 464 -14.72 46.11 36.90
C LYS C 464 -15.96 47.01 37.00
N TYR C 465 -17.16 46.43 36.95
CA TYR C 465 -18.40 47.20 36.81
C TYR C 465 -18.89 47.68 38.18
N LEU C 466 -18.51 46.95 39.23
CA LEU C 466 -18.75 47.38 40.61
C LEU C 466 -17.86 48.61 40.90
N LYS C 467 -16.60 48.55 40.48
CA LYS C 467 -15.67 49.66 40.68
C LYS C 467 -16.23 50.95 40.08
N LYS C 468 -16.76 50.86 38.86
CA LYS C 468 -17.29 52.01 38.14
C LYS C 468 -18.52 52.58 38.86
N LEU C 469 -19.32 51.71 39.49
CA LEU C 469 -20.52 52.12 40.21
C LEU C 469 -20.14 52.82 41.51
N LEU C 470 -19.17 52.24 42.22
CA LEU C 470 -18.64 52.79 43.46
C LEU C 470 -18.01 54.15 43.20
N GLU C 471 -17.30 54.30 42.07
CA GLU C 471 -16.65 55.57 41.69
C GLU C 471 -17.71 56.66 41.53
N GLU C 472 -18.77 56.39 40.75
CA GLU C 472 -19.83 57.36 40.52
C GLU C 472 -20.40 57.87 41.85
N LYS C 473 -20.43 56.99 42.87
CA LYS C 473 -21.02 57.28 44.19
C LYS C 473 -19.97 57.82 45.16
N GLY C 474 -18.69 57.77 44.78
CA GLY C 474 -17.59 58.27 45.59
C GLY C 474 -17.18 57.30 46.70
N LEU C 475 -17.35 55.99 46.45
CA LEU C 475 -17.18 54.94 47.46
C LEU C 475 -16.07 53.95 47.07
N ASP C 476 -15.27 54.29 46.06
CA ASP C 476 -14.15 53.45 45.63
C ASP C 476 -12.97 53.75 46.57
N ASN C 477 -13.12 53.39 47.84
CA ASN C 477 -12.16 53.71 48.92
C ASN C 477 -11.78 52.44 49.68
N GLU C 478 -10.66 52.52 50.41
CA GLU C 478 -10.03 51.39 51.08
C GLU C 478 -11.01 50.74 52.07
N GLU C 479 -11.86 51.55 52.70
CA GLU C 479 -12.80 51.07 53.74
C GLU C 479 -13.88 50.18 53.12
N VAL C 480 -14.49 50.63 52.02
CA VAL C 480 -15.55 49.89 51.34
C VAL C 480 -14.99 48.55 50.86
N TRP C 481 -13.76 48.54 50.32
CA TRP C 481 -13.17 47.32 49.73
C TRP C 481 -12.74 46.34 50.82
N ARG C 482 -12.27 46.85 51.95
CA ARG C 482 -11.89 46.02 53.10
C ARG C 482 -13.13 45.30 53.64
N GLY C 483 -14.27 46.01 53.67
CA GLY C 483 -15.56 45.47 54.08
C GLY C 483 -16.06 44.37 53.16
N ILE C 484 -15.73 44.46 51.87
CA ILE C 484 -16.07 43.45 50.86
C ILE C 484 -15.17 42.22 51.05
N MET C 485 -13.89 42.47 51.34
CA MET C 485 -12.89 41.42 51.53
C MET C 485 -13.18 40.62 52.80
N LEU C 486 -13.67 41.29 53.85
CA LEU C 486 -14.05 40.62 55.10
C LEU C 486 -15.36 39.86 54.92
N ASN C 487 -16.19 40.28 53.97
CA ASN C 487 -17.52 39.72 53.75
C ASN C 487 -17.51 38.76 52.55
N GLY C 488 -16.31 38.30 52.16
CA GLY C 488 -16.14 37.15 51.27
C GLY C 488 -16.19 37.51 49.79
N GLY C 489 -16.15 38.81 49.49
CA GLY C 489 -16.26 39.33 48.12
C GLY C 489 -17.66 39.84 47.79
N SER C 490 -18.57 39.78 48.77
CA SER C 490 -19.98 40.12 48.60
C SER C 490 -20.16 41.64 48.78
N VAL C 491 -21.30 42.17 48.31
CA VAL C 491 -21.71 43.57 48.59
C VAL C 491 -23.10 43.60 49.24
N GLN C 492 -23.63 42.45 49.67
CA GLN C 492 -25.02 42.36 50.18
C GLN C 492 -25.17 43.18 51.47
N HIS C 493 -24.10 43.30 52.26
CA HIS C 493 -24.08 44.01 53.55
C HIS C 493 -24.17 45.54 53.37
N MET C 494 -23.86 46.05 52.17
CA MET C 494 -23.65 47.49 51.92
C MET C 494 -24.99 48.23 51.89
N SER C 495 -25.18 49.13 52.87
CA SER C 495 -26.36 50.01 52.97
C SER C 495 -26.40 51.07 51.86
N GLN C 496 -25.24 51.40 51.26
CA GLN C 496 -25.11 52.48 50.26
C GLN C 496 -25.64 52.05 48.88
N LEU C 497 -25.73 50.74 48.62
CA LEU C 497 -26.24 50.22 47.36
C LEU C 497 -27.74 49.91 47.50
N THR C 498 -28.49 50.06 46.40
CA THR C 498 -29.88 49.66 46.33
C THR C 498 -29.94 48.15 46.11
N GLN C 499 -31.07 47.53 46.45
CA GLN C 499 -31.27 46.09 46.31
C GLN C 499 -31.03 45.65 44.86
N GLN C 500 -31.48 46.47 43.91
CA GLN C 500 -31.28 46.24 42.47
C GLN C 500 -29.78 46.16 42.16
N GLU C 501 -29.01 47.09 42.71
CA GLU C 501 -27.57 47.13 42.52
C GLU C 501 -26.91 45.94 43.21
N LYS C 502 -27.38 45.59 44.41
CA LYS C 502 -26.88 44.42 45.13
C LYS C 502 -27.20 43.12 44.35
N ASP C 503 -28.29 43.12 43.58
CA ASP C 503 -28.68 41.93 42.79
C ASP C 503 -27.72 41.71 41.60
N VAL C 504 -27.24 42.81 41.02
CA VAL C 504 -26.38 42.79 39.86
C VAL C 504 -25.01 42.20 40.25
N PHE C 505 -24.60 42.38 41.51
CA PHE C 505 -23.23 42.07 41.94
C PHE C 505 -23.23 40.93 42.97
N LYS C 506 -24.34 40.19 43.05
CA LYS C 506 -24.36 38.89 43.68
C LYS C 506 -23.28 38.00 43.05
N THR C 507 -22.62 37.21 43.90
CA THR C 507 -21.60 36.28 43.46
C THR C 507 -22.20 34.87 43.32
N PHE C 508 -21.36 33.97 42.81
CA PHE C 508 -21.72 32.60 42.45
C PHE C 508 -22.46 31.94 43.62
N LYS C 509 -21.81 31.92 44.80
CA LYS C 509 -22.34 31.22 46.00
C LYS C 509 -23.70 31.79 46.41
N GLU C 510 -23.94 33.08 46.16
CA GLU C 510 -25.15 33.78 46.64
C GLU C 510 -26.28 33.72 45.60
N ILE C 511 -25.96 33.31 44.37
CA ILE C 511 -26.95 33.20 43.31
C ILE C 511 -27.65 31.85 43.49
N SER C 512 -28.95 31.82 43.18
CA SER C 512 -29.75 30.61 43.29
C SER C 512 -29.25 29.57 42.28
N GLN C 513 -28.78 28.42 42.79
CA GLN C 513 -28.21 27.40 41.96
C GLN C 513 -29.31 26.82 41.07
N LEU C 514 -30.56 26.88 41.51
CA LEU C 514 -31.68 26.45 40.71
C LEU C 514 -31.80 27.34 39.46
N GLU C 515 -31.71 28.65 39.65
CA GLU C 515 -31.77 29.65 38.57
C GLU C 515 -30.67 29.38 37.53
N ILE C 516 -29.45 29.14 38.00
CA ILE C 516 -28.33 28.77 37.15
C ILE C 516 -28.75 27.56 36.30
N VAL C 517 -29.26 26.52 36.96
CA VAL C 517 -29.70 25.28 36.28
C VAL C 517 -30.81 25.60 35.28
N GLN C 518 -31.76 26.48 35.65
CA GLN C 518 -32.85 26.85 34.75
C GLN C 518 -32.32 27.52 33.49
N GLN C 519 -31.44 28.50 33.68
CA GLN C 519 -30.82 29.29 32.60
C GLN C 519 -30.06 28.36 31.65
N ALA C 520 -29.35 27.38 32.24
CA ALA C 520 -28.58 26.36 31.52
C ALA C 520 -29.49 25.53 30.61
N GLY C 521 -30.68 25.16 31.12
CA GLY C 521 -31.70 24.41 30.36
C GLY C 521 -32.20 25.19 29.14
N ILE C 522 -32.45 26.49 29.34
CA ILE C 522 -32.90 27.38 28.29
C ILE C 522 -31.79 27.55 27.24
N ARG C 523 -30.55 27.70 27.71
CA ARG C 523 -29.38 27.96 26.88
C ARG C 523 -29.03 26.69 26.07
N GLN C 524 -29.36 25.52 26.64
CA GLN C 524 -28.96 24.23 26.04
C GLN C 524 -29.73 23.95 24.74
N LYS C 525 -30.96 24.46 24.66
CA LYS C 525 -31.80 24.29 23.47
C LYS C 525 -31.10 24.84 22.21
N PHE C 526 -30.15 25.77 22.40
CA PHE C 526 -29.49 26.51 21.31
C PHE C 526 -28.02 26.09 21.14
N VAL C 527 -27.58 25.03 21.82
CA VAL C 527 -26.20 24.56 21.77
C VAL C 527 -26.23 23.08 21.36
N ASP C 528 -25.59 22.74 20.24
CA ASP C 528 -25.74 21.42 19.66
C ASP C 528 -24.86 20.41 20.42
N GLN C 529 -23.82 20.88 21.11
CA GLN C 529 -23.07 20.05 22.04
C GLN C 529 -23.51 20.39 23.46
N GLY C 530 -22.56 20.68 24.34
CA GLY C 530 -22.82 20.86 25.76
C GLY C 530 -22.21 22.13 26.30
N GLN C 531 -22.25 22.25 27.63
CA GLN C 531 -21.72 23.39 28.32
C GLN C 531 -21.17 22.94 29.67
N SER C 532 -19.95 23.40 29.98
CA SER C 532 -19.28 23.23 31.26
C SER C 532 -20.06 24.00 32.35
N LEU C 533 -20.80 23.29 33.19
CA LEU C 533 -21.70 23.88 34.18
C LEU C 533 -21.27 23.51 35.60
N ASN C 534 -20.57 24.43 36.24
CA ASN C 534 -20.23 24.37 37.64
C ASN C 534 -21.45 24.79 38.47
N LEU C 535 -21.59 24.19 39.65
CA LEU C 535 -22.53 24.67 40.66
C LEU C 535 -21.75 24.89 41.96
N ASN C 536 -22.14 25.93 42.72
CA ASN C 536 -21.59 26.18 44.04
C ASN C 536 -22.59 25.66 45.07
N ILE C 537 -22.24 24.54 45.72
CA ILE C 537 -23.04 23.93 46.76
C ILE C 537 -22.31 24.12 48.09
N PRO C 538 -22.80 25.01 48.99
CA PRO C 538 -22.20 25.16 50.31
C PRO C 538 -22.32 23.86 51.12
N ALA C 539 -21.24 23.50 51.82
CA ALA C 539 -21.12 22.25 52.58
C ALA C 539 -22.26 22.12 53.61
N GLU C 540 -22.79 23.25 54.09
CA GLU C 540 -23.89 23.29 55.06
C GLU C 540 -25.24 23.42 54.36
N LEU C 541 -25.45 22.63 53.29
CA LEU C 541 -26.75 22.55 52.58
C LEU C 541 -27.24 21.09 52.63
N ALA C 542 -28.56 20.93 52.82
CA ALA C 542 -29.18 19.63 52.98
C ALA C 542 -28.91 18.78 51.74
N ILE C 543 -28.48 17.53 51.95
CA ILE C 543 -28.29 16.52 50.90
C ILE C 543 -29.62 16.35 50.14
N LYS C 544 -30.75 16.60 50.81
CA LYS C 544 -32.08 16.58 50.20
C LYS C 544 -32.19 17.66 49.11
N ASP C 545 -31.73 18.87 49.42
CA ASP C 545 -31.80 20.03 48.51
C ASP C 545 -30.77 19.88 47.38
N VAL C 546 -29.59 19.37 47.69
CA VAL C 546 -28.58 19.01 46.68
C VAL C 546 -29.23 18.08 45.65
N ASN C 547 -29.95 17.06 46.14
CA ASN C 547 -30.56 16.00 45.33
C ASN C 547 -31.65 16.60 44.42
N ARG C 548 -32.46 17.51 44.96
CA ARG C 548 -33.56 18.10 44.20
C ARG C 548 -33.01 18.91 43.01
N LEU C 549 -31.88 19.58 43.24
CA LEU C 549 -31.22 20.44 42.27
C LEU C 549 -30.68 19.61 41.09
N MET C 550 -30.05 18.47 41.40
CA MET C 550 -29.50 17.58 40.41
C MET C 550 -30.64 16.89 39.64
N ILE C 551 -31.75 16.61 40.32
CA ILE C 551 -32.95 16.08 39.68
C ILE C 551 -33.54 17.16 38.75
N GLU C 552 -33.55 18.42 39.20
CA GLU C 552 -34.03 19.57 38.39
C GLU C 552 -33.23 19.74 37.09
N ALA C 553 -31.90 19.57 37.18
CA ALA C 553 -31.00 19.66 36.02
C ALA C 553 -31.32 18.54 35.01
N TRP C 554 -31.42 17.30 35.52
CA TRP C 554 -31.72 16.12 34.71
C TRP C 554 -33.05 16.31 33.97
N GLN C 555 -34.08 16.75 34.69
CA GLN C 555 -35.41 16.92 34.13
C GLN C 555 -35.44 18.03 33.06
N GLN C 556 -34.70 19.13 33.27
CA GLN C 556 -34.74 20.31 32.37
C GLN C 556 -33.78 20.15 31.17
N GLY C 557 -33.13 18.99 31.07
CA GLY C 557 -32.41 18.61 29.86
C GLY C 557 -30.97 19.06 29.86
N VAL C 558 -30.45 19.45 31.03
CA VAL C 558 -29.03 19.70 31.20
C VAL C 558 -28.27 18.41 30.82
N LYS C 559 -27.25 18.58 29.99
CA LYS C 559 -26.55 17.46 29.41
C LYS C 559 -25.46 16.97 30.37
N SER C 560 -24.84 17.90 31.12
CA SER C 560 -23.77 17.53 32.02
C SER C 560 -23.64 18.54 33.17
N LEU C 561 -22.99 18.07 34.23
CA LEU C 561 -22.55 18.88 35.35
C LEU C 561 -21.05 18.65 35.55
N TYR C 562 -20.36 19.76 35.85
CA TYR C 562 -18.91 19.82 35.89
C TYR C 562 -18.49 19.72 37.37
N TYR C 563 -17.66 20.64 37.86
CA TYR C 563 -17.25 20.59 39.25
C TYR C 563 -18.39 21.05 40.14
N GLN C 564 -18.32 20.62 41.40
CA GLN C 564 -19.06 21.21 42.52
C GLN C 564 -18.05 21.97 43.39
N ARG C 565 -18.32 23.27 43.60
CA ARG C 565 -17.32 24.18 44.17
C ARG C 565 -17.54 24.32 45.68
N TRP D 42 10.56 -40.62 36.42
CA TRP D 42 10.87 -40.96 37.85
C TRP D 42 10.51 -39.82 38.80
N TRP D 43 10.56 -38.57 38.30
CA TRP D 43 10.41 -37.35 39.12
C TRP D 43 8.93 -37.06 39.42
N LYS D 44 8.01 -37.80 38.80
CA LYS D 44 6.56 -37.55 38.91
C LYS D 44 5.99 -38.12 40.22
N ASN D 45 5.91 -37.25 41.24
CA ASN D 45 5.04 -37.39 42.42
C ASN D 45 5.41 -36.26 43.38
N SER D 46 4.51 -35.27 43.49
CA SER D 46 4.79 -33.99 44.15
C SER D 46 3.65 -33.66 45.12
N ILE D 51 2.65 -30.23 41.81
CA ILE D 51 3.19 -28.86 41.65
C ILE D 51 2.78 -28.30 40.26
N LEU D 52 2.71 -29.17 39.24
CA LEU D 52 2.46 -28.73 37.86
C LEU D 52 1.01 -28.27 37.69
N ASN D 53 0.62 -27.22 38.43
CA ASN D 53 -0.73 -26.66 38.38
C ASN D 53 -0.69 -25.22 38.92
N TYR D 56 0.45 -24.91 33.74
CA TYR D 56 1.44 -25.96 33.45
C TYR D 56 0.83 -27.09 32.61
N LEU D 57 -0.42 -27.47 32.93
CA LEU D 57 -1.15 -28.54 32.22
C LEU D 57 -2.51 -28.02 31.74
N LEU D 58 -3.27 -28.91 31.09
CA LEU D 58 -4.65 -28.66 30.65
C LEU D 58 -5.58 -29.59 31.46
N THR D 62 -2.97 -34.98 31.96
CA THR D 62 -1.95 -35.90 32.47
C THR D 62 -0.55 -35.36 32.15
N VAL D 63 0.43 -35.75 32.98
CA VAL D 63 1.80 -35.24 32.89
C VAL D 63 2.50 -35.86 31.67
N GLU D 64 2.17 -37.12 31.35
CA GLU D 64 2.69 -37.79 30.15
C GLU D 64 2.01 -37.24 28.89
N GLY D 65 0.75 -36.84 29.01
CA GLY D 65 -0.03 -36.26 27.92
C GLY D 65 0.52 -34.91 27.47
N ALA D 66 0.99 -34.10 28.43
CA ALA D 66 1.56 -32.78 28.17
C ALA D 66 2.95 -32.92 27.52
N ILE D 67 3.75 -33.87 28.00
CA ILE D 67 5.06 -34.15 27.41
C ILE D 67 4.86 -34.55 25.95
N ASP D 68 3.80 -35.32 25.67
CA ASP D 68 3.46 -35.79 24.32
C ASP D 68 3.07 -34.58 23.45
N ARG D 69 2.06 -33.84 23.90
CA ARG D 69 1.61 -32.54 23.32
C ARG D 69 2.84 -31.73 22.85
N ILE D 70 3.77 -31.50 23.77
CA ILE D 70 4.93 -30.62 23.61
C ILE D 70 5.91 -31.21 22.58
N CYS D 71 6.18 -32.51 22.68
CA CYS D 71 7.19 -33.17 21.85
C CYS D 71 6.67 -33.37 20.41
N THR D 72 5.36 -33.60 20.28
CA THR D 72 4.71 -33.72 18.98
C THR D 72 4.85 -32.40 18.20
N ALA D 73 4.61 -31.29 18.90
CA ALA D 73 4.69 -29.95 18.33
C ALA D 73 6.13 -29.65 17.90
N ALA D 74 7.08 -29.84 18.81
CA ALA D 74 8.49 -29.61 18.54
C ALA D 74 8.91 -30.38 17.29
N ALA D 75 8.52 -31.65 17.20
CA ALA D 75 8.85 -32.50 16.05
C ALA D 75 8.20 -31.96 14.76
N ARG D 76 6.93 -31.56 14.84
CA ARG D 76 6.16 -31.09 13.67
C ARG D 76 6.77 -29.80 13.08
N ARG D 77 7.29 -28.92 13.93
CA ARG D 77 7.91 -27.64 13.50
C ARG D 77 9.26 -27.88 12.83
N LEU D 78 9.85 -29.05 13.09
CA LEU D 78 11.14 -29.42 12.53
C LEU D 78 10.95 -30.24 11.26
N TYR D 79 9.69 -30.66 11.00
CA TYR D 79 9.33 -31.44 9.82
C TYR D 79 9.99 -32.82 9.94
N LYS D 80 10.05 -33.30 11.17
CA LYS D 80 10.65 -34.57 11.51
C LYS D 80 9.79 -35.23 12.60
N PRO D 81 8.63 -35.84 12.26
CA PRO D 81 7.77 -36.46 13.25
C PRO D 81 8.44 -37.61 14.02
N GLU D 82 9.46 -38.22 13.39
CA GLU D 82 10.23 -39.35 13.94
C GLU D 82 11.03 -38.95 15.19
N LEU D 83 11.37 -37.65 15.34
CA LEU D 83 12.14 -37.16 16.50
C LEU D 83 11.29 -37.09 17.78
N LYS D 84 9.99 -37.41 17.70
CA LYS D 84 9.05 -37.25 18.82
C LYS D 84 9.54 -38.02 20.06
N GLU D 85 9.75 -39.33 19.91
CA GLU D 85 9.99 -40.21 21.06
C GLU D 85 11.41 -40.04 21.60
N SER D 86 12.30 -39.41 20.82
CA SER D 86 13.61 -39.00 21.33
C SER D 86 13.42 -37.90 22.40
N PHE D 87 12.66 -36.86 22.04
CA PHE D 87 12.40 -35.71 22.92
C PHE D 87 11.68 -36.16 24.19
N VAL D 88 10.69 -37.04 24.04
CA VAL D 88 9.92 -37.57 25.16
C VAL D 88 10.88 -38.23 26.16
N GLU D 89 11.73 -39.13 25.66
CA GLU D 89 12.66 -39.90 26.50
C GLU D 89 13.57 -38.97 27.30
N MET D 90 13.98 -37.85 26.69
CA MET D 90 14.90 -36.90 27.33
C MET D 90 14.23 -36.16 28.49
N ILE D 91 12.91 -35.92 28.40
CA ILE D 91 12.19 -35.24 29.48
C ILE D 91 11.74 -36.26 30.51
N GLU D 92 11.24 -37.42 30.05
CA GLU D 92 10.72 -38.46 30.96
C GLU D 92 11.83 -38.99 31.87
N ARG D 93 13.01 -39.29 31.29
CA ARG D 93 14.17 -39.76 32.07
C ARG D 93 14.83 -38.59 32.82
N GLY D 94 14.39 -37.36 32.53
CA GLY D 94 14.75 -36.17 33.30
C GLY D 94 16.11 -35.60 32.94
N TRP D 95 16.57 -35.91 31.72
CA TRP D 95 17.86 -35.47 31.19
C TRP D 95 17.78 -33.96 30.85
N MET D 96 16.65 -33.59 30.24
CA MET D 96 16.36 -32.22 29.84
C MET D 96 15.14 -31.73 30.64
N SER D 97 15.29 -30.54 31.22
CA SER D 97 14.18 -29.77 31.77
C SER D 97 13.78 -28.70 30.74
N ILE D 98 12.49 -28.36 30.71
CA ILE D 98 11.91 -27.37 29.81
C ILE D 98 11.27 -26.26 30.66
N SER D 99 11.45 -25.01 30.22
CA SER D 99 10.97 -23.84 30.96
C SER D 99 9.44 -23.85 31.00
N SER D 100 8.85 -23.07 31.92
CA SER D 100 7.41 -23.14 32.20
C SER D 100 6.60 -22.72 30.99
N PRO D 101 7.02 -21.71 30.20
CA PRO D 101 6.32 -21.39 28.95
C PRO D 101 6.15 -22.58 28.00
N VAL D 102 7.16 -23.47 27.95
CA VAL D 102 7.15 -24.63 27.04
C VAL D 102 6.07 -25.61 27.52
N TRP D 103 6.13 -26.00 28.79
CA TRP D 103 5.06 -26.75 29.46
C TRP D 103 3.69 -26.13 29.11
N ALA D 104 3.59 -24.82 29.39
CA ALA D 104 2.34 -24.09 29.34
C ALA D 104 1.79 -24.05 27.91
N ASN D 105 2.62 -23.62 26.94
CA ASN D 105 2.13 -23.02 25.70
C ASN D 105 2.51 -23.82 24.44
N MET D 106 3.65 -24.51 24.45
CA MET D 106 4.12 -25.30 23.29
C MET D 106 3.08 -26.39 22.95
N GLY D 107 2.43 -26.27 21.79
CA GLY D 107 1.50 -27.26 21.26
C GLY D 107 0.04 -26.81 21.25
N THR D 108 -0.20 -25.50 21.38
CA THR D 108 -1.53 -24.91 21.28
C THR D 108 -1.66 -24.20 19.93
N GLY D 111 -0.85 -19.46 21.91
CA GLY D 111 -0.02 -19.74 23.09
C GLY D 111 1.45 -19.80 22.75
N LEU D 112 2.25 -18.92 23.39
CA LEU D 112 3.63 -18.68 22.98
C LEU D 112 4.59 -19.18 24.04
N PRO D 113 5.57 -20.04 23.68
CA PRO D 113 6.46 -20.67 24.65
C PRO D 113 7.84 -20.04 24.84
N ILE D 114 7.87 -18.71 25.05
CA ILE D 114 9.11 -17.94 25.20
C ILE D 114 9.10 -17.24 26.57
N SER D 115 10.26 -17.22 27.23
CA SER D 115 10.41 -16.65 28.59
C SER D 115 11.06 -15.26 28.56
N CYS D 116 12.13 -15.10 27.78
CA CYS D 116 12.98 -13.90 27.83
C CYS D 116 12.65 -12.93 26.70
N PHE D 117 12.29 -11.69 27.08
CA PHE D 117 12.18 -10.56 26.17
C PHE D 117 13.06 -9.42 26.69
N ASN D 118 13.52 -8.57 25.77
CA ASN D 118 14.20 -7.31 26.06
C ASN D 118 13.86 -6.31 24.97
N VAL D 119 13.85 -5.03 25.33
CA VAL D 119 13.44 -3.93 24.48
C VAL D 119 14.49 -2.82 24.54
N HIS D 120 14.76 -2.20 23.38
CA HIS D 120 15.57 -0.99 23.27
C HIS D 120 14.64 0.22 23.24
N VAL D 121 14.71 1.04 24.28
CA VAL D 121 13.88 2.21 24.44
C VAL D 121 14.60 3.40 23.79
N PRO D 122 14.03 4.00 22.73
CA PRO D 122 14.61 5.20 22.12
C PRO D 122 14.23 6.50 22.86
N ASP D 123 14.83 7.61 22.42
CA ASP D 123 14.74 8.91 23.07
C ASP D 123 13.73 9.79 22.33
N LYS D 124 12.56 9.22 22.01
CA LYS D 124 11.45 9.97 21.44
C LYS D 124 10.17 9.27 21.89
N ILE D 125 9.11 10.06 22.10
CA ILE D 125 7.96 9.67 22.94
C ILE D 125 7.13 8.60 22.21
N GLU D 126 7.18 8.59 20.88
CA GLU D 126 6.42 7.64 20.07
C GLU D 126 7.02 6.23 20.17
N GLY D 127 8.36 6.16 20.15
CA GLY D 127 9.09 4.89 20.26
C GLY D 127 9.05 4.32 21.66
N ILE D 128 9.02 5.19 22.68
CA ILE D 128 8.81 4.78 24.06
C ILE D 128 7.42 4.15 24.18
N THR D 129 6.44 4.77 23.51
CA THR D 129 5.07 4.31 23.49
C THR D 129 4.99 2.92 22.83
N HIS D 130 5.68 2.75 21.69
CA HIS D 130 5.73 1.47 21.01
C HIS D 130 6.38 0.40 21.91
N LYS D 131 7.53 0.73 22.51
CA LYS D 131 8.29 -0.21 23.32
C LYS D 131 7.45 -0.62 24.54
N LEU D 132 6.62 0.30 25.05
CA LEU D 132 5.72 0.01 26.16
C LEU D 132 4.67 -1.01 25.71
N GLY D 133 4.14 -0.84 24.50
CA GLY D 133 3.16 -1.76 23.93
C GLY D 133 3.74 -3.15 23.75
N GLU D 134 4.97 -3.22 23.23
CA GLU D 134 5.73 -4.45 23.10
C GLU D 134 5.81 -5.14 24.46
N VAL D 135 6.17 -4.37 25.50
CA VAL D 135 6.35 -4.91 26.86
C VAL D 135 5.00 -5.40 27.41
N ILE D 136 3.93 -4.67 27.09
CA ILE D 136 2.61 -5.04 27.56
C ILE D 136 2.25 -6.40 26.98
N MET D 137 2.45 -6.57 25.66
CA MET D 137 1.97 -7.76 24.97
C MET D 137 2.90 -8.95 25.27
N GLN D 138 4.22 -8.70 25.33
CA GLN D 138 5.19 -9.70 25.75
C GLN D 138 4.80 -10.24 27.12
N THR D 139 4.35 -9.36 28.02
CA THR D 139 3.87 -9.74 29.38
C THR D 139 2.56 -10.54 29.28
N LYS D 140 1.69 -10.19 28.33
CA LYS D 140 0.38 -10.83 28.20
C LYS D 140 0.53 -12.31 27.83
N ILE D 141 1.55 -12.62 27.02
CA ILE D 141 1.80 -13.97 26.48
C ILE D 141 2.71 -14.78 27.43
N GLY D 142 2.95 -14.28 28.64
CA GLY D 142 3.63 -15.02 29.71
C GLY D 142 5.14 -14.95 29.61
N GLY D 143 5.66 -13.78 29.23
CA GLY D 143 7.09 -13.54 29.07
C GLY D 143 7.64 -12.67 30.19
N GLY D 144 8.89 -12.94 30.57
CA GLY D 144 9.70 -12.03 31.35
C GLY D 144 10.24 -10.93 30.46
N THR D 145 10.23 -9.69 30.97
CA THR D 145 10.50 -8.51 30.18
C THR D 145 11.67 -7.74 30.80
N SER D 146 12.28 -6.87 30.00
CA SER D 146 13.39 -6.01 30.39
C SER D 146 13.56 -4.90 29.34
N GLY D 147 14.30 -3.84 29.68
CA GLY D 147 14.52 -2.73 28.74
C GLY D 147 15.86 -2.04 28.98
N TYR D 148 16.40 -1.45 27.90
CA TYR D 148 17.60 -0.61 27.97
C TYR D 148 17.21 0.86 27.77
N PHE D 149 17.27 1.63 28.86
CA PHE D 149 16.83 3.03 28.89
C PHE D 149 18.05 3.96 28.83
N GLY D 150 19.15 3.49 28.23
CA GLY D 150 20.43 4.19 28.24
C GLY D 150 20.46 5.35 27.24
N GLU D 151 19.62 5.30 26.21
CA GLU D 151 19.60 6.33 25.18
C GLU D 151 18.71 7.51 25.60
N LEU D 152 17.93 7.35 26.68
CA LEU D 152 17.03 8.42 27.18
C LEU D 152 17.86 9.56 27.78
N ARG D 153 17.34 10.79 27.65
CA ARG D 153 17.94 12.00 28.22
C ARG D 153 17.72 12.00 29.74
N GLY D 167 13.41 12.96 33.64
CA GLY D 167 14.46 12.29 32.86
C GLY D 167 14.05 10.90 32.39
N ALA D 168 14.96 9.93 32.57
CA ALA D 168 14.83 8.56 32.06
C ALA D 168 14.12 7.64 33.06
N VAL D 169 14.36 7.89 34.35
CA VAL D 169 13.74 7.14 35.44
C VAL D 169 12.24 7.49 35.47
N SER D 170 11.91 8.73 35.07
CA SER D 170 10.53 9.20 34.97
C SER D 170 9.71 8.26 34.06
N PHE D 171 10.28 7.95 32.90
CA PHE D 171 9.58 7.19 31.87
C PHE D 171 9.38 5.73 32.30
N MET D 172 10.26 5.19 33.17
CA MET D 172 10.13 3.77 33.56
C MET D 172 9.02 3.60 34.60
N LYS D 173 8.41 4.69 35.07
CA LYS D 173 7.17 4.63 35.85
C LYS D 173 6.08 3.90 35.07
N LEU D 174 6.00 4.16 33.76
CA LEU D 174 4.98 3.57 32.87
C LEU D 174 5.12 2.04 32.83
N PHE D 175 6.35 1.57 32.68
CA PHE D 175 6.66 0.17 32.56
C PHE D 175 6.40 -0.52 33.90
N ASP D 176 6.57 0.24 35.00
CA ASP D 176 6.28 -0.21 36.37
C ASP D 176 4.77 -0.44 36.54
N THR D 177 3.97 0.49 36.03
CA THR D 177 2.52 0.41 36.13
C THR D 177 2.01 -0.72 35.24
N ALA D 178 2.69 -0.94 34.11
CA ALA D 178 2.32 -2.01 33.19
C ALA D 178 2.40 -3.36 33.91
N MET D 179 3.47 -3.55 34.69
CA MET D 179 3.71 -4.83 35.39
C MET D 179 2.57 -5.09 36.37
N ASP D 180 2.13 -4.05 37.06
CA ASP D 180 1.12 -4.16 38.11
C ASP D 180 -0.29 -4.30 37.53
N THR D 181 -0.46 -4.08 36.22
CA THR D 181 -1.78 -4.05 35.59
C THR D 181 -2.04 -5.32 34.77
N ILE D 182 -0.99 -5.92 34.17
CA ILE D 182 -1.13 -7.04 33.20
C ILE D 182 -0.95 -8.39 33.91
N SER D 183 -1.66 -9.42 33.41
CA SER D 183 -1.55 -10.82 33.89
C SER D 183 -0.26 -11.47 33.36
N GLY D 190 3.68 -11.02 36.03
CA GLY D 190 4.74 -10.47 35.18
C GLY D 190 5.87 -9.84 35.99
N ALA D 191 7.02 -9.63 35.34
CA ALA D 191 8.18 -8.97 35.96
C ALA D 191 9.07 -8.35 34.88
N PHE D 192 9.57 -7.13 35.17
CA PHE D 192 10.37 -6.32 34.23
C PHE D 192 11.64 -5.84 34.91
N ALA D 193 12.75 -5.85 34.16
CA ALA D 193 14.04 -5.34 34.64
C ALA D 193 14.53 -4.20 33.76
N ALA D 194 14.58 -2.99 34.34
CA ALA D 194 15.12 -1.80 33.68
C ALA D 194 16.65 -1.76 33.83
N TYR D 195 17.34 -1.53 32.72
CA TYR D 195 18.80 -1.42 32.69
C TYR D 195 19.19 0.01 32.30
N LEU D 196 20.18 0.57 33.00
CA LEU D 196 20.69 1.91 32.74
C LEU D 196 22.21 1.93 32.93
N ASP D 197 22.91 2.65 32.05
CA ASP D 197 24.34 2.93 32.21
C ASP D 197 24.51 3.81 33.45
N ASP D 199 27.16 5.34 34.19
CA ASP D 199 27.76 6.65 33.86
C ASP D 199 26.69 7.59 33.31
N HIS D 200 25.42 7.17 33.32
CA HIS D 200 24.29 7.97 32.85
C HIS D 200 23.96 9.04 33.89
N PRO D 201 23.71 10.32 33.50
CA PRO D 201 23.43 11.39 34.45
C PRO D 201 22.39 11.10 35.56
N ASP D 202 21.37 10.29 35.25
CA ASP D 202 20.24 10.02 36.17
C ASP D 202 20.47 8.74 36.99
N ILE D 203 21.74 8.30 37.09
CA ILE D 203 22.14 7.06 37.77
C ILE D 203 21.80 7.10 39.27
N GLU D 204 21.83 8.29 39.90
CA GLU D 204 21.54 8.43 41.34
C GLU D 204 20.04 8.19 41.60
N GLU D 205 19.20 8.79 40.75
CA GLU D 205 17.73 8.63 40.79
C GLU D 205 17.39 7.13 40.65
N PHE D 206 18.10 6.46 39.74
CA PHE D 206 17.91 5.05 39.40
C PHE D 206 18.10 4.16 40.64
N LEU D 207 19.23 4.35 41.33
CA LEU D 207 19.69 3.44 42.41
C LEU D 207 18.69 3.41 43.59
N LYS D 208 17.83 4.43 43.70
CA LYS D 208 16.85 4.50 44.78
C LYS D 208 15.46 4.13 44.25
N ILE D 209 15.37 3.03 43.50
CA ILE D 209 14.14 2.64 42.80
C ILE D 209 13.25 1.77 43.71
N LYS D 210 13.83 0.83 44.45
CA LYS D 210 13.02 -0.11 45.26
C LYS D 210 13.15 0.21 46.77
N SER D 211 13.33 1.49 47.11
CA SER D 211 13.41 1.93 48.52
C SER D 211 12.32 2.98 48.81
N GLY D 213 10.07 4.55 50.40
CA GLY D 213 8.79 4.91 49.82
C GLY D 213 8.93 5.57 48.46
N ASN D 214 9.56 4.84 47.52
CA ASN D 214 9.83 5.30 46.14
C ASN D 214 8.59 5.06 45.28
N PRO D 215 8.36 5.82 44.17
CA PRO D 215 7.21 5.56 43.30
C PRO D 215 7.26 4.20 42.55
N ILE D 216 8.47 3.68 42.31
CA ILE D 216 8.69 2.48 41.49
C ILE D 216 9.00 1.29 42.39
N GLN D 217 7.98 0.46 42.70
CA GLN D 217 8.14 -0.65 43.65
C GLN D 217 8.10 -2.02 42.96
N ASN D 218 7.73 -2.08 41.67
CA ASN D 218 7.54 -3.36 40.93
C ASN D 218 8.79 -3.72 40.13
N LEU D 219 9.50 -2.72 39.58
CA LEU D 219 10.62 -2.95 38.65
C LEU D 219 11.84 -3.51 39.39
N PHE D 220 12.45 -4.55 38.82
CA PHE D 220 13.82 -4.93 39.13
C PHE D 220 14.71 -4.03 38.28
N THR D 221 16.01 -3.97 38.60
CA THR D 221 16.92 -3.05 37.93
C THR D 221 18.35 -3.63 37.88
N GLY D 222 19.12 -3.13 36.92
CA GLY D 222 20.53 -3.48 36.77
C GLY D 222 21.32 -2.33 36.15
N ILE D 223 22.56 -2.15 36.60
CA ILE D 223 23.43 -1.09 36.08
C ILE D 223 24.40 -1.71 35.09
N CYS D 224 24.63 -1.00 33.98
CA CYS D 224 25.68 -1.31 33.04
C CYS D 224 26.96 -0.59 33.49
N VAL D 225 28.07 -1.35 33.55
CA VAL D 225 29.36 -0.87 34.09
C VAL D 225 30.46 -1.21 33.08
N PRO D 226 30.93 -0.23 32.28
CA PRO D 226 32.04 -0.46 31.35
C PRO D 226 33.41 -0.45 32.04
N ASP D 227 34.46 -0.77 31.27
CA ASP D 227 35.84 -0.89 31.76
C ASP D 227 36.37 0.48 32.18
N TYR D 228 36.47 1.41 31.23
CA TYR D 228 37.08 2.74 31.47
C TYR D 228 36.68 3.26 32.86
N TRP D 229 35.39 3.08 33.20
CA TRP D 229 34.78 3.55 34.44
C TRP D 229 35.39 2.83 35.64
N MET D 230 35.43 1.49 35.54
CA MET D 230 35.86 0.59 36.62
C MET D 230 37.31 0.91 37.02
N GLN D 231 38.21 1.05 36.03
CA GLN D 231 39.66 1.27 36.23
C GLN D 231 39.90 2.58 37.00
N GLU D 232 39.35 3.67 36.45
CA GLU D 232 39.54 5.01 36.99
C GLU D 232 39.16 5.01 38.49
N MET D 233 38.07 4.29 38.81
CA MET D 233 37.75 3.94 40.19
C MET D 233 38.68 2.82 40.65
N ASP D 239 35.27 10.99 42.46
CA ASP D 239 33.88 11.19 42.08
C ASP D 239 33.14 9.85 42.10
N LYS D 240 33.70 8.90 41.33
CA LYS D 240 33.03 7.67 40.93
C LYS D 240 33.05 6.64 42.08
N ARG D 241 33.89 6.88 43.10
CA ARG D 241 33.93 6.04 44.30
C ARG D 241 32.65 6.26 45.13
N GLN D 242 32.07 7.47 45.04
CA GLN D 242 30.84 7.82 45.76
C GLN D 242 29.66 7.04 45.16
N ILE D 243 29.58 6.97 43.83
CA ILE D 243 28.50 6.26 43.13
C ILE D 243 28.54 4.78 43.50
N TRP D 244 29.75 4.19 43.40
CA TRP D 244 29.95 2.77 43.65
C TRP D 244 29.45 2.39 45.06
N ALA D 245 29.71 3.26 46.04
CA ALA D 245 29.29 3.06 47.43
C ALA D 245 27.77 2.85 47.51
N LYS D 246 27.02 3.72 46.82
CA LYS D 246 25.55 3.64 46.80
C LYS D 246 25.11 2.31 46.19
N VAL D 247 25.87 1.81 45.20
CA VAL D 247 25.56 0.56 44.50
C VAL D 247 25.66 -0.61 45.48
N LEU D 248 26.78 -0.70 46.19
CA LEU D 248 27.03 -1.77 47.17
C LEU D 248 26.00 -1.69 48.30
N GLU D 249 25.65 -0.46 48.69
CA GLU D 249 24.69 -0.19 49.76
C GLU D 249 23.27 -0.54 49.29
N SER D 250 23.05 -0.52 47.96
CA SER D 250 21.79 -0.96 47.34
C SER D 250 21.70 -2.50 47.36
N ARG D 251 22.77 -3.17 46.90
CA ARG D 251 22.89 -4.64 46.97
C ARG D 251 22.68 -5.11 48.42
N GLN D 252 23.23 -4.35 49.38
CA GLN D 252 23.17 -4.65 50.82
C GLN D 252 21.72 -4.74 51.30
N GLN D 253 20.95 -3.64 51.16
CA GLN D 253 19.66 -3.49 51.83
C GLN D 253 18.53 -4.09 50.98
N LYS D 254 18.54 -3.85 49.66
CA LYS D 254 17.41 -4.15 48.77
C LYS D 254 17.64 -5.46 47.98
N GLY D 255 18.90 -5.90 47.86
CA GLY D 255 19.24 -7.08 47.08
C GLY D 255 19.54 -6.75 45.61
N LEU D 256 19.22 -5.51 45.20
CA LEU D 256 19.32 -5.02 43.82
C LEU D 256 20.17 -3.74 43.82
N PRO D 257 20.79 -3.37 42.70
CA PRO D 257 20.55 -3.86 41.35
C PRO D 257 21.54 -4.92 40.83
N TYR D 258 21.20 -5.52 39.69
CA TYR D 258 22.09 -6.44 38.97
C TYR D 258 23.27 -5.65 38.38
N ILE D 259 24.43 -6.32 38.24
CA ILE D 259 25.64 -5.71 37.66
C ILE D 259 25.87 -6.31 36.27
N PHE D 260 26.03 -5.45 35.27
CA PHE D 260 26.22 -5.85 33.88
C PHE D 260 27.53 -5.22 33.36
N PHE D 261 28.57 -6.03 33.20
CA PHE D 261 29.90 -5.56 32.79
C PHE D 261 29.96 -5.51 31.26
N SER D 262 29.79 -4.29 30.72
CA SER D 262 29.49 -4.06 29.30
C SER D 262 30.56 -4.64 28.38
N ASP D 263 31.83 -4.41 28.71
CA ASP D 263 32.94 -4.78 27.84
C ASP D 263 33.22 -6.29 27.95
N ASN D 264 33.00 -6.85 29.15
CA ASN D 264 33.10 -8.32 29.39
C ASN D 264 32.09 -9.06 28.51
N VAL D 265 30.85 -8.53 28.50
CA VAL D 265 29.77 -9.03 27.68
C VAL D 265 30.14 -8.89 26.19
N ASN D 266 30.58 -7.69 25.81
CA ASN D 266 30.67 -7.30 24.41
C ASN D 266 31.94 -7.84 23.73
N LYS D 267 33.00 -8.14 24.50
CA LYS D 267 34.23 -8.65 23.89
C LYS D 267 34.30 -10.18 24.01
N ASN D 268 33.29 -10.79 24.63
CA ASN D 268 33.14 -12.25 24.68
C ASN D 268 31.81 -12.66 24.03
N LYS D 269 31.23 -11.76 23.23
CA LYS D 269 30.02 -12.06 22.44
C LYS D 269 30.44 -12.70 21.12
N PRO D 270 29.52 -13.42 20.43
CA PRO D 270 29.86 -14.08 19.17
C PRO D 270 30.44 -13.12 18.12
N GLN D 271 31.27 -13.65 17.22
CA GLN D 271 32.02 -12.86 16.25
C GLN D 271 31.03 -12.11 15.33
N VAL D 272 29.93 -12.77 14.96
CA VAL D 272 28.94 -12.21 14.02
C VAL D 272 28.46 -10.82 14.48
N TYR D 273 28.29 -10.63 15.80
CA TYR D 273 27.77 -9.37 16.34
C TYR D 273 28.83 -8.26 16.27
N LYS D 274 30.12 -8.63 16.42
CA LYS D 274 31.26 -7.70 16.23
C LYS D 274 31.33 -7.24 14.76
N ASP D 275 31.16 -8.18 13.83
CA ASP D 275 31.29 -7.94 12.39
C ASP D 275 30.20 -6.95 11.92
N GLN D 276 28.98 -7.09 12.46
CA GLN D 276 27.82 -6.28 12.01
C GLN D 276 27.59 -5.09 12.96
N ASN D 277 28.51 -4.87 13.91
CA ASN D 277 28.52 -3.70 14.79
C ASN D 277 27.18 -3.60 15.54
N LEU D 278 26.83 -4.68 16.25
CA LEU D 278 25.60 -4.77 17.03
C LEU D 278 25.97 -4.89 18.52
N ARG D 279 25.90 -3.78 19.25
CA ARG D 279 26.33 -3.72 20.64
C ARG D 279 25.24 -4.29 21.55
N ILE D 280 25.67 -5.11 22.53
CA ILE D 280 24.78 -5.64 23.55
C ILE D 280 24.78 -4.63 24.70
N ASN D 281 23.70 -3.84 24.77
CA ASN D 281 23.58 -2.70 25.66
C ASN D 281 23.08 -3.12 27.05
N ALA D 282 22.50 -4.32 27.17
CA ALA D 282 21.82 -4.73 28.42
C ALA D 282 21.48 -6.23 28.38
N SER D 283 20.95 -6.72 29.51
CA SER D 283 20.53 -8.11 29.67
C SER D 283 19.03 -8.17 29.99
N ASN D 284 18.56 -9.35 30.42
CA ASN D 284 17.12 -9.63 30.60
C ASN D 284 16.76 -9.54 32.09
N LEU D 285 15.53 -9.97 32.40
CA LEU D 285 14.98 -10.01 33.77
C LEU D 285 15.94 -10.69 34.75
N CYS D 286 16.50 -11.85 34.35
CA CYS D 286 17.33 -12.69 35.22
C CYS D 286 18.83 -12.52 34.93
N SER D 287 19.17 -11.66 33.97
CA SER D 287 20.55 -11.21 33.66
C SER D 287 21.45 -12.37 33.20
N GLU D 288 20.89 -13.35 32.47
CA GLU D 288 21.67 -14.44 31.87
C GLU D 288 21.79 -14.25 30.35
N ILE D 289 20.77 -13.64 29.72
CA ILE D 289 20.70 -13.46 28.26
C ILE D 289 21.59 -12.29 27.85
N MET D 290 22.35 -12.46 26.76
CA MET D 290 23.32 -11.48 26.26
C MET D 290 23.19 -11.36 24.73
N LEU D 291 22.15 -10.63 24.28
CA LEU D 291 21.88 -10.38 22.86
C LEU D 291 21.68 -8.89 22.61
N PRO D 292 21.84 -8.39 21.35
CA PRO D 292 21.62 -6.98 21.04
C PRO D 292 20.16 -6.64 20.66
N SER D 293 19.65 -5.51 21.17
CA SER D 293 18.31 -4.98 20.86
C SER D 293 18.46 -3.65 20.10
N THR D 294 17.78 -3.55 18.95
CA THR D 294 17.81 -2.36 18.07
C THR D 294 16.44 -1.67 18.14
N HIS D 295 16.32 -0.53 17.46
CA HIS D 295 15.03 0.15 17.24
C HIS D 295 13.96 -0.85 16.77
N ASP D 296 14.31 -1.73 15.82
CA ASP D 296 13.34 -2.61 15.14
C ASP D 296 13.50 -4.08 15.55
N GLU D 297 14.47 -4.40 16.42
CA GLU D 297 14.70 -5.79 16.87
C GLU D 297 14.74 -5.85 18.41
N SER D 298 13.77 -6.55 18.99
CA SER D 298 13.68 -6.82 20.42
C SER D 298 14.11 -8.27 20.67
N PHE D 299 15.18 -8.48 21.45
CA PHE D 299 15.77 -9.82 21.56
C PHE D 299 14.81 -10.73 22.32
N ILE D 300 14.73 -11.99 21.87
CA ILE D 300 13.98 -13.04 22.56
C ILE D 300 14.89 -14.26 22.66
N CYS D 301 14.53 -15.19 23.56
CA CYS D 301 15.25 -16.43 23.74
C CYS D 301 14.37 -17.46 24.46
N CYS D 302 14.38 -18.68 23.93
CA CYS D 302 13.76 -19.85 24.55
C CYS D 302 14.80 -20.55 25.44
N LEU D 303 14.33 -21.05 26.59
CA LEU D 303 15.20 -21.64 27.61
C LEU D 303 14.85 -23.12 27.81
N SER D 304 15.90 -23.92 28.00
CA SER D 304 15.81 -25.26 28.55
C SER D 304 17.12 -25.56 29.28
N SER D 305 17.12 -26.65 30.06
CA SER D 305 18.25 -26.99 30.92
C SER D 305 18.60 -28.48 30.82
N MET D 306 19.90 -28.76 30.71
CA MET D 306 20.48 -30.07 30.90
C MET D 306 20.64 -30.33 32.41
N ASN D 307 20.07 -31.45 32.90
CA ASN D 307 20.17 -31.85 34.31
C ASN D 307 21.53 -32.51 34.54
N LEU D 308 22.46 -31.77 35.15
CA LEU D 308 23.85 -32.22 35.37
C LEU D 308 23.90 -33.35 36.41
N GLU D 309 22.85 -33.45 37.24
CA GLU D 309 22.71 -34.55 38.21
C GLU D 309 22.78 -35.90 37.49
N LEU D 310 22.17 -35.97 36.29
CA LEU D 310 22.07 -37.21 35.52
C LEU D 310 23.12 -37.23 34.40
N TYR D 311 24.14 -36.36 34.51
CA TYR D 311 25.13 -36.11 33.46
C TYR D 311 25.76 -37.41 32.96
N GLU D 312 25.98 -38.37 33.87
CA GLU D 312 26.65 -39.63 33.56
C GLU D 312 25.77 -40.47 32.64
N GLU D 313 24.45 -40.45 32.86
CA GLU D 313 23.50 -41.21 32.02
C GLU D 313 23.64 -40.76 30.56
N TRP D 314 23.71 -39.45 30.32
CA TRP D 314 23.85 -38.86 28.96
C TRP D 314 25.23 -38.21 28.82
N ALA D 319 21.81 -35.88 22.42
CA ALA D 319 21.16 -35.50 23.70
C ALA D 319 21.20 -33.97 23.87
N VAL D 320 22.41 -33.40 23.97
CA VAL D 320 22.64 -31.97 23.84
C VAL D 320 22.13 -31.52 22.46
N LYS D 321 22.49 -32.29 21.43
CA LYS D 321 22.06 -32.06 20.06
C LYS D 321 20.52 -32.01 19.99
N LEU D 322 19.88 -33.01 20.61
CA LEU D 322 18.43 -33.13 20.63
C LEU D 322 17.79 -31.93 21.36
N ALA D 323 18.48 -31.42 22.39
CA ALA D 323 17.98 -30.31 23.19
C ALA D 323 18.04 -29.00 22.37
N ILE D 324 19.11 -28.84 21.59
CA ILE D 324 19.33 -27.69 20.68
C ILE D 324 18.29 -27.74 19.56
N PHE D 325 18.07 -28.94 19.00
CA PHE D 325 17.02 -29.17 18.02
C PHE D 325 15.67 -28.73 18.58
N PHE D 326 15.41 -29.12 19.83
CA PHE D 326 14.14 -28.87 20.50
C PHE D 326 13.91 -27.37 20.69
N LEU D 327 14.96 -26.64 21.08
CA LEU D 327 14.86 -25.20 21.35
C LEU D 327 14.63 -24.41 20.06
N ASP D 328 15.24 -24.86 18.95
CA ASP D 328 15.04 -24.25 17.64
C ASP D 328 13.60 -24.49 17.17
N ALA D 329 13.01 -25.62 17.59
CA ALA D 329 11.61 -25.95 17.31
C ALA D 329 10.67 -25.05 18.13
N VAL D 330 10.99 -24.87 19.41
CA VAL D 330 10.23 -24.01 20.30
C VAL D 330 10.22 -22.60 19.69
N LEU D 331 11.39 -22.10 19.27
CA LEU D 331 11.52 -20.77 18.68
C LEU D 331 10.70 -20.68 17.39
N GLN D 332 10.72 -21.72 16.57
CA GLN D 332 9.94 -21.78 15.31
C GLN D 332 8.44 -21.62 15.62
N GLU D 333 7.98 -22.22 16.73
CA GLU D 333 6.57 -22.10 17.14
C GLU D 333 6.26 -20.63 17.49
N PHE D 334 7.20 -19.94 18.13
CA PHE D 334 7.05 -18.50 18.40
C PHE D 334 6.91 -17.73 17.08
N ILE D 335 7.85 -17.93 16.16
CA ILE D 335 7.91 -17.20 14.90
C ILE D 335 6.60 -17.39 14.11
N GLU D 336 6.14 -18.63 14.02
CA GLU D 336 4.98 -18.97 13.21
C GLU D 336 3.72 -18.30 13.78
N LYS D 337 3.56 -18.35 15.10
CA LYS D 337 2.34 -17.91 15.73
C LYS D 337 2.25 -16.38 15.79
N THR D 338 3.39 -15.68 15.75
CA THR D 338 3.44 -14.23 15.94
C THR D 338 3.58 -13.46 14.62
N GLU D 339 3.42 -14.15 13.49
CA GLU D 339 3.30 -13.50 12.18
C GLU D 339 2.11 -12.53 12.23
N GLY D 340 2.37 -11.27 11.88
CA GLY D 340 1.32 -10.26 11.73
C GLY D 340 0.94 -9.55 13.02
N ASN D 341 1.41 -10.02 14.18
CA ASN D 341 1.14 -9.39 15.48
C ASN D 341 1.96 -8.09 15.57
N TYR D 342 1.26 -6.96 15.64
CA TYR D 342 1.85 -5.63 15.55
C TYR D 342 2.94 -5.45 16.63
N TYR D 343 2.59 -5.67 17.90
CA TYR D 343 3.51 -5.28 18.99
C TYR D 343 4.59 -6.35 19.22
N LEU D 344 4.45 -7.54 18.63
CA LEU D 344 5.49 -8.59 18.72
C LEU D 344 6.41 -8.57 17.49
N SER D 345 6.20 -7.62 16.57
CA SER D 345 6.91 -7.58 15.30
C SER D 345 8.43 -7.55 15.50
N ALA D 346 8.90 -6.72 16.43
CA ALA D 346 10.32 -6.53 16.64
C ALA D 346 10.93 -7.81 17.23
N ALA D 347 10.18 -8.51 18.08
CA ALA D 347 10.62 -9.79 18.67
C ALA D 347 10.63 -10.87 17.59
N ASN D 348 9.57 -10.92 16.80
CA ASN D 348 9.43 -11.83 15.67
C ASN D 348 10.60 -11.63 14.70
N LYS D 349 10.90 -10.37 14.38
CA LYS D 349 11.97 -10.04 13.47
C LYS D 349 13.29 -10.59 14.00
N PHE D 350 13.53 -10.39 15.31
CA PHE D 350 14.78 -10.81 15.93
C PHE D 350 14.93 -12.33 15.87
N ALA D 351 13.85 -13.05 16.19
CA ALA D 351 13.85 -14.51 16.23
C ALA D 351 14.21 -15.10 14.85
N LYS D 352 13.73 -14.50 13.76
CA LYS D 352 13.93 -15.03 12.40
C LYS D 352 15.36 -14.79 11.92
N ARG D 353 15.97 -13.69 12.36
CA ARG D 353 17.26 -13.25 11.85
C ARG D 353 18.39 -13.81 12.72
N HIS D 354 18.15 -13.98 14.02
CA HIS D 354 19.18 -14.41 14.98
C HIS D 354 19.01 -15.89 15.36
N ARG D 355 17.76 -16.33 15.56
CA ARG D 355 17.44 -17.67 16.07
C ARG D 355 18.31 -18.01 17.29
N ALA D 356 18.43 -17.06 18.24
CA ALA D 356 19.20 -17.25 19.45
C ALA D 356 18.48 -18.22 20.39
N LEU D 357 19.24 -19.20 20.90
CA LEU D 357 18.76 -20.22 21.83
C LEU D 357 19.49 -20.03 23.17
N GLY D 358 18.90 -20.57 24.23
CA GLY D 358 19.45 -20.52 25.59
C GLY D 358 19.39 -21.88 26.27
N LEU D 359 20.30 -22.78 25.87
CA LEU D 359 20.51 -24.04 26.58
C LEU D 359 21.37 -23.78 27.82
N GLY D 360 20.79 -24.05 29.00
CA GLY D 360 21.46 -23.86 30.28
C GLY D 360 21.72 -25.20 30.96
N VAL D 361 21.85 -25.14 32.30
CA VAL D 361 22.12 -26.31 33.15
C VAL D 361 21.39 -26.17 34.49
N LEU D 362 21.37 -27.29 35.22
CA LEU D 362 20.55 -27.49 36.40
C LEU D 362 21.17 -28.64 37.22
N GLY D 363 21.05 -28.56 38.55
CA GLY D 363 21.48 -29.63 39.46
C GLY D 363 22.99 -29.84 39.44
N TRP D 364 23.73 -28.73 39.51
CA TRP D 364 25.19 -28.73 39.42
C TRP D 364 25.79 -29.12 40.78
N HIS D 365 25.20 -28.57 41.85
CA HIS D 365 25.57 -28.89 43.23
C HIS D 365 25.18 -30.34 43.54
N SER D 366 23.99 -30.75 43.09
CA SER D 366 23.47 -32.11 43.26
C SER D 366 24.46 -33.13 42.69
N TYR D 367 24.95 -32.85 41.47
CA TYR D 367 25.92 -33.68 40.75
C TYR D 367 27.13 -33.98 41.65
N LEU D 368 27.69 -32.95 42.28
CA LEU D 368 28.91 -33.07 43.10
C LEU D 368 28.65 -33.95 44.34
N GLN D 369 27.38 -33.97 44.80
CA GLN D 369 26.93 -34.75 45.96
C GLN D 369 26.24 -36.04 45.48
N ILE D 387 33.78 -30.41 31.05
CA ILE D 387 32.39 -30.82 31.27
C ILE D 387 31.43 -29.76 30.71
N PHE D 388 31.87 -28.49 30.69
CA PHE D 388 31.17 -27.44 29.95
C PHE D 388 31.75 -27.36 28.53
N LYS D 389 32.99 -27.81 28.35
CA LYS D 389 33.61 -27.98 27.02
C LYS D 389 32.82 -29.03 26.23
N HIS D 390 32.31 -30.05 26.92
CA HIS D 390 31.53 -31.14 26.31
C HIS D 390 30.19 -30.60 25.79
N ILE D 391 29.48 -29.85 26.64
CA ILE D 391 28.16 -29.31 26.31
C ILE D 391 28.34 -28.19 25.27
N SER D 392 29.37 -27.35 25.47
CA SER D 392 29.73 -26.24 24.59
C SER D 392 29.96 -26.72 23.15
N ASP D 393 30.82 -27.74 23.00
CA ASP D 393 31.27 -28.20 21.69
C ASP D 393 30.13 -28.96 20.99
N LYS D 394 29.31 -29.67 21.78
CA LYS D 394 28.22 -30.46 21.23
C LYS D 394 27.00 -29.58 20.93
N ALA D 395 26.99 -28.36 21.47
CA ALA D 395 25.95 -27.38 21.17
C ALA D 395 26.27 -26.67 19.85
N ASP D 396 27.52 -26.21 19.70
CA ASP D 396 27.95 -25.50 18.47
C ASP D 396 27.76 -26.39 17.24
N LYS D 397 28.00 -27.70 17.42
CA LYS D 397 27.92 -28.71 16.37
C LYS D 397 26.46 -28.94 15.98
N ALA D 398 25.58 -29.03 16.99
CA ALA D 398 24.14 -29.18 16.79
C ALA D 398 23.63 -28.01 15.94
N SER D 399 24.03 -26.80 16.33
CA SER D 399 23.69 -25.58 15.62
C SER D 399 24.22 -25.66 14.18
N GLN D 400 25.44 -26.21 14.03
CA GLN D 400 26.08 -26.42 12.71
C GLN D 400 25.25 -27.39 11.87
N GLU D 401 24.77 -28.47 12.49
CA GLU D 401 23.97 -29.48 11.79
C GLU D 401 22.60 -28.89 11.40
N LEU D 402 22.00 -28.09 12.28
CA LEU D 402 20.72 -27.45 12.02
C LEU D 402 20.80 -26.56 10.77
N ALA D 403 21.96 -25.92 10.54
CA ALA D 403 22.18 -25.01 9.41
C ALA D 403 22.21 -25.78 8.07
N ARG D 404 22.87 -26.93 8.04
CA ARG D 404 22.98 -27.70 6.79
C ARG D 404 21.63 -28.37 6.47
N ILE D 405 20.78 -28.61 7.48
CA ILE D 405 19.45 -29.18 7.27
C ILE D 405 18.48 -28.09 6.79
N TYR D 406 18.42 -26.97 7.54
CA TYR D 406 17.34 -25.95 7.42
C TYR D 406 17.83 -24.63 6.80
N GLY D 407 19.16 -24.50 6.60
CA GLY D 407 19.75 -23.27 6.06
C GLY D 407 20.11 -22.31 7.17
N GLU D 408 20.80 -21.22 6.81
CA GLU D 408 21.20 -20.16 7.73
C GLU D 408 20.17 -19.02 7.69
N PRO D 409 19.85 -18.36 8.82
CA PRO D 409 19.13 -17.09 8.80
C PRO D 409 20.01 -15.96 8.26
N GLU D 410 19.42 -14.78 8.05
CA GLU D 410 20.00 -13.68 7.27
C GLU D 410 21.36 -13.25 7.86
N LEU D 411 21.46 -13.20 9.19
CA LEU D 411 22.64 -12.67 9.88
C LEU D 411 23.82 -13.65 9.81
N LEU D 412 23.53 -14.94 9.67
CA LEU D 412 24.53 -16.01 9.80
C LEU D 412 24.90 -16.60 8.42
N LYS D 413 24.59 -15.90 7.33
CA LYS D 413 25.03 -16.33 6.00
C LYS D 413 26.55 -16.35 5.98
N GLY D 414 27.12 -17.54 5.77
CA GLY D 414 28.57 -17.77 5.62
C GLY D 414 29.26 -18.18 6.90
N TYR D 415 28.49 -18.33 8.00
CA TYR D 415 29.02 -18.69 9.32
C TYR D 415 28.71 -20.16 9.67
N GLY D 416 28.02 -20.87 8.76
CA GLY D 416 27.73 -22.31 8.89
C GLY D 416 27.08 -22.67 10.23
N ARG D 417 26.11 -21.85 10.65
CA ARG D 417 25.46 -21.95 11.96
C ARG D 417 23.99 -21.52 11.83
N ARG D 418 23.13 -22.14 12.65
CA ARG D 418 21.68 -21.88 12.66
C ARG D 418 21.34 -20.78 13.66
N ASN D 419 22.07 -20.76 14.78
CA ASN D 419 21.75 -19.97 15.99
C ASN D 419 22.96 -19.14 16.42
N THR D 420 22.78 -17.82 16.53
CA THR D 420 23.85 -16.89 16.89
C THR D 420 24.48 -17.29 18.24
N THR D 421 23.64 -17.71 19.18
CA THR D 421 24.05 -18.22 20.48
C THR D 421 23.26 -19.49 20.81
N THR D 422 23.86 -20.37 21.62
CA THR D 422 23.29 -21.66 21.96
C THR D 422 23.06 -21.81 23.46
N MET D 423 23.92 -21.19 24.28
CA MET D 423 23.95 -21.48 25.72
C MET D 423 23.74 -20.21 26.55
N ALA D 424 23.00 -20.38 27.64
CA ALA D 424 22.75 -19.38 28.66
C ALA D 424 22.21 -20.08 29.91
N ILE D 425 22.76 -19.77 31.08
CA ILE D 425 22.42 -20.48 32.32
C ILE D 425 21.41 -19.65 33.12
N ALA D 426 20.21 -20.21 33.31
CA ALA D 426 19.07 -19.56 33.96
C ALA D 426 19.04 -19.91 35.44
N PRO D 427 18.17 -19.24 36.25
CA PRO D 427 18.01 -19.57 37.67
C PRO D 427 17.43 -20.98 37.89
N THR D 428 16.49 -21.37 37.02
CA THR D 428 15.93 -22.73 36.93
C THR D 428 15.38 -23.22 38.28
N THR D 429 14.79 -22.31 39.07
CA THR D 429 14.36 -22.61 40.44
C THR D 429 13.08 -23.45 40.41
N SER D 430 12.18 -23.13 39.46
CA SER D 430 10.96 -23.90 39.23
C SER D 430 11.27 -25.21 38.51
N SER D 431 12.27 -25.19 37.63
CA SER D 431 12.76 -26.40 36.93
C SER D 431 13.44 -27.35 37.91
N SER D 432 14.09 -26.79 38.95
CA SER D 432 14.84 -27.55 39.96
C SER D 432 13.91 -28.40 40.83
N ALA D 433 12.82 -27.80 41.32
CA ALA D 433 11.78 -28.49 42.11
C ALA D 433 11.30 -29.75 41.37
N ILE D 434 11.21 -29.66 40.05
CA ILE D 434 10.83 -30.76 39.16
C ILE D 434 12.11 -31.47 38.68
N GLN D 437 13.77 -32.40 43.65
CA GLN D 437 14.22 -31.16 44.27
C GLN D 437 15.74 -31.04 44.10
N THR D 438 16.18 -31.05 42.84
CA THR D 438 17.60 -30.91 42.49
C THR D 438 18.03 -29.46 42.76
N SER D 439 19.33 -29.19 42.66
CA SER D 439 19.87 -27.85 42.86
C SER D 439 19.67 -27.00 41.61
N PRO D 440 19.49 -25.66 41.73
CA PRO D 440 19.47 -24.79 40.56
C PRO D 440 20.86 -24.26 40.12
N GLY D 441 21.11 -24.27 38.80
CA GLY D 441 22.25 -23.58 38.18
C GLY D 441 23.59 -24.13 38.64
N PHE D 445 22.36 -25.73 46.37
CA PHE D 445 21.48 -25.74 47.51
C PHE D 445 21.86 -24.60 48.46
N SER D 446 21.06 -24.42 49.52
CA SER D 446 21.41 -23.56 50.66
C SER D 446 20.84 -24.12 51.99
N PHE D 508 25.20 -22.64 50.81
CA PHE D 508 25.43 -21.48 49.93
C PHE D 508 26.12 -20.38 50.73
N LYS D 509 25.49 -19.98 51.84
CA LYS D 509 26.03 -18.96 52.76
C LYS D 509 27.35 -19.43 53.38
N GLU D 510 27.46 -20.76 53.59
CA GLU D 510 28.63 -21.38 54.24
C GLU D 510 29.80 -21.49 53.23
N ILE D 511 29.47 -21.57 51.94
CA ILE D 511 30.45 -21.72 50.86
C ILE D 511 31.17 -20.38 50.66
N SER D 512 32.47 -20.43 50.38
CA SER D 512 33.25 -19.25 50.03
C SER D 512 32.66 -18.63 48.75
N GLN D 513 32.37 -17.32 48.82
CA GLN D 513 31.77 -16.61 47.70
C GLN D 513 32.85 -16.29 46.64
N LEU D 514 34.12 -16.26 47.05
CA LEU D 514 35.25 -15.98 46.15
C LEU D 514 35.54 -17.18 45.24
N GLU D 515 35.19 -18.40 45.68
CA GLU D 515 35.36 -19.63 44.89
C GLU D 515 34.25 -19.74 43.84
N ILE D 516 33.02 -19.37 44.23
CA ILE D 516 31.87 -19.30 43.31
C ILE D 516 32.25 -18.44 42.10
N VAL D 517 32.77 -17.23 42.38
CA VAL D 517 33.05 -16.20 41.36
C VAL D 517 34.11 -16.71 40.38
N GLN D 518 35.18 -17.32 40.89
CA GLN D 518 36.30 -17.77 40.03
C GLN D 518 35.89 -19.02 39.25
N GLN D 519 35.01 -19.84 39.83
CA GLN D 519 34.46 -21.03 39.18
C GLN D 519 33.54 -20.61 38.03
N ALA D 520 32.64 -19.65 38.30
CA ALA D 520 31.75 -19.03 37.29
C ALA D 520 32.59 -18.32 36.22
N GLY D 521 33.69 -17.68 36.66
CA GLY D 521 34.63 -17.00 35.78
C GLY D 521 35.10 -17.88 34.63
N ILE D 522 35.49 -19.13 34.94
CA ILE D 522 35.99 -20.08 33.94
C ILE D 522 34.83 -20.88 33.33
N ARG D 523 33.68 -20.91 34.01
CA ARG D 523 32.42 -21.43 33.42
C ARG D 523 32.00 -20.53 32.24
N GLN D 524 32.36 -19.25 32.32
CA GLN D 524 31.95 -18.22 31.35
C GLN D 524 32.73 -18.33 30.03
N LYS D 525 33.88 -19.00 30.04
CA LYS D 525 34.73 -19.10 28.84
C LYS D 525 34.02 -19.97 27.79
N PHE D 526 33.15 -20.87 28.25
CA PHE D 526 32.50 -21.90 27.43
C PHE D 526 31.06 -21.53 27.04
N VAL D 527 30.44 -20.57 27.75
CA VAL D 527 29.04 -20.16 27.54
C VAL D 527 29.00 -18.96 26.58
N ASP D 528 28.17 -19.10 25.53
CA ASP D 528 27.94 -18.08 24.49
C ASP D 528 27.38 -16.78 25.11
N GLN D 529 26.41 -16.95 26.03
CA GLN D 529 25.73 -15.83 26.69
C GLN D 529 26.29 -15.67 28.11
N GLY D 530 25.44 -15.82 29.14
CA GLY D 530 25.80 -15.51 30.51
C GLY D 530 25.15 -16.46 31.50
N GLN D 531 25.19 -16.06 32.78
CA GLN D 531 24.74 -16.86 33.92
C GLN D 531 24.03 -15.97 34.95
N SER D 532 22.96 -16.50 35.56
CA SER D 532 22.30 -15.91 36.73
C SER D 532 23.11 -16.23 37.99
N LEU D 533 24.03 -15.33 38.36
CA LEU D 533 24.98 -15.55 39.47
C LEU D 533 24.54 -14.75 40.71
N ASN D 534 24.00 -15.45 41.72
CA ASN D 534 23.60 -14.86 43.00
C ASN D 534 24.80 -14.83 43.97
N LEU D 541 29.95 -9.07 57.80
CA LEU D 541 30.92 -9.02 56.71
C LEU D 541 31.12 -7.56 56.28
N ALA D 542 32.37 -7.09 56.32
CA ALA D 542 32.73 -5.70 56.02
C ALA D 542 32.46 -5.40 54.54
N ILE D 543 32.25 -4.11 54.24
CA ILE D 543 31.73 -3.65 52.94
C ILE D 543 32.87 -3.65 51.90
N LYS D 544 34.11 -3.38 52.33
CA LYS D 544 35.24 -3.31 51.41
C LYS D 544 35.73 -4.72 51.04
N ASP D 545 35.22 -5.75 51.75
CA ASP D 545 35.49 -7.16 51.43
C ASP D 545 34.53 -7.63 50.32
N VAL D 546 33.36 -6.99 50.21
CA VAL D 546 32.39 -7.23 49.13
C VAL D 546 32.86 -6.49 47.86
N ASN D 547 33.60 -5.39 48.05
CA ASN D 547 34.26 -4.64 46.97
C ASN D 547 35.42 -5.48 46.39
N ARG D 548 36.02 -6.32 47.24
CA ARG D 548 37.04 -7.29 46.85
C ARG D 548 36.45 -8.30 45.85
N LEU D 549 35.23 -8.77 46.13
CA LEU D 549 34.53 -9.78 45.31
C LEU D 549 34.21 -9.23 43.91
N MET D 550 33.51 -8.09 43.88
CA MET D 550 32.92 -7.55 42.64
C MET D 550 34.00 -7.12 41.64
N ILE D 551 35.18 -6.70 42.14
CA ILE D 551 36.32 -6.37 41.26
C ILE D 551 36.92 -7.67 40.71
N GLU D 552 37.02 -8.70 41.55
CA GLU D 552 37.53 -10.03 41.15
C GLU D 552 36.57 -10.67 40.14
N ALA D 553 35.27 -10.40 40.30
CA ALA D 553 34.25 -10.79 39.33
C ALA D 553 34.57 -10.16 37.98
N TRP D 554 34.94 -8.88 38.00
CA TRP D 554 35.13 -8.07 36.79
C TRP D 554 36.38 -8.50 36.01
N GLN D 555 37.51 -8.68 36.70
CA GLN D 555 38.80 -8.92 36.04
C GLN D 555 38.87 -10.36 35.49
N GLN D 556 38.08 -11.28 36.05
CA GLN D 556 38.05 -12.69 35.62
C GLN D 556 36.98 -12.93 34.54
N GLY D 557 36.39 -11.83 34.02
CA GLY D 557 35.57 -11.86 32.81
C GLY D 557 34.13 -12.30 33.06
N VAL D 558 33.66 -12.19 34.30
CA VAL D 558 32.27 -12.48 34.65
C VAL D 558 31.40 -11.37 34.05
N LYS D 559 30.32 -11.75 33.36
CA LYS D 559 29.53 -10.83 32.54
C LYS D 559 28.45 -10.12 33.38
N SER D 560 27.86 -10.84 34.35
CA SER D 560 26.72 -10.33 35.13
C SER D 560 26.76 -10.84 36.57
N LEU D 561 26.19 -10.03 37.46
CA LEU D 561 25.84 -10.42 38.83
C LEU D 561 24.34 -10.18 39.06
N TYR D 562 23.67 -11.18 39.62
CA TYR D 562 22.23 -11.21 39.80
C TYR D 562 21.90 -10.53 41.15
N TYR D 563 21.07 -11.15 42.00
CA TYR D 563 20.76 -10.60 43.33
C TYR D 563 22.04 -10.55 44.16
#